data_8BG0
# 
_entry.id   8BG0 
# 
_audit_conform.dict_name       mmcif_pdbx.dic 
_audit_conform.dict_version    5.402 
_audit_conform.dict_location   http://mmcif.pdb.org/dictionaries/ascii/mmcif_pdbx.dic 
# 
loop_
_database_2.database_id 
_database_2.database_code 
_database_2.pdbx_database_accession 
_database_2.pdbx_DOI 
PDB   8BG0         pdb_00008bg0 10.2210/pdb8bg0/pdb 
WWPDB D_1292126277 ?            ?                   
EMDB  EMD-16023    ?            ?                   
# 
loop_
_pdbx_audit_revision_history.ordinal 
_pdbx_audit_revision_history.data_content_type 
_pdbx_audit_revision_history.major_revision 
_pdbx_audit_revision_history.minor_revision 
_pdbx_audit_revision_history.revision_date 
_pdbx_audit_revision_history.part_number 
1  'Structure model' 1 0 2023-01-18 ? 
2  'EM metadata'     1 0 2023-01-18 ? 
3  FSC               1 0 2023-01-18 ? 
4  'Half map'        1 0 2023-01-18 1 
5  'Half map'        1 0 2023-01-18 2 
6  Image             1 0 2023-01-18 ? 
7  'Primary map'     1 0 2023-01-18 ? 
8  'Structure model' 1 1 2023-01-25 ? 
9  FSC               1 0 2023-01-18 ? 
10 'Half map'        1 0 2023-01-18 1 
11 'Half map'        1 0 2023-01-18 2 
12 Image             1 0 2023-01-18 ? 
13 'Primary map'     1 0 2023-01-18 ? 
14 'Structure model' 1 2 2023-02-22 ? 
15 FSC               1 0 2023-01-18 ? 
16 'Half map'        1 0 2023-01-18 1 
17 'Half map'        1 0 2023-01-18 2 
18 Image             1 0 2023-01-18 ? 
19 'Primary map'     1 0 2023-01-18 ? 
20 'Structure model' 1 3 2024-07-24 ? 
21 FSC               1 0 2023-01-18 ? 
22 'Half map'        1 0 2023-01-18 1 
23 'Half map'        1 0 2023-01-18 2 
24 Image             1 0 2023-01-18 ? 
25 'Primary map'     1 0 2023-01-18 ? 
26 'Structure model' 2 0 2025-03-05 ? 
27 'EM metadata'     1 1 2025-03-05 ? 
# 
loop_
_pdbx_audit_revision_details.ordinal 
_pdbx_audit_revision_details.revision_ordinal 
_pdbx_audit_revision_details.data_content_type 
_pdbx_audit_revision_details.provider 
_pdbx_audit_revision_details.type 
_pdbx_audit_revision_details.description 
_pdbx_audit_revision_details.details 
1  1  'Structure model' repository 'Initial release' ? ? 
2  2  'EM metadata'     repository 'Initial release' ? ? 
3  3  FSC               repository 'Initial release' ? ? 
4  4  'Half map'        repository 'Initial release' ? ? 
5  5  'Half map'        repository 'Initial release' ? ? 
6  6  Image             repository 'Initial release' ? ? 
7  7  'Primary map'     repository 'Initial release' ? ? 
8  9  FSC               repository 'Initial release' ? ? 
9  10 'Half map'        repository 'Initial release' ? ? 
10 11 'Half map'        repository 'Initial release' ? ? 
11 12 Image             repository 'Initial release' ? ? 
12 13 'Primary map'     repository 'Initial release' ? ? 
13 15 FSC               repository 'Initial release' ? ? 
14 16 'Half map'        repository 'Initial release' ? ? 
15 17 'Half map'        repository 'Initial release' ? ? 
16 18 Image             repository 'Initial release' ? ? 
17 19 'Primary map'     repository 'Initial release' ? ? 
18 21 FSC               repository 'Initial release' ? ? 
19 22 'Half map'        repository 'Initial release' ? ? 
20 23 'Half map'        repository 'Initial release' ? ? 
21 24 Image             repository 'Initial release' ? ? 
22 25 'Primary map'     repository 'Initial release' ? ? 
# 
loop_
_pdbx_audit_revision_group.ordinal 
_pdbx_audit_revision_group.revision_ordinal 
_pdbx_audit_revision_group.data_content_type 
_pdbx_audit_revision_group.group 
1  8  'Structure model' 'Database references'    
2  14 'Structure model' 'Database references'    
3  20 'Structure model' 'Data collection'        
4  20 'Structure model' 'Refinement description' 
5  26 'Structure model' Advisory                 
6  26 'Structure model' 'Atomic model'           
7  26 'Structure model' 'Data collection'        
8  26 'Structure model' 'Database references'    
9  26 'Structure model' 'Polymer sequence'       
10 26 'Structure model' 'Structure summary'      
11 27 'EM metadata'     'Database references'    
12 27 'EM metadata'     'Experimental summary'   
13 27 'EM metadata'     Other                    
14 27 'EM metadata'     'Structure summary'      
# 
loop_
_pdbx_audit_revision_category.ordinal 
_pdbx_audit_revision_category.revision_ordinal 
_pdbx_audit_revision_category.data_content_type 
_pdbx_audit_revision_category.category 
1  8  'Structure model' citation                     
2  8  'Structure model' citation_author              
3  14 'Structure model' citation                     
4  14 'Structure model' citation_author              
5  20 'Structure model' chem_comp_atom               
6  20 'Structure model' chem_comp_bond               
7  20 'Structure model' em_admin                     
8  20 'Structure model' refine                       
9  26 'Structure model' atom_site                    
10 26 'Structure model' em_admin                     
11 26 'Structure model' entity                       
12 26 'Structure model' entity_poly                  
13 26 'Structure model' entity_poly_seq              
14 26 'Structure model' pdbx_entry_details           
15 26 'Structure model' pdbx_poly_seq_scheme         
16 26 'Structure model' pdbx_unobs_or_zero_occ_atoms 
17 26 'Structure model' pdbx_validate_torsion        
18 26 'Structure model' struct_ref_seq_dif           
19 27 'EM metadata'     em_admin                     
20 27 'EM metadata'     entity                       
21 27 'EM metadata'     entity_poly                  
22 27 'EM metadata'     struct_ref_seq_dif           
# 
loop_
_pdbx_audit_revision_item.ordinal 
_pdbx_audit_revision_item.revision_ordinal 
_pdbx_audit_revision_item.data_content_type 
_pdbx_audit_revision_item.item 
1  8  'Structure model' '_citation.country'                         
2  8  'Structure model' '_citation.journal_abbrev'                  
3  8  'Structure model' '_citation.journal_id_CSD'                  
4  8  'Structure model' '_citation.journal_id_ISSN'                 
5  8  'Structure model' '_citation.pdbx_database_id_DOI'            
6  8  'Structure model' '_citation.pdbx_database_id_PubMed'         
7  8  'Structure model' '_citation.title'                           
8  8  'Structure model' '_citation.year'                            
9  14 'Structure model' '_citation.journal_volume'                  
10 14 'Structure model' '_citation.page_first'                      
11 14 'Structure model' '_citation.page_last'                       
12 14 'Structure model' '_citation_author.identifier_ORCID'         
13 20 'Structure model' '_em_admin.last_update'                     
14 20 'Structure model' '_refine.ls_d_res_high'                     
15 20 'Structure model' '_refine.ls_d_res_low'                      
16 26 'Structure model' '_atom_site.auth_comp_id'                   
17 26 'Structure model' '_atom_site.label_comp_id'                  
18 26 'Structure model' '_em_admin.last_update'                     
19 26 'Structure model' '_entity.formula_weight'                    
20 26 'Structure model' '_entity_poly.pdbx_seq_one_letter_code'     
21 26 'Structure model' '_entity_poly.pdbx_seq_one_letter_code_can' 
22 26 'Structure model' '_entity_poly_seq.mon_id'                   
23 26 'Structure model' '_pdbx_poly_seq_scheme.mon_id'              
24 26 'Structure model' '_pdbx_poly_seq_scheme.pdb_mon_id'          
25 27 'EM metadata'     '_em_admin.last_update'                     
26 27 'EM metadata'     '_entity.formula_weight'                    
27 27 'EM metadata'     '_entity_poly.pdbx_seq_one_letter_code'     
28 27 'EM metadata'     '_entity_poly.pdbx_seq_one_letter_code_can' 
# 
_pdbx_database_status.status_code                     REL 
_pdbx_database_status.status_code_sf                  ? 
_pdbx_database_status.status_code_mr                  ? 
_pdbx_database_status.entry_id                        8BG0 
_pdbx_database_status.recvd_initial_deposition_date   2022-10-27 
_pdbx_database_status.SG_entry                        N 
_pdbx_database_status.deposit_site                    PDBE 
_pdbx_database_status.process_site                    PDBE 
_pdbx_database_status.status_code_cs                  ? 
_pdbx_database_status.status_code_nmr_data            ? 
_pdbx_database_status.methods_development_category    ? 
_pdbx_database_status.pdb_format_compatible           Y 
# 
_pdbx_database_related.db_name        EMDB 
_pdbx_database_related.details        
;Amyloid-beta tetrameric filaments with the Arctic mutation (E22G) from Alzheimer's disease brains | ABeta40
;
_pdbx_database_related.db_id          EMD-16023 
_pdbx_database_related.content_type   'associated EM volume' 
# 
loop_
_pdbx_contact_author.id 
_pdbx_contact_author.email 
_pdbx_contact_author.name_first 
_pdbx_contact_author.name_last 
_pdbx_contact_author.name_mi 
_pdbx_contact_author.role 
_pdbx_contact_author.identifier_ORCID 
2 mg@mrc-lmb.cam.ac.uk      Michel Goedert ?    'principal investigator/group leader' 0000-0002-5214-7886 
3 scheres@mrc-lmb.cam.ac.uk Sjors  Scheres H.W. 'principal investigator/group leader' 0000-0002-0462-6540 
# 
loop_
_audit_author.name 
_audit_author.pdbx_ordinal 
_audit_author.identifier_ORCID 
'Yang, Y.'          1  ? 
'Zhang, W.J.'       2  ? 
'Murzin, A.G.'      3  ? 
'Schweighauser, M.' 4  ? 
'Huang, M.'         5  ? 
'Lovestam, S.K.A.'  6  ? 
'Peak-Chew, S.Y.'   7  ? 
'Macdonald, J.'     8  ? 
'Lavenir, I.'       9  ? 
'Ghetti, B.'        10 ? 
'Graff, C.'         11 ? 
'Kumar, A.'         12 ? 
'Nordber, A.'       13 ? 
'Goedert, M.'       14 ? 
'Scheres, S.H.W.'   15 ? 
# 
_citation.abstract                  ? 
_citation.abstract_id_CAS           ? 
_citation.book_id_ISBN              ? 
_citation.book_publisher            ? 
_citation.book_publisher_city       ? 
_citation.book_title                ? 
_citation.coordinate_linkage        ? 
_citation.country                   DE 
_citation.database_id_Medline       ? 
_citation.details                   ? 
_citation.id                        primary 
_citation.journal_abbrev            'Acta Neuropathol' 
_citation.journal_id_ASTM           ? 
_citation.journal_id_CSD            ? 
_citation.journal_id_ISSN           1432-0533 
_citation.journal_full              ? 
_citation.journal_issue             ? 
_citation.journal_volume            145 
_citation.language                  ? 
_citation.page_first                325 
_citation.page_last                 333 
_citation.title                     
'Cryo-EM structures of amyloid-beta filaments with the Arctic mutation (E22G) from human and mouse brains.' 
_citation.year                      2023 
_citation.database_id_CSD           ? 
_citation.pdbx_database_id_DOI      10.1007/s00401-022-02533-1 
_citation.pdbx_database_id_PubMed   36611124 
_citation.pdbx_database_id_patent   ? 
_citation.unpublished_flag          ? 
# 
loop_
_citation_author.citation_id 
_citation_author.name 
_citation_author.ordinal 
_citation_author.identifier_ORCID 
primary 'Yang, Y.'          1  ? 
primary 'Zhang, W.'         2  ? 
primary 'Murzin, A.G.'      3  ? 
primary 'Schweighauser, M.' 4  ? 
primary 'Huang, M.'         5  ? 
primary 'Lovestam, S.'      6  ? 
primary 'Peak-Chew, S.Y.'   7  ? 
primary 'Saito, T.'         8  ? 
primary 'Saido, T.C.'       9  ? 
primary 'Macdonald, J.'     10 ? 
primary 'Lavenir, I.'       11 ? 
primary 'Ghetti, B.'        12 ? 
primary 'Graff, C.'         13 ? 
primary 'Kumar, A.'         14 ? 
primary 'Nordberg, A.'      15 ? 
primary 'Goedert, M.'       16 ? 
primary 'Scheres, S.H.W.'   17 ? 
# 
loop_
_entity.id 
_entity.type 
_entity.src_method 
_entity.pdbx_description 
_entity.formula_weight 
_entity.pdbx_number_of_molecules 
_entity.pdbx_ec 
_entity.pdbx_mutation 
_entity.pdbx_fragment 
_entity.details 
1 polymer nat 'Amyloid-beta precursor protein' 4263.790 4  ? ? ? ? 
2 water   nat water                            18.015   12 ? ? ? ? 
# 
_entity_name_com.entity_id   1 
_entity_name_com.name        
;APP,ABPP,APPI,Alzheimer disease amyloid protein,Amyloid precursor protein,Amyloid-beta A4 protein,Cerebral vascular amyloid peptide,CVAP,PreA4,Protease nexin-II,PN-II
;
# 
_entity_poly.entity_id                      1 
_entity_poly.type                           'polypeptide(L)' 
_entity_poly.nstd_linkage                   no 
_entity_poly.nstd_monomer                   no 
_entity_poly.pdbx_seq_one_letter_code       DAEFRHDSGYEVHHQKLVFFAGDVGSNKGAIIGLMVGGVV 
_entity_poly.pdbx_seq_one_letter_code_can   DAEFRHDSGYEVHHQKLVFFAGDVGSNKGAIIGLMVGGVV 
_entity_poly.pdbx_strand_id                 D,A,B,C 
_entity_poly.pdbx_target_identifier         ? 
# 
_pdbx_entity_nonpoly.entity_id   2 
_pdbx_entity_nonpoly.name        water 
_pdbx_entity_nonpoly.comp_id     HOH 
# 
loop_
_entity_poly_seq.entity_id 
_entity_poly_seq.num 
_entity_poly_seq.mon_id 
_entity_poly_seq.hetero 
1 1  ASP n 
1 2  ALA n 
1 3  GLU n 
1 4  PHE n 
1 5  ARG n 
1 6  HIS n 
1 7  ASP n 
1 8  SER n 
1 9  GLY n 
1 10 TYR n 
1 11 GLU n 
1 12 VAL n 
1 13 HIS n 
1 14 HIS n 
1 15 GLN n 
1 16 LYS n 
1 17 LEU n 
1 18 VAL n 
1 19 PHE n 
1 20 PHE n 
1 21 ALA n 
1 22 GLY n 
1 23 ASP n 
1 24 VAL n 
1 25 GLY n 
1 26 SER n 
1 27 ASN n 
1 28 LYS n 
1 29 GLY n 
1 30 ALA n 
1 31 ILE n 
1 32 ILE n 
1 33 GLY n 
1 34 LEU n 
1 35 MET n 
1 36 VAL n 
1 37 GLY n 
1 38 GLY n 
1 39 VAL n 
1 40 VAL n 
# 
_entity_src_nat.entity_id                  1 
_entity_src_nat.pdbx_src_id                1 
_entity_src_nat.pdbx_alt_source_flag       sample 
_entity_src_nat.pdbx_beg_seq_num           1 
_entity_src_nat.pdbx_end_seq_num           40 
_entity_src_nat.common_name                human 
_entity_src_nat.pdbx_organism_scientific   'Homo sapiens' 
_entity_src_nat.pdbx_ncbi_taxonomy_id      9606 
_entity_src_nat.genus                      ? 
_entity_src_nat.species                    ? 
_entity_src_nat.strain                     ? 
_entity_src_nat.tissue                     ? 
_entity_src_nat.tissue_fraction            ? 
_entity_src_nat.pdbx_secretion             ? 
_entity_src_nat.pdbx_fragment              ? 
_entity_src_nat.pdbx_variant               ? 
_entity_src_nat.pdbx_cell_line             ? 
_entity_src_nat.pdbx_atcc                  ? 
_entity_src_nat.pdbx_cellular_location     ? 
_entity_src_nat.pdbx_organ                 ? 
_entity_src_nat.pdbx_organelle             ? 
_entity_src_nat.pdbx_cell                  ? 
_entity_src_nat.pdbx_plasmid_name          ? 
_entity_src_nat.pdbx_plasmid_details       ? 
_entity_src_nat.details                    ? 
# 
loop_
_chem_comp.id 
_chem_comp.type 
_chem_comp.mon_nstd_flag 
_chem_comp.name 
_chem_comp.pdbx_synonyms 
_chem_comp.formula 
_chem_comp.formula_weight 
ALA 'L-peptide linking' y ALANINE         ? 'C3 H7 N O2'     89.093  
ARG 'L-peptide linking' y ARGININE        ? 'C6 H15 N4 O2 1' 175.209 
ASN 'L-peptide linking' y ASPARAGINE      ? 'C4 H8 N2 O3'    132.118 
ASP 'L-peptide linking' y 'ASPARTIC ACID' ? 'C4 H7 N O4'     133.103 
GLN 'L-peptide linking' y GLUTAMINE       ? 'C5 H10 N2 O3'   146.144 
GLU 'L-peptide linking' y 'GLUTAMIC ACID' ? 'C5 H9 N O4'     147.129 
GLY 'peptide linking'   y GLYCINE         ? 'C2 H5 N O2'     75.067  
HIS 'L-peptide linking' y HISTIDINE       ? 'C6 H10 N3 O2 1' 156.162 
HOH non-polymer         . WATER           ? 'H2 O'           18.015  
ILE 'L-peptide linking' y ISOLEUCINE      ? 'C6 H13 N O2'    131.173 
LEU 'L-peptide linking' y LEUCINE         ? 'C6 H13 N O2'    131.173 
LYS 'L-peptide linking' y LYSINE          ? 'C6 H15 N2 O2 1' 147.195 
MET 'L-peptide linking' y METHIONINE      ? 'C5 H11 N O2 S'  149.211 
PHE 'L-peptide linking' y PHENYLALANINE   ? 'C9 H11 N O2'    165.189 
SER 'L-peptide linking' y SERINE          ? 'C3 H7 N O3'     105.093 
TYR 'L-peptide linking' y TYROSINE        ? 'C9 H11 N O3'    181.189 
VAL 'L-peptide linking' y VALINE          ? 'C5 H11 N O2'    117.146 
# 
loop_
_pdbx_poly_seq_scheme.asym_id 
_pdbx_poly_seq_scheme.entity_id 
_pdbx_poly_seq_scheme.seq_id 
_pdbx_poly_seq_scheme.mon_id 
_pdbx_poly_seq_scheme.ndb_seq_num 
_pdbx_poly_seq_scheme.pdb_seq_num 
_pdbx_poly_seq_scheme.auth_seq_num 
_pdbx_poly_seq_scheme.pdb_mon_id 
_pdbx_poly_seq_scheme.auth_mon_id 
_pdbx_poly_seq_scheme.pdb_strand_id 
_pdbx_poly_seq_scheme.pdb_ins_code 
_pdbx_poly_seq_scheme.hetero 
A 1 1  ASP 1  1  ?  ?   ?   D . n 
A 1 2  ALA 2  2  ?  ?   ?   D . n 
A 1 3  GLU 3  3  ?  ?   ?   D . n 
A 1 4  PHE 4  4  ?  ?   ?   D . n 
A 1 5  ARG 5  5  ?  ?   ?   D . n 
A 1 6  HIS 6  6  ?  ?   ?   D . n 
A 1 7  ASP 7  7  ?  ?   ?   D . n 
A 1 8  SER 8  8  ?  ?   ?   D . n 
A 1 9  GLY 9  9  ?  ?   ?   D . n 
A 1 10 TYR 10 10 ?  ?   ?   D . n 
A 1 11 GLU 11 11 11 GLU GLU D . n 
A 1 12 VAL 12 12 12 VAL VAL D . n 
A 1 13 HIS 13 13 13 HIS HIS D . n 
A 1 14 HIS 14 14 14 HIS HIS D . n 
A 1 15 GLN 15 15 15 GLN GLN D . n 
A 1 16 LYS 16 16 16 LYS LYS D . n 
A 1 17 LEU 17 17 17 LEU LEU D . n 
A 1 18 VAL 18 18 18 VAL VAL D . n 
A 1 19 PHE 19 19 19 PHE PHE D . n 
A 1 20 PHE 20 20 20 PHE PHE D . n 
A 1 21 ALA 21 21 21 ALA ALA D . n 
A 1 22 GLY 22 22 22 GLY GLY D . n 
A 1 23 ASP 23 23 23 ASP ASP D . n 
A 1 24 VAL 24 24 24 VAL VAL D . n 
A 1 25 GLY 25 25 25 GLY GLY D . n 
A 1 26 SER 26 26 26 SER SER D . n 
A 1 27 ASN 27 27 27 ASN ASN D . n 
A 1 28 LYS 28 28 28 LYS LYS D . n 
A 1 29 GLY 29 29 29 GLY GLY D . n 
A 1 30 ALA 30 30 30 ALA ALA D . n 
A 1 31 ILE 31 31 31 ILE ILE D . n 
A 1 32 ILE 32 32 32 ILE ILE D . n 
A 1 33 GLY 33 33 33 GLY GLY D . n 
A 1 34 LEU 34 34 34 LEU LEU D . n 
A 1 35 MET 35 35 35 MET MET D . n 
A 1 36 VAL 36 36 36 VAL VAL D . n 
A 1 37 GLY 37 37 37 GLY GLY D . n 
A 1 38 GLY 38 38 ?  ?   ?   D . n 
A 1 39 VAL 39 39 ?  ?   ?   D . n 
A 1 40 VAL 40 40 ?  ?   ?   D . n 
B 1 1  ASP 1  1  ?  ?   ?   A . n 
B 1 2  ALA 2  2  ?  ?   ?   A . n 
B 1 3  GLU 3  3  ?  ?   ?   A . n 
B 1 4  PHE 4  4  ?  ?   ?   A . n 
B 1 5  ARG 5  5  ?  ?   ?   A . n 
B 1 6  HIS 6  6  ?  ?   ?   A . n 
B 1 7  ASP 7  7  ?  ?   ?   A . n 
B 1 8  SER 8  8  ?  ?   ?   A . n 
B 1 9  GLY 9  9  ?  ?   ?   A . n 
B 1 10 TYR 10 10 ?  ?   ?   A . n 
B 1 11 GLU 11 11 ?  ?   ?   A . n 
B 1 12 VAL 12 12 12 VAL VAL A . n 
B 1 13 HIS 13 13 13 HIS HIS A . n 
B 1 14 HIS 14 14 14 HIS HIS A . n 
B 1 15 GLN 15 15 15 GLN GLN A . n 
B 1 16 LYS 16 16 16 LYS LYS A . n 
B 1 17 LEU 17 17 17 LEU LEU A . n 
B 1 18 VAL 18 18 18 VAL VAL A . n 
B 1 19 PHE 19 19 19 PHE PHE A . n 
B 1 20 PHE 20 20 20 PHE PHE A . n 
B 1 21 ALA 21 21 21 ALA ALA A . n 
B 1 22 GLY 22 22 22 GLY GLY A . n 
B 1 23 ASP 23 23 23 ASP ASP A . n 
B 1 24 VAL 24 24 24 VAL VAL A . n 
B 1 25 GLY 25 25 25 GLY GLY A . n 
B 1 26 SER 26 26 26 SER SER A . n 
B 1 27 ASN 27 27 27 ASN ASN A . n 
B 1 28 LYS 28 28 28 LYS LYS A . n 
B 1 29 GLY 29 29 29 GLY GLY A . n 
B 1 30 ALA 30 30 30 ALA ALA A . n 
B 1 31 ILE 31 31 31 ILE ILE A . n 
B 1 32 ILE 32 32 32 ILE ILE A . n 
B 1 33 GLY 33 33 33 GLY GLY A . n 
B 1 34 LEU 34 34 34 LEU LEU A . n 
B 1 35 MET 35 35 35 MET MET A . n 
B 1 36 VAL 36 36 36 VAL VAL A . n 
B 1 37 GLY 37 37 37 GLY GLY A . n 
B 1 38 GLY 38 38 38 GLY GLY A . n 
B 1 39 VAL 39 39 39 VAL VAL A . n 
B 1 40 VAL 40 40 40 VAL VAL A . n 
C 1 1  ASP 1  1  ?  ?   ?   B . n 
C 1 2  ALA 2  2  ?  ?   ?   B . n 
C 1 3  GLU 3  3  ?  ?   ?   B . n 
C 1 4  PHE 4  4  ?  ?   ?   B . n 
C 1 5  ARG 5  5  ?  ?   ?   B . n 
C 1 6  HIS 6  6  ?  ?   ?   B . n 
C 1 7  ASP 7  7  ?  ?   ?   B . n 
C 1 8  SER 8  8  ?  ?   ?   B . n 
C 1 9  GLY 9  9  ?  ?   ?   B . n 
C 1 10 TYR 10 10 ?  ?   ?   B . n 
C 1 11 GLU 11 11 11 GLU GLU B . n 
C 1 12 VAL 12 12 12 VAL VAL B . n 
C 1 13 HIS 13 13 13 HIS HIS B . n 
C 1 14 HIS 14 14 14 HIS HIS B . n 
C 1 15 GLN 15 15 15 GLN GLN B . n 
C 1 16 LYS 16 16 16 LYS LYS B . n 
C 1 17 LEU 17 17 17 LEU LEU B . n 
C 1 18 VAL 18 18 18 VAL VAL B . n 
C 1 19 PHE 19 19 19 PHE PHE B . n 
C 1 20 PHE 20 20 20 PHE PHE B . n 
C 1 21 ALA 21 21 21 ALA ALA B . n 
C 1 22 GLY 22 22 22 GLY GLY B . n 
C 1 23 ASP 23 23 23 ASP ASP B . n 
C 1 24 VAL 24 24 24 VAL VAL B . n 
C 1 25 GLY 25 25 25 GLY GLY B . n 
C 1 26 SER 26 26 26 SER SER B . n 
C 1 27 ASN 27 27 27 ASN ASN B . n 
C 1 28 LYS 28 28 28 LYS LYS B . n 
C 1 29 GLY 29 29 29 GLY GLY B . n 
C 1 30 ALA 30 30 30 ALA ALA B . n 
C 1 31 ILE 31 31 31 ILE ILE B . n 
C 1 32 ILE 32 32 32 ILE ILE B . n 
C 1 33 GLY 33 33 33 GLY GLY B . n 
C 1 34 LEU 34 34 34 LEU LEU B . n 
C 1 35 MET 35 35 35 MET MET B . n 
C 1 36 VAL 36 36 36 VAL VAL B . n 
C 1 37 GLY 37 37 37 GLY GLY B . n 
C 1 38 GLY 38 38 ?  ?   ?   B . n 
C 1 39 VAL 39 39 ?  ?   ?   B . n 
C 1 40 VAL 40 40 ?  ?   ?   B . n 
D 1 1  ASP 1  1  ?  ?   ?   C . n 
D 1 2  ALA 2  2  ?  ?   ?   C . n 
D 1 3  GLU 3  3  ?  ?   ?   C . n 
D 1 4  PHE 4  4  ?  ?   ?   C . n 
D 1 5  ARG 5  5  ?  ?   ?   C . n 
D 1 6  HIS 6  6  ?  ?   ?   C . n 
D 1 7  ASP 7  7  ?  ?   ?   C . n 
D 1 8  SER 8  8  ?  ?   ?   C . n 
D 1 9  GLY 9  9  ?  ?   ?   C . n 
D 1 10 TYR 10 10 ?  ?   ?   C . n 
D 1 11 GLU 11 11 ?  ?   ?   C . n 
D 1 12 VAL 12 12 12 VAL VAL C . n 
D 1 13 HIS 13 13 13 HIS HIS C . n 
D 1 14 HIS 14 14 14 HIS HIS C . n 
D 1 15 GLN 15 15 15 GLN GLN C . n 
D 1 16 LYS 16 16 16 LYS LYS C . n 
D 1 17 LEU 17 17 17 LEU LEU C . n 
D 1 18 VAL 18 18 18 VAL VAL C . n 
D 1 19 PHE 19 19 19 PHE PHE C . n 
D 1 20 PHE 20 20 20 PHE PHE C . n 
D 1 21 ALA 21 21 21 ALA ALA C . n 
D 1 22 GLY 22 22 22 GLY GLY C . n 
D 1 23 ASP 23 23 23 ASP ASP C . n 
D 1 24 VAL 24 24 24 VAL VAL C . n 
D 1 25 GLY 25 25 25 GLY GLY C . n 
D 1 26 SER 26 26 26 SER SER C . n 
D 1 27 ASN 27 27 27 ASN ASN C . n 
D 1 28 LYS 28 28 28 LYS LYS C . n 
D 1 29 GLY 29 29 29 GLY GLY C . n 
D 1 30 ALA 30 30 30 ALA ALA C . n 
D 1 31 ILE 31 31 31 ILE ILE C . n 
D 1 32 ILE 32 32 32 ILE ILE C . n 
D 1 33 GLY 33 33 33 GLY GLY C . n 
D 1 34 LEU 34 34 34 LEU LEU C . n 
D 1 35 MET 35 35 35 MET MET C . n 
D 1 36 VAL 36 36 36 VAL VAL C . n 
D 1 37 GLY 37 37 37 GLY GLY C . n 
D 1 38 GLY 38 38 38 GLY GLY C . n 
D 1 39 VAL 39 39 39 VAL VAL C . n 
D 1 40 VAL 40 40 40 VAL VAL C . n 
# 
loop_
_pdbx_nonpoly_scheme.asym_id 
_pdbx_nonpoly_scheme.entity_id 
_pdbx_nonpoly_scheme.mon_id 
_pdbx_nonpoly_scheme.ndb_seq_num 
_pdbx_nonpoly_scheme.pdb_seq_num 
_pdbx_nonpoly_scheme.auth_seq_num 
_pdbx_nonpoly_scheme.pdb_mon_id 
_pdbx_nonpoly_scheme.auth_mon_id 
_pdbx_nonpoly_scheme.pdb_strand_id 
_pdbx_nonpoly_scheme.pdb_ins_code 
E 2 HOH 1 101 4  HOH HOH D . 
E 2 HOH 2 102 3  HOH HOH D . 
E 2 HOH 3 103 6  HOH HOH D . 
E 2 HOH 4 104 7  HOH HOH D . 
E 2 HOH 5 105 9  HOH HOH D . 
E 2 HOH 6 106 8  HOH HOH D . 
F 2 HOH 1 101 12 HOH HOH B . 
F 2 HOH 2 102 1  HOH HOH B . 
F 2 HOH 3 103 2  HOH HOH B . 
F 2 HOH 4 104 10 HOH HOH B . 
F 2 HOH 5 105 11 HOH HOH B . 
G 2 HOH 1 101 5  HOH HOH C . 
# 
_software.citation_id            ? 
_software.classification         refinement 
_software.compiler_name          ? 
_software.compiler_version       ? 
_software.contact_author         ? 
_software.contact_author_email   ? 
_software.date                   ? 
_software.description            ? 
_software.dependencies           ? 
_software.hardware               ? 
_software.language               ? 
_software.location               ? 
_software.mods                   ? 
_software.name                   REFMAC 
_software.os                     ? 
_software.os_version             ? 
_software.type                   ? 
_software.version                5.8.0352 
_software.pdbx_ordinal           1 
# 
_cell.angle_alpha                  90.00 
_cell.angle_alpha_esd              ? 
_cell.angle_beta                   90.00 
_cell.angle_beta_esd               ? 
_cell.angle_gamma                  90.00 
_cell.angle_gamma_esd              ? 
_cell.entry_id                     8BG0 
_cell.details                      ? 
_cell.formula_units_Z              ? 
_cell.length_a                     1.00 
_cell.length_a_esd                 ? 
_cell.length_b                     1.00 
_cell.length_b_esd                 ? 
_cell.length_c                     1.00 
_cell.length_c_esd                 ? 
_cell.volume                       ? 
_cell.volume_esd                   ? 
_cell.Z_PDB                        ? 
_cell.reciprocal_angle_alpha       ? 
_cell.reciprocal_angle_beta        ? 
_cell.reciprocal_angle_gamma       ? 
_cell.reciprocal_angle_alpha_esd   ? 
_cell.reciprocal_angle_beta_esd    ? 
_cell.reciprocal_angle_gamma_esd   ? 
_cell.reciprocal_length_a          ? 
_cell.reciprocal_length_b          ? 
_cell.reciprocal_length_c          ? 
_cell.reciprocal_length_a_esd      ? 
_cell.reciprocal_length_b_esd      ? 
_cell.reciprocal_length_c_esd      ? 
_cell.pdbx_unique_axis             ? 
_cell.pdbx_esd_method              ? 
# 
_symmetry.entry_id                         8BG0 
_symmetry.cell_setting                     ? 
_symmetry.Int_Tables_number                1 
_symmetry.space_group_name_Hall            ? 
_symmetry.space_group_name_H-M             'P 1' 
_symmetry.pdbx_full_space_group_name_H-M   ? 
# 
_exptl.absorpt_coefficient_mu     ? 
_exptl.absorpt_correction_T_max   ? 
_exptl.absorpt_correction_T_min   ? 
_exptl.absorpt_correction_type    ? 
_exptl.absorpt_process_details    ? 
_exptl.entry_id                   8BG0 
_exptl.crystals_number            ? 
_exptl.details                    ? 
_exptl.method                     'ELECTRON MICROSCOPY' 
_exptl.method_details             ? 
# 
_refine.aniso_B[1][1]                            ? 
_refine.aniso_B[1][2]                            ? 
_refine.aniso_B[1][3]                            ? 
_refine.aniso_B[2][2]                            ? 
_refine.aniso_B[2][3]                            ? 
_refine.aniso_B[3][3]                            ? 
_refine.B_iso_max                                ? 
_refine.B_iso_mean                               52.765 
_refine.B_iso_min                                ? 
_refine.correlation_coeff_Fo_to_Fc               0.831 
_refine.correlation_coeff_Fo_to_Fc_free          ? 
_refine.details                                  'HYDROGENS HAVE BEEN ADDED IN THE RIDING POSITIONS' 
_refine.diff_density_max                         ? 
_refine.diff_density_max_esd                     ? 
_refine.diff_density_min                         ? 
_refine.diff_density_min_esd                     ? 
_refine.diff_density_rms                         ? 
_refine.diff_density_rms_esd                     ? 
_refine.entry_id                                 8BG0 
_refine.pdbx_refine_id                           'ELECTRON MICROSCOPY' 
_refine.ls_abs_structure_details                 ? 
_refine.ls_abs_structure_Flack                   ? 
_refine.ls_abs_structure_Flack_esd               ? 
_refine.ls_abs_structure_Rogers                  ? 
_refine.ls_abs_structure_Rogers_esd              ? 
_refine.ls_d_res_high                            1.99 
_refine.ls_d_res_low                             1.99 
_refine.ls_extinction_coef                       ? 
_refine.ls_extinction_coef_esd                   ? 
_refine.ls_extinction_expression                 ? 
_refine.ls_extinction_method                     ? 
_refine.ls_goodness_of_fit_all                   ? 
_refine.ls_goodness_of_fit_all_esd               ? 
_refine.ls_goodness_of_fit_obs                   ? 
_refine.ls_goodness_of_fit_obs_esd               ? 
_refine.ls_hydrogen_treatment                    ? 
_refine.ls_matrix_type                           ? 
_refine.ls_number_constraints                    ? 
_refine.ls_number_parameters                     ? 
_refine.ls_number_reflns_all                     ? 
_refine.ls_number_reflns_obs                     211933 
_refine.ls_number_reflns_R_free                  ? 
_refine.ls_number_reflns_R_work                  ? 
_refine.ls_number_restraints                     ? 
_refine.ls_percent_reflns_obs                    100.00 
_refine.ls_percent_reflns_R_free                 ? 
_refine.ls_R_factor_all                          ? 
_refine.ls_R_factor_obs                          0.32335 
_refine.ls_R_factor_R_free                       ? 
_refine.ls_R_factor_R_free_error                 ? 
_refine.ls_R_factor_R_free_error_details         ? 
_refine.ls_R_factor_R_work                       0.32335 
_refine.ls_R_Fsqd_factor_obs                     ? 
_refine.ls_R_I_factor_obs                        ? 
_refine.ls_redundancy_reflns_all                 ? 
_refine.ls_redundancy_reflns_obs                 ? 
_refine.ls_restrained_S_all                      ? 
_refine.ls_restrained_S_obs                      ? 
_refine.ls_shift_over_esd_max                    ? 
_refine.ls_shift_over_esd_mean                   ? 
_refine.ls_structure_factor_coef                 ? 
_refine.ls_weighting_details                     ? 
_refine.ls_weighting_scheme                      ? 
_refine.ls_wR_factor_all                         ? 
_refine.ls_wR_factor_obs                         ? 
_refine.ls_wR_factor_R_free                      ? 
_refine.ls_wR_factor_R_work                      ? 
_refine.occupancy_max                            ? 
_refine.occupancy_min                            ? 
_refine.solvent_model_details                    'PARAMETERS FOR MASK CACLULATION' 
_refine.solvent_model_param_bsol                 ? 
_refine.solvent_model_param_ksol                 ? 
_refine.pdbx_R_complete                          ? 
_refine.ls_R_factor_gt                           ? 
_refine.ls_goodness_of_fit_gt                    ? 
_refine.ls_goodness_of_fit_ref                   ? 
_refine.ls_shift_over_su_max                     ? 
_refine.ls_shift_over_su_max_lt                  ? 
_refine.ls_shift_over_su_mean                    ? 
_refine.ls_shift_over_su_mean_lt                 ? 
_refine.pdbx_ls_sigma_I                          ? 
_refine.pdbx_ls_sigma_F                          ? 
_refine.pdbx_ls_sigma_Fsqd                       ? 
_refine.pdbx_data_cutoff_high_absF               ? 
_refine.pdbx_data_cutoff_high_rms_absF           ? 
_refine.pdbx_data_cutoff_low_absF                ? 
_refine.pdbx_isotropic_thermal_model             ? 
_refine.pdbx_ls_cross_valid_method               ? 
_refine.pdbx_method_to_determine_struct          ? 
_refine.pdbx_starting_model                      ? 
_refine.pdbx_stereochemistry_target_values       'MAXIMUM LIKELIHOOD WITH PHASES' 
_refine.pdbx_R_Free_selection_details            ? 
_refine.pdbx_stereochem_target_val_spec_case     ? 
_refine.pdbx_overall_ESU_R                       0.039 
_refine.pdbx_overall_ESU_R_Free                  ? 
_refine.pdbx_solvent_vdw_probe_radii             ? 
_refine.pdbx_solvent_ion_probe_radii             ? 
_refine.pdbx_solvent_shrinkage_radii             ? 
_refine.pdbx_real_space_R                        ? 
_refine.pdbx_density_correlation                 ? 
_refine.pdbx_pd_number_of_powder_patterns        ? 
_refine.pdbx_pd_number_of_points                 ? 
_refine.pdbx_pd_meas_number_of_points            ? 
_refine.pdbx_pd_proc_ls_prof_R_factor            ? 
_refine.pdbx_pd_proc_ls_prof_wR_factor           ? 
_refine.pdbx_pd_Marquardt_correlation_coeff      ? 
_refine.pdbx_pd_Fsqrd_R_factor                   ? 
_refine.pdbx_pd_ls_matrix_band_width             ? 
_refine.pdbx_overall_phase_error                 ? 
_refine.pdbx_overall_SU_R_free_Cruickshank_DPI   ? 
_refine.pdbx_overall_SU_R_free_Blow_DPI          ? 
_refine.pdbx_overall_SU_R_Blow_DPI               ? 
_refine.pdbx_TLS_residual_ADP_flag               ? 
_refine.pdbx_diffrn_id                           ? 
_refine.overall_SU_B                             3.130 
_refine.overall_SU_ML                            0.077 
_refine.overall_SU_R_Cruickshank_DPI             ? 
_refine.overall_SU_R_free                        ? 
_refine.overall_FOM_free_R_set                   ? 
_refine.overall_FOM_work_R_set                   ? 
_refine.pdbx_average_fsc_overall                 ? 
_refine.pdbx_average_fsc_work                    ? 
_refine.pdbx_average_fsc_free                    ? 
# 
_refine_hist.pdbx_refine_id                   'ELECTRON MICROSCOPY' 
_refine_hist.cycle_id                         1 
_refine_hist.details                          ? 
_refine_hist.d_res_high                       . 
_refine_hist.d_res_low                        . 
_refine_hist.number_atoms_solvent             ? 
_refine_hist.number_atoms_total               824 
_refine_hist.number_reflns_all                ? 
_refine_hist.number_reflns_obs                ? 
_refine_hist.number_reflns_R_free             ? 
_refine_hist.number_reflns_R_work             ? 
_refine_hist.R_factor_all                     ? 
_refine_hist.R_factor_obs                     ? 
_refine_hist.R_factor_R_free                  ? 
_refine_hist.R_factor_R_work                  ? 
_refine_hist.pdbx_number_residues_total       ? 
_refine_hist.pdbx_B_iso_mean_ligand           ? 
_refine_hist.pdbx_B_iso_mean_solvent          ? 
_refine_hist.pdbx_number_atoms_protein        ? 
_refine_hist.pdbx_number_atoms_nucleic_acid   ? 
_refine_hist.pdbx_number_atoms_ligand         ? 
_refine_hist.pdbx_number_atoms_lipid          ? 
_refine_hist.pdbx_number_atoms_carb           ? 
_refine_hist.pdbx_pseudo_atom_details         ? 
# 
loop_
_refine_ls_restr.pdbx_refine_id 
_refine_ls_restr.criterion 
_refine_ls_restr.dev_ideal 
_refine_ls_restr.dev_ideal_target 
_refine_ls_restr.number 
_refine_ls_restr.rejects 
_refine_ls_restr.type 
_refine_ls_restr.weight 
_refine_ls_restr.pdbx_restraint_function 
'ELECTRON MICROSCOPY' ? 0.006  0.012  824  ? r_bond_refined_d             ? ? 
'ELECTRON MICROSCOPY' ? 0.000  0.016  814  ? r_bond_other_d               ? ? 
'ELECTRON MICROSCOPY' ? 1.242  1.608  1102 ? r_angle_refined_deg          ? ? 
'ELECTRON MICROSCOPY' ? 0.459  1.588  1872 ? r_angle_other_deg            ? ? 
'ELECTRON MICROSCOPY' ? 6.841  5.000  108  ? r_dihedral_angle_1_deg       ? ? 
'ELECTRON MICROSCOPY' ? ?      ?      ?    ? r_dihedral_angle_2_deg       ? ? 
'ELECTRON MICROSCOPY' ? 12.616 10.000 136  ? r_dihedral_angle_3_deg       ? ? 
'ELECTRON MICROSCOPY' ? ?      ?      ?    ? r_dihedral_angle_4_deg       ? ? 
'ELECTRON MICROSCOPY' ? 0.063  0.200  126  ? r_chiral_restr               ? ? 
'ELECTRON MICROSCOPY' ? 0.007  0.020  924  ? r_gen_planes_refined         ? ? 
'ELECTRON MICROSCOPY' ? 0.001  0.020  164  ? r_gen_planes_other           ? ? 
'ELECTRON MICROSCOPY' ? ?      ?      ?    ? r_nbd_refined                ? ? 
'ELECTRON MICROSCOPY' ? ?      ?      ?    ? r_nbd_other                  ? ? 
'ELECTRON MICROSCOPY' ? ?      ?      ?    ? r_nbtor_refined              ? ? 
'ELECTRON MICROSCOPY' ? ?      ?      ?    ? r_nbtor_other                ? ? 
'ELECTRON MICROSCOPY' ? ?      ?      ?    ? r_xyhbond_nbd_refined        ? ? 
'ELECTRON MICROSCOPY' ? ?      ?      ?    ? r_xyhbond_nbd_other          ? ? 
'ELECTRON MICROSCOPY' ? ?      ?      ?    ? r_metal_ion_refined          ? ? 
'ELECTRON MICROSCOPY' ? ?      ?      ?    ? r_metal_ion_other            ? ? 
'ELECTRON MICROSCOPY' ? ?      ?      ?    ? r_symmetry_vdw_refined       ? ? 
'ELECTRON MICROSCOPY' ? ?      ?      ?    ? r_symmetry_vdw_other         ? ? 
'ELECTRON MICROSCOPY' ? ?      ?      ?    ? r_symmetry_hbond_refined     ? ? 
'ELECTRON MICROSCOPY' ? ?      ?      ?    ? r_symmetry_hbond_other       ? ? 
'ELECTRON MICROSCOPY' ? ?      ?      ?    ? r_symmetry_metal_ion_refined ? ? 
'ELECTRON MICROSCOPY' ? ?      ?      ?    ? r_symmetry_metal_ion_other   ? ? 
'ELECTRON MICROSCOPY' ? 4.575  4.961  444  ? r_mcbond_it                  ? ? 
'ELECTRON MICROSCOPY' ? 4.563  4.957  444  ? r_mcbond_other               ? ? 
'ELECTRON MICROSCOPY' ? 6.703  7.399  548  ? r_mcangle_it                 ? ? 
'ELECTRON MICROSCOPY' ? 6.722  7.404  549  ? r_mcangle_other              ? ? 
'ELECTRON MICROSCOPY' ? 5.857  5.804  380  ? r_scbond_it                  ? ? 
'ELECTRON MICROSCOPY' ? 5.849  5.805  381  ? r_scbond_other               ? ? 
'ELECTRON MICROSCOPY' ? ?      ?      ?    ? r_scangle_it                 ? ? 
'ELECTRON MICROSCOPY' ? 9.034  8.421  555  ? r_scangle_other              ? ? 
'ELECTRON MICROSCOPY' ? 11.413 55.538 705  ? r_long_range_B_refined       ? ? 
'ELECTRON MICROSCOPY' ? 11.420 55.452 704  ? r_long_range_B_other         ? ? 
'ELECTRON MICROSCOPY' ? ?      ?      ?    ? r_rigid_bond_restr           ? ? 
'ELECTRON MICROSCOPY' ? ?      ?      ?    ? r_sphericity_free            ? ? 
'ELECTRON MICROSCOPY' ? ?      ?      ?    ? r_sphericity_bonded          ? ? 
# 
_refine_ls_shell.pdbx_refine_id                   'ELECTRON MICROSCOPY' 
_refine_ls_shell.d_res_high                       1.900 
_refine_ls_shell.d_res_low                        1.949 
_refine_ls_shell.number_reflns_all                ? 
_refine_ls_shell.number_reflns_obs                ? 
_refine_ls_shell.number_reflns_R_free             0 
_refine_ls_shell.number_reflns_R_work             15650 
_refine_ls_shell.percent_reflns_obs               100.00 
_refine_ls_shell.percent_reflns_R_free            ? 
_refine_ls_shell.R_factor_all                     ? 
_refine_ls_shell.R_factor_obs                     ? 
_refine_ls_shell.R_factor_R_free                  0.000 
_refine_ls_shell.R_factor_R_free_error            ? 
_refine_ls_shell.R_factor_R_work                  0.593 
_refine_ls_shell.redundancy_reflns_all            ? 
_refine_ls_shell.redundancy_reflns_obs            ? 
_refine_ls_shell.wR_factor_all                    ? 
_refine_ls_shell.wR_factor_obs                    ? 
_refine_ls_shell.wR_factor_R_free                 ? 
_refine_ls_shell.wR_factor_R_work                 ? 
_refine_ls_shell.pdbx_R_complete                  ? 
_refine_ls_shell.pdbx_total_number_of_bins_used   20 
_refine_ls_shell.pdbx_phase_error                 ? 
_refine_ls_shell.pdbx_fsc_work                    ? 
_refine_ls_shell.pdbx_fsc_free                    ? 
# 
loop_
_struct_ncs_oper.id 
_struct_ncs_oper.code 
_struct_ncs_oper.details 
_struct_ncs_oper.matrix[1][1] 
_struct_ncs_oper.matrix[1][2] 
_struct_ncs_oper.matrix[1][3] 
_struct_ncs_oper.matrix[2][1] 
_struct_ncs_oper.matrix[2][2] 
_struct_ncs_oper.matrix[2][3] 
_struct_ncs_oper.matrix[3][1] 
_struct_ncs_oper.matrix[3][2] 
_struct_ncs_oper.matrix[3][3] 
_struct_ncs_oper.vector[1] 
_struct_ncs_oper.vector[2] 
_struct_ncs_oper.vector[3] 
1 given    ? 1.000000   0.000000    0.000000    0.000000    1.000000   0.000000    0.000000    0.000000    1.000000   0.00000   0.00000  0.00000   
2 generate ? 0.98770959 -0.13254872 -0.08282680 0.12029470  0.98301346 -0.13861194 0.09979292  0.12694456  0.98687695 -12.27995 8.44551  -11.69304 
3 generate ? 0.99307621 -0.09856312 -0.06391668 0.09165984  0.99043065 -0.10318013 0.07347453  0.09660732  0.99260714 -9.20999  6.33404  -8.76981  
4 generate ? 0.99691928 -0.06508398 -0.04377220 0.06201238  0.99574215 -0.06820568 0.04802493  0.06528113  0.99671057 -6.14004  4.22269  -5.84649  
5 generate ? 0.99922953 -0.03220046 -0.02244803 0.03143228  0.99893514 -0.03378182 0.02351161  0.03305041  0.99917733 -3.07003  2.11129  -2.92327  
6 generate ? 0.99922953 0.03143228  0.02351161  -0.03220046 0.99893514 0.03305041  -0.02244803 -0.03378182 0.99917733 3.07002   -2.11138 2.92322   
7 generate ? 0.99691928 0.06201238  0.04802493  -0.06508398 0.99574215 0.06528113  -0.04377220 -0.06820568 0.99671057 6.14004   -4.22267 5.84651   
8 generate ? 0.99307621 0.09165984  0.07347453  -0.09856312 0.99043065 0.09660732  -0.06391668 -0.10318013 0.99260714 9.20998   -6.33404 8.76982  
# 
_struct.entry_id                     8BG0 
_struct.title                        
;Amyloid-beta tetrameric filaments with the Arctic mutation (E22G) from Alzheimer's disease brains | ABeta40
;
_struct.pdbx_model_details           ? 
_struct.pdbx_formula_weight          ? 
_struct.pdbx_formula_weight_method   ? 
_struct.pdbx_model_type_details      ? 
_struct.pdbx_CASP_flag               N 
# 
_struct_keywords.entry_id        8BG0 
_struct_keywords.text            'Amyloid, amyloid-beta, Arctic mutation, APP, filaments, E22G, E693G, PROTEIN FIBRIL' 
_struct_keywords.pdbx_keywords   'PROTEIN FIBRIL' 
# 
loop_
_struct_asym.id 
_struct_asym.pdbx_blank_PDB_chainid_flag 
_struct_asym.pdbx_modified 
_struct_asym.entity_id 
_struct_asym.details 
A N N 1 ? 
B N N 1 ? 
C N N 1 ? 
D N N 1 ? 
E N N 2 ? 
F N N 2 ? 
G N N 2 ? 
# 
_struct_ref.id                         1 
_struct_ref.db_name                    UNP 
_struct_ref.db_code                    A4_HUMAN 
_struct_ref.pdbx_db_accession          P05067 
_struct_ref.pdbx_db_isoform            P05067-6 
_struct_ref.entity_id                  1 
_struct_ref.pdbx_seq_one_letter_code   DAEFRHDSGYEVHHQKLVFFAEDVGSNKGAIIGLMVGGVV 
_struct_ref.pdbx_align_begin           616 
# 
loop_
_struct_ref_seq.align_id 
_struct_ref_seq.ref_id 
_struct_ref_seq.pdbx_PDB_id_code 
_struct_ref_seq.pdbx_strand_id 
_struct_ref_seq.seq_align_beg 
_struct_ref_seq.pdbx_seq_align_beg_ins_code 
_struct_ref_seq.seq_align_end 
_struct_ref_seq.pdbx_seq_align_end_ins_code 
_struct_ref_seq.pdbx_db_accession 
_struct_ref_seq.db_align_beg 
_struct_ref_seq.pdbx_db_align_beg_ins_code 
_struct_ref_seq.db_align_end 
_struct_ref_seq.pdbx_db_align_end_ins_code 
_struct_ref_seq.pdbx_auth_seq_align_beg 
_struct_ref_seq.pdbx_auth_seq_align_end 
1 1 8BG0 D 1 ? 40 ? P05067 616 ? 655 ? 1 40 
2 1 8BG0 A 1 ? 40 ? P05067 616 ? 655 ? 1 40 
3 1 8BG0 B 1 ? 40 ? P05067 616 ? 655 ? 1 40 
4 1 8BG0 C 1 ? 40 ? P05067 616 ? 655 ? 1 40 
# 
loop_
_struct_ref_seq_dif.align_id 
_struct_ref_seq_dif.pdbx_pdb_id_code 
_struct_ref_seq_dif.mon_id 
_struct_ref_seq_dif.pdbx_pdb_strand_id 
_struct_ref_seq_dif.seq_num 
_struct_ref_seq_dif.pdbx_pdb_ins_code 
_struct_ref_seq_dif.pdbx_seq_db_name 
_struct_ref_seq_dif.pdbx_seq_db_accession_code 
_struct_ref_seq_dif.db_mon_id 
_struct_ref_seq_dif.pdbx_seq_db_seq_num 
_struct_ref_seq_dif.details 
_struct_ref_seq_dif.pdbx_auth_seq_num 
_struct_ref_seq_dif.pdbx_ordinal 
1 8BG0 GLY D 22 ? UNP P05067 GLU 637 'engineered mutation' 22 1 
2 8BG0 GLY A 22 ? UNP P05067 GLU 637 'engineered mutation' 22 2 
3 8BG0 GLY B 22 ? UNP P05067 GLU 637 'engineered mutation' 22 3 
4 8BG0 GLY C 22 ? UNP P05067 GLU 637 'engineered mutation' 22 4 
# 
_pdbx_struct_assembly.id                   1 
_pdbx_struct_assembly.details              author_defined_assembly 
_pdbx_struct_assembly.method_details       ? 
_pdbx_struct_assembly.oligomeric_details   dodecameric 
_pdbx_struct_assembly.oligomeric_count     12 
# 
_pdbx_struct_assembly_gen.assembly_id       1 
_pdbx_struct_assembly_gen.oper_expression   1,2,3 
_pdbx_struct_assembly_gen.asym_id_list      A,B,C,D,E,F,G 
# 
_pdbx_struct_assembly_auth_evidence.id                     1 
_pdbx_struct_assembly_auth_evidence.assembly_id            1 
_pdbx_struct_assembly_auth_evidence.experimental_support   'electron microscopy' 
_pdbx_struct_assembly_auth_evidence.details                ? 
# 
loop_
_pdbx_struct_oper_list.id 
_pdbx_struct_oper_list.type 
_pdbx_struct_oper_list.name 
_pdbx_struct_oper_list.symmetry_operation 
_pdbx_struct_oper_list.matrix[1][1] 
_pdbx_struct_oper_list.matrix[1][2] 
_pdbx_struct_oper_list.matrix[1][3] 
_pdbx_struct_oper_list.vector[1] 
_pdbx_struct_oper_list.matrix[2][1] 
_pdbx_struct_oper_list.matrix[2][2] 
_pdbx_struct_oper_list.matrix[2][3] 
_pdbx_struct_oper_list.vector[2] 
_pdbx_struct_oper_list.matrix[3][1] 
_pdbx_struct_oper_list.matrix[3][2] 
_pdbx_struct_oper_list.matrix[3][3] 
_pdbx_struct_oper_list.vector[3] 
1 'identity operation'       1_555 ? 1.0000000000 0.0000000000 0.0000000000 0.0000000000 0.0000000000 1.0000000000 0.0000000000 0.0000000000 0.0000000000 0.0000000000 1.0000000000 0.0000000000 
2 'point symmetry operation' ?     ? 0.99922953   -0.03220046  -0.02244803  -3.07003     0.03143228   0.99893514   -0.03378182  2.11129      0.02351161   0.03305041   0.99917733   -2.92327     
3 'point symmetry operation' ?     ? 0.99922953   0.03143228   0.02351161   3.07002      -0.03220046  0.99893514   0.03305041   -2.11138     -0.02244803  -0.03378182  0.99917733   2.92322      
# 
_pdbx_entry_details.entry_id                   8BG0 
_pdbx_entry_details.compound_details           ? 
_pdbx_entry_details.source_details             ? 
_pdbx_entry_details.nonpolymer_details         ? 
_pdbx_entry_details.sequence_details           ? 
_pdbx_entry_details.has_ligand_of_interest     ? 
_pdbx_entry_details.has_protein_modification   N 
# 
loop_
_pdbx_validate_torsion.id 
_pdbx_validate_torsion.PDB_model_num 
_pdbx_validate_torsion.auth_comp_id 
_pdbx_validate_torsion.auth_asym_id 
_pdbx_validate_torsion.auth_seq_id 
_pdbx_validate_torsion.PDB_ins_code 
_pdbx_validate_torsion.label_alt_id 
_pdbx_validate_torsion.phi 
_pdbx_validate_torsion.psi 
1 1 HIS D 14 ? ? 62.57 72.23 
2 1 PHE D 20 ? ? 73.24 78.40 
3 1 LYS A 16 ? ? 38.40 56.25 
4 1 HIS B 14 ? ? 62.48 72.43 
5 1 PHE B 20 ? ? 73.36 77.99 
6 1 LYS C 16 ? ? 38.16 55.90 
# 
_em_3d_fitting.id                1 
_em_3d_fitting.entry_id          8BG0 
_em_3d_fitting.method            ? 
_em_3d_fitting.target_criteria   ? 
_em_3d_fitting.details           ? 
_em_3d_fitting.overall_b_value   ? 
_em_3d_fitting.ref_space         ? 
_em_3d_fitting.ref_protocol      ? 
# 
_em_3d_reconstruction.entry_id                    8BG0 
_em_3d_reconstruction.id                          1 
_em_3d_reconstruction.method                      ? 
_em_3d_reconstruction.algorithm                   ? 
_em_3d_reconstruction.citation_id                 ? 
_em_3d_reconstruction.details                     ? 
_em_3d_reconstruction.resolution                  1.99 
_em_3d_reconstruction.resolution_method           'FSC 0.143 CUT-OFF' 
_em_3d_reconstruction.magnification_calibration   ? 
_em_3d_reconstruction.nominal_pixel_size          ? 
_em_3d_reconstruction.actual_pixel_size           ? 
_em_3d_reconstruction.num_particles               115228 
_em_3d_reconstruction.euler_angles_details        ? 
_em_3d_reconstruction.num_class_averages          ? 
_em_3d_reconstruction.refinement_type             ? 
_em_3d_reconstruction.image_processing_id         1 
_em_3d_reconstruction.symmetry_type               HELICAL 
# 
_em_buffer.id            1 
_em_buffer.specimen_id   1 
_em_buffer.name          ? 
_em_buffer.details       ? 
_em_buffer.pH            7.5 
# 
_em_entity_assembly.id                   1 
_em_entity_assembly.parent_id            0 
_em_entity_assembly.source               NATURAL 
_em_entity_assembly.type                 TISSUE 
_em_entity_assembly.name                 
;Amyloid-beta filaments extracted from the human brain with Arctic mutation (E693G) of Alzheimer's disease
;
_em_entity_assembly.details              ? 
_em_entity_assembly.synonym              ? 
_em_entity_assembly.oligomeric_details   ? 
_em_entity_assembly.entity_id_list       1 
# 
_em_imaging.entry_id                        8BG0 
_em_imaging.id                              1 
_em_imaging.astigmatism                     ? 
_em_imaging.electron_beam_tilt_params       ? 
_em_imaging.residual_tilt                   ? 
_em_imaging.microscope_model                'FEI TITAN KRIOS' 
_em_imaging.specimen_holder_type            ? 
_em_imaging.specimen_holder_model           ? 
_em_imaging.details                         ? 
_em_imaging.date                            ? 
_em_imaging.accelerating_voltage            300 
_em_imaging.illumination_mode               'FLOOD BEAM' 
_em_imaging.mode                            'BRIGHT FIELD' 
_em_imaging.nominal_cs                      ? 
_em_imaging.nominal_defocus_min             800 
_em_imaging.nominal_defocus_max             2200 
_em_imaging.calibrated_defocus_min          ? 
_em_imaging.calibrated_defocus_max          ? 
_em_imaging.tilt_angle_min                  ? 
_em_imaging.tilt_angle_max                  ? 
_em_imaging.nominal_magnification           ? 
_em_imaging.calibrated_magnification        ? 
_em_imaging.electron_source                 'FIELD EMISSION GUN' 
_em_imaging.citation_id                     ? 
_em_imaging.temperature                     ? 
_em_imaging.detector_distance               ? 
_em_imaging.recording_temperature_minimum   ? 
_em_imaging.recording_temperature_maximum   ? 
_em_imaging.alignment_procedure             ? 
_em_imaging.c2_aperture_diameter            ? 
_em_imaging.specimen_id                     1 
_em_imaging.cryogen                         ? 
# 
_em_vitrification.entry_id              8BG0 
_em_vitrification.id                    1 
_em_vitrification.specimen_id           1 
_em_vitrification.cryogen_name          ETHANE 
_em_vitrification.humidity              ? 
_em_vitrification.temp                  ? 
_em_vitrification.chamber_temperature   ? 
_em_vitrification.instrument            ? 
_em_vitrification.method                ? 
_em_vitrification.time_resolved_state   ? 
_em_vitrification.citation_id           ? 
_em_vitrification.details               ? 
# 
_em_experiment.entry_id                8BG0 
_em_experiment.id                      1 
_em_experiment.reconstruction_method   HELICAL 
_em_experiment.aggregation_state       FILAMENT 
_em_experiment.entity_assembly_id      1 
# 
loop_
_pdbx_distant_solvent_atoms.id 
_pdbx_distant_solvent_atoms.PDB_model_num 
_pdbx_distant_solvent_atoms.auth_atom_id 
_pdbx_distant_solvent_atoms.label_alt_id 
_pdbx_distant_solvent_atoms.auth_asym_id 
_pdbx_distant_solvent_atoms.auth_comp_id 
_pdbx_distant_solvent_atoms.auth_seq_id 
_pdbx_distant_solvent_atoms.PDB_ins_code 
_pdbx_distant_solvent_atoms.neighbor_macromolecule_distance 
_pdbx_distant_solvent_atoms.neighbor_ligand_distance 
1 1 O ? D HOH 105 ? 6.03 . 
2 1 O ? D HOH 106 ? 6.52 . 
# 
loop_
_pdbx_unobs_or_zero_occ_residues.id 
_pdbx_unobs_or_zero_occ_residues.PDB_model_num 
_pdbx_unobs_or_zero_occ_residues.polymer_flag 
_pdbx_unobs_or_zero_occ_residues.occupancy_flag 
_pdbx_unobs_or_zero_occ_residues.auth_asym_id 
_pdbx_unobs_or_zero_occ_residues.auth_comp_id 
_pdbx_unobs_or_zero_occ_residues.auth_seq_id 
_pdbx_unobs_or_zero_occ_residues.PDB_ins_code 
_pdbx_unobs_or_zero_occ_residues.label_asym_id 
_pdbx_unobs_or_zero_occ_residues.label_comp_id 
_pdbx_unobs_or_zero_occ_residues.label_seq_id 
1  1 Y 1 D ASP 1  ? A ASP 1  
2  1 Y 1 D ALA 2  ? A ALA 2  
3  1 Y 1 D GLU 3  ? A GLU 3  
4  1 Y 1 D PHE 4  ? A PHE 4  
5  1 Y 1 D ARG 5  ? A ARG 5  
6  1 Y 1 D HIS 6  ? A HIS 6  
7  1 Y 1 D ASP 7  ? A ASP 7  
8  1 Y 1 D SER 8  ? A SER 8  
9  1 Y 1 D GLY 9  ? A GLY 9  
10 1 Y 1 D TYR 10 ? A TYR 10 
11 1 Y 1 D GLY 38 ? A GLY 38 
12 1 Y 1 D VAL 39 ? A VAL 39 
13 1 Y 1 D VAL 40 ? A VAL 40 
14 1 Y 1 A ASP 1  ? B ASP 1  
15 1 Y 1 A ALA 2  ? B ALA 2  
16 1 Y 1 A GLU 3  ? B GLU 3  
17 1 Y 1 A PHE 4  ? B PHE 4  
18 1 Y 1 A ARG 5  ? B ARG 5  
19 1 Y 1 A HIS 6  ? B HIS 6  
20 1 Y 1 A ASP 7  ? B ASP 7  
21 1 Y 1 A SER 8  ? B SER 8  
22 1 Y 1 A GLY 9  ? B GLY 9  
23 1 Y 1 A TYR 10 ? B TYR 10 
24 1 Y 1 A GLU 11 ? B GLU 11 
25 1 Y 1 B ASP 1  ? C ASP 1  
26 1 Y 1 B ALA 2  ? C ALA 2  
27 1 Y 1 B GLU 3  ? C GLU 3  
28 1 Y 1 B PHE 4  ? C PHE 4  
29 1 Y 1 B ARG 5  ? C ARG 5  
30 1 Y 1 B HIS 6  ? C HIS 6  
31 1 Y 1 B ASP 7  ? C ASP 7  
32 1 Y 1 B SER 8  ? C SER 8  
33 1 Y 1 B GLY 9  ? C GLY 9  
34 1 Y 1 B TYR 10 ? C TYR 10 
35 1 Y 1 B GLY 38 ? C GLY 38 
36 1 Y 1 B VAL 39 ? C VAL 39 
37 1 Y 1 B VAL 40 ? C VAL 40 
38 1 Y 1 C ASP 1  ? D ASP 1  
39 1 Y 1 C ALA 2  ? D ALA 2  
40 1 Y 1 C GLU 3  ? D GLU 3  
41 1 Y 1 C PHE 4  ? D PHE 4  
42 1 Y 1 C ARG 5  ? D ARG 5  
43 1 Y 1 C HIS 6  ? D HIS 6  
44 1 Y 1 C ASP 7  ? D ASP 7  
45 1 Y 1 C SER 8  ? D SER 8  
46 1 Y 1 C GLY 9  ? D GLY 9  
47 1 Y 1 C TYR 10 ? D TYR 10 
48 1 Y 1 C GLU 11 ? D GLU 11 
# 
loop_
_chem_comp_atom.comp_id 
_chem_comp_atom.atom_id 
_chem_comp_atom.type_symbol 
_chem_comp_atom.pdbx_aromatic_flag 
_chem_comp_atom.pdbx_stereo_config 
_chem_comp_atom.pdbx_ordinal 
ALA N    N N N 1   
ALA CA   C N S 2   
ALA C    C N N 3   
ALA O    O N N 4   
ALA CB   C N N 5   
ALA OXT  O N N 6   
ALA H    H N N 7   
ALA H2   H N N 8   
ALA HA   H N N 9   
ALA HB1  H N N 10  
ALA HB2  H N N 11  
ALA HB3  H N N 12  
ALA HXT  H N N 13  
ARG N    N N N 14  
ARG CA   C N S 15  
ARG C    C N N 16  
ARG O    O N N 17  
ARG CB   C N N 18  
ARG CG   C N N 19  
ARG CD   C N N 20  
ARG NE   N N N 21  
ARG CZ   C N N 22  
ARG NH1  N N N 23  
ARG NH2  N N N 24  
ARG OXT  O N N 25  
ARG H    H N N 26  
ARG H2   H N N 27  
ARG HA   H N N 28  
ARG HB2  H N N 29  
ARG HB3  H N N 30  
ARG HG2  H N N 31  
ARG HG3  H N N 32  
ARG HD2  H N N 33  
ARG HD3  H N N 34  
ARG HE   H N N 35  
ARG HH11 H N N 36  
ARG HH12 H N N 37  
ARG HH21 H N N 38  
ARG HH22 H N N 39  
ARG HXT  H N N 40  
ASN N    N N N 41  
ASN CA   C N S 42  
ASN C    C N N 43  
ASN O    O N N 44  
ASN CB   C N N 45  
ASN CG   C N N 46  
ASN OD1  O N N 47  
ASN ND2  N N N 48  
ASN OXT  O N N 49  
ASN H    H N N 50  
ASN H2   H N N 51  
ASN HA   H N N 52  
ASN HB2  H N N 53  
ASN HB3  H N N 54  
ASN HD21 H N N 55  
ASN HD22 H N N 56  
ASN HXT  H N N 57  
ASP N    N N N 58  
ASP CA   C N S 59  
ASP C    C N N 60  
ASP O    O N N 61  
ASP CB   C N N 62  
ASP CG   C N N 63  
ASP OD1  O N N 64  
ASP OD2  O N N 65  
ASP OXT  O N N 66  
ASP H    H N N 67  
ASP H2   H N N 68  
ASP HA   H N N 69  
ASP HB2  H N N 70  
ASP HB3  H N N 71  
ASP HD2  H N N 72  
ASP HXT  H N N 73  
GLN N    N N N 74  
GLN CA   C N S 75  
GLN C    C N N 76  
GLN O    O N N 77  
GLN CB   C N N 78  
GLN CG   C N N 79  
GLN CD   C N N 80  
GLN OE1  O N N 81  
GLN NE2  N N N 82  
GLN OXT  O N N 83  
GLN H    H N N 84  
GLN H2   H N N 85  
GLN HA   H N N 86  
GLN HB2  H N N 87  
GLN HB3  H N N 88  
GLN HG2  H N N 89  
GLN HG3  H N N 90  
GLN HE21 H N N 91  
GLN HE22 H N N 92  
GLN HXT  H N N 93  
GLU N    N N N 94  
GLU CA   C N S 95  
GLU C    C N N 96  
GLU O    O N N 97  
GLU CB   C N N 98  
GLU CG   C N N 99  
GLU CD   C N N 100 
GLU OE1  O N N 101 
GLU OE2  O N N 102 
GLU OXT  O N N 103 
GLU H    H N N 104 
GLU H2   H N N 105 
GLU HA   H N N 106 
GLU HB2  H N N 107 
GLU HB3  H N N 108 
GLU HG2  H N N 109 
GLU HG3  H N N 110 
GLU HE2  H N N 111 
GLU HXT  H N N 112 
GLY N    N N N 113 
GLY CA   C N N 114 
GLY C    C N N 115 
GLY O    O N N 116 
GLY OXT  O N N 117 
GLY H    H N N 118 
GLY H2   H N N 119 
GLY HA2  H N N 120 
GLY HA3  H N N 121 
GLY HXT  H N N 122 
HIS N    N N N 123 
HIS CA   C N S 124 
HIS C    C N N 125 
HIS O    O N N 126 
HIS CB   C N N 127 
HIS CG   C Y N 128 
HIS ND1  N Y N 129 
HIS CD2  C Y N 130 
HIS CE1  C Y N 131 
HIS NE2  N Y N 132 
HIS OXT  O N N 133 
HIS H    H N N 134 
HIS H2   H N N 135 
HIS HA   H N N 136 
HIS HB2  H N N 137 
HIS HB3  H N N 138 
HIS HD1  H N N 139 
HIS HD2  H N N 140 
HIS HE1  H N N 141 
HIS HE2  H N N 142 
HIS HXT  H N N 143 
HOH O    O N N 144 
HOH H1   H N N 145 
HOH H2   H N N 146 
ILE N    N N N 147 
ILE CA   C N S 148 
ILE C    C N N 149 
ILE O    O N N 150 
ILE CB   C N S 151 
ILE CG1  C N N 152 
ILE CG2  C N N 153 
ILE CD1  C N N 154 
ILE OXT  O N N 155 
ILE H    H N N 156 
ILE H2   H N N 157 
ILE HA   H N N 158 
ILE HB   H N N 159 
ILE HG12 H N N 160 
ILE HG13 H N N 161 
ILE HG21 H N N 162 
ILE HG22 H N N 163 
ILE HG23 H N N 164 
ILE HD11 H N N 165 
ILE HD12 H N N 166 
ILE HD13 H N N 167 
ILE HXT  H N N 168 
LEU N    N N N 169 
LEU CA   C N S 170 
LEU C    C N N 171 
LEU O    O N N 172 
LEU CB   C N N 173 
LEU CG   C N N 174 
LEU CD1  C N N 175 
LEU CD2  C N N 176 
LEU OXT  O N N 177 
LEU H    H N N 178 
LEU H2   H N N 179 
LEU HA   H N N 180 
LEU HB2  H N N 181 
LEU HB3  H N N 182 
LEU HG   H N N 183 
LEU HD11 H N N 184 
LEU HD12 H N N 185 
LEU HD13 H N N 186 
LEU HD21 H N N 187 
LEU HD22 H N N 188 
LEU HD23 H N N 189 
LEU HXT  H N N 190 
LYS N    N N N 191 
LYS CA   C N S 192 
LYS C    C N N 193 
LYS O    O N N 194 
LYS CB   C N N 195 
LYS CG   C N N 196 
LYS CD   C N N 197 
LYS CE   C N N 198 
LYS NZ   N N N 199 
LYS OXT  O N N 200 
LYS H    H N N 201 
LYS H2   H N N 202 
LYS HA   H N N 203 
LYS HB2  H N N 204 
LYS HB3  H N N 205 
LYS HG2  H N N 206 
LYS HG3  H N N 207 
LYS HD2  H N N 208 
LYS HD3  H N N 209 
LYS HE2  H N N 210 
LYS HE3  H N N 211 
LYS HZ1  H N N 212 
LYS HZ2  H N N 213 
LYS HZ3  H N N 214 
LYS HXT  H N N 215 
MET N    N N N 216 
MET CA   C N S 217 
MET C    C N N 218 
MET O    O N N 219 
MET CB   C N N 220 
MET CG   C N N 221 
MET SD   S N N 222 
MET CE   C N N 223 
MET OXT  O N N 224 
MET H    H N N 225 
MET H2   H N N 226 
MET HA   H N N 227 
MET HB2  H N N 228 
MET HB3  H N N 229 
MET HG2  H N N 230 
MET HG3  H N N 231 
MET HE1  H N N 232 
MET HE2  H N N 233 
MET HE3  H N N 234 
MET HXT  H N N 235 
PHE N    N N N 236 
PHE CA   C N S 237 
PHE C    C N N 238 
PHE O    O N N 239 
PHE CB   C N N 240 
PHE CG   C Y N 241 
PHE CD1  C Y N 242 
PHE CD2  C Y N 243 
PHE CE1  C Y N 244 
PHE CE2  C Y N 245 
PHE CZ   C Y N 246 
PHE OXT  O N N 247 
PHE H    H N N 248 
PHE H2   H N N 249 
PHE HA   H N N 250 
PHE HB2  H N N 251 
PHE HB3  H N N 252 
PHE HD1  H N N 253 
PHE HD2  H N N 254 
PHE HE1  H N N 255 
PHE HE2  H N N 256 
PHE HZ   H N N 257 
PHE HXT  H N N 258 
SER N    N N N 259 
SER CA   C N S 260 
SER C    C N N 261 
SER O    O N N 262 
SER CB   C N N 263 
SER OG   O N N 264 
SER OXT  O N N 265 
SER H    H N N 266 
SER H2   H N N 267 
SER HA   H N N 268 
SER HB2  H N N 269 
SER HB3  H N N 270 
SER HG   H N N 271 
SER HXT  H N N 272 
TYR N    N N N 273 
TYR CA   C N S 274 
TYR C    C N N 275 
TYR O    O N N 276 
TYR CB   C N N 277 
TYR CG   C Y N 278 
TYR CD1  C Y N 279 
TYR CD2  C Y N 280 
TYR CE1  C Y N 281 
TYR CE2  C Y N 282 
TYR CZ   C Y N 283 
TYR OH   O N N 284 
TYR OXT  O N N 285 
TYR H    H N N 286 
TYR H2   H N N 287 
TYR HA   H N N 288 
TYR HB2  H N N 289 
TYR HB3  H N N 290 
TYR HD1  H N N 291 
TYR HD2  H N N 292 
TYR HE1  H N N 293 
TYR HE2  H N N 294 
TYR HH   H N N 295 
TYR HXT  H N N 296 
VAL N    N N N 297 
VAL CA   C N S 298 
VAL C    C N N 299 
VAL O    O N N 300 
VAL CB   C N N 301 
VAL CG1  C N N 302 
VAL CG2  C N N 303 
VAL OXT  O N N 304 
VAL H    H N N 305 
VAL H2   H N N 306 
VAL HA   H N N 307 
VAL HB   H N N 308 
VAL HG11 H N N 309 
VAL HG12 H N N 310 
VAL HG13 H N N 311 
VAL HG21 H N N 312 
VAL HG22 H N N 313 
VAL HG23 H N N 314 
VAL HXT  H N N 315 
# 
loop_
_chem_comp_bond.comp_id 
_chem_comp_bond.atom_id_1 
_chem_comp_bond.atom_id_2 
_chem_comp_bond.value_order 
_chem_comp_bond.pdbx_aromatic_flag 
_chem_comp_bond.pdbx_stereo_config 
_chem_comp_bond.pdbx_ordinal 
ALA N   CA   sing N N 1   
ALA N   H    sing N N 2   
ALA N   H2   sing N N 3   
ALA CA  C    sing N N 4   
ALA CA  CB   sing N N 5   
ALA CA  HA   sing N N 6   
ALA C   O    doub N N 7   
ALA C   OXT  sing N N 8   
ALA CB  HB1  sing N N 9   
ALA CB  HB2  sing N N 10  
ALA CB  HB3  sing N N 11  
ALA OXT HXT  sing N N 12  
ARG N   CA   sing N N 13  
ARG N   H    sing N N 14  
ARG N   H2   sing N N 15  
ARG CA  C    sing N N 16  
ARG CA  CB   sing N N 17  
ARG CA  HA   sing N N 18  
ARG C   O    doub N N 19  
ARG C   OXT  sing N N 20  
ARG CB  CG   sing N N 21  
ARG CB  HB2  sing N N 22  
ARG CB  HB3  sing N N 23  
ARG CG  CD   sing N N 24  
ARG CG  HG2  sing N N 25  
ARG CG  HG3  sing N N 26  
ARG CD  NE   sing N N 27  
ARG CD  HD2  sing N N 28  
ARG CD  HD3  sing N N 29  
ARG NE  CZ   sing N N 30  
ARG NE  HE   sing N N 31  
ARG CZ  NH1  sing N N 32  
ARG CZ  NH2  doub N N 33  
ARG NH1 HH11 sing N N 34  
ARG NH1 HH12 sing N N 35  
ARG NH2 HH21 sing N N 36  
ARG NH2 HH22 sing N N 37  
ARG OXT HXT  sing N N 38  
ASN N   CA   sing N N 39  
ASN N   H    sing N N 40  
ASN N   H2   sing N N 41  
ASN CA  C    sing N N 42  
ASN CA  CB   sing N N 43  
ASN CA  HA   sing N N 44  
ASN C   O    doub N N 45  
ASN C   OXT  sing N N 46  
ASN CB  CG   sing N N 47  
ASN CB  HB2  sing N N 48  
ASN CB  HB3  sing N N 49  
ASN CG  OD1  doub N N 50  
ASN CG  ND2  sing N N 51  
ASN ND2 HD21 sing N N 52  
ASN ND2 HD22 sing N N 53  
ASN OXT HXT  sing N N 54  
ASP N   CA   sing N N 55  
ASP N   H    sing N N 56  
ASP N   H2   sing N N 57  
ASP CA  C    sing N N 58  
ASP CA  CB   sing N N 59  
ASP CA  HA   sing N N 60  
ASP C   O    doub N N 61  
ASP C   OXT  sing N N 62  
ASP CB  CG   sing N N 63  
ASP CB  HB2  sing N N 64  
ASP CB  HB3  sing N N 65  
ASP CG  OD1  doub N N 66  
ASP CG  OD2  sing N N 67  
ASP OD2 HD2  sing N N 68  
ASP OXT HXT  sing N N 69  
GLN N   CA   sing N N 70  
GLN N   H    sing N N 71  
GLN N   H2   sing N N 72  
GLN CA  C    sing N N 73  
GLN CA  CB   sing N N 74  
GLN CA  HA   sing N N 75  
GLN C   O    doub N N 76  
GLN C   OXT  sing N N 77  
GLN CB  CG   sing N N 78  
GLN CB  HB2  sing N N 79  
GLN CB  HB3  sing N N 80  
GLN CG  CD   sing N N 81  
GLN CG  HG2  sing N N 82  
GLN CG  HG3  sing N N 83  
GLN CD  OE1  doub N N 84  
GLN CD  NE2  sing N N 85  
GLN NE2 HE21 sing N N 86  
GLN NE2 HE22 sing N N 87  
GLN OXT HXT  sing N N 88  
GLU N   CA   sing N N 89  
GLU N   H    sing N N 90  
GLU N   H2   sing N N 91  
GLU CA  C    sing N N 92  
GLU CA  CB   sing N N 93  
GLU CA  HA   sing N N 94  
GLU C   O    doub N N 95  
GLU C   OXT  sing N N 96  
GLU CB  CG   sing N N 97  
GLU CB  HB2  sing N N 98  
GLU CB  HB3  sing N N 99  
GLU CG  CD   sing N N 100 
GLU CG  HG2  sing N N 101 
GLU CG  HG3  sing N N 102 
GLU CD  OE1  doub N N 103 
GLU CD  OE2  sing N N 104 
GLU OE2 HE2  sing N N 105 
GLU OXT HXT  sing N N 106 
GLY N   CA   sing N N 107 
GLY N   H    sing N N 108 
GLY N   H2   sing N N 109 
GLY CA  C    sing N N 110 
GLY CA  HA2  sing N N 111 
GLY CA  HA3  sing N N 112 
GLY C   O    doub N N 113 
GLY C   OXT  sing N N 114 
GLY OXT HXT  sing N N 115 
HIS N   CA   sing N N 116 
HIS N   H    sing N N 117 
HIS N   H2   sing N N 118 
HIS CA  C    sing N N 119 
HIS CA  CB   sing N N 120 
HIS CA  HA   sing N N 121 
HIS C   O    doub N N 122 
HIS C   OXT  sing N N 123 
HIS CB  CG   sing N N 124 
HIS CB  HB2  sing N N 125 
HIS CB  HB3  sing N N 126 
HIS CG  ND1  sing Y N 127 
HIS CG  CD2  doub Y N 128 
HIS ND1 CE1  doub Y N 129 
HIS ND1 HD1  sing N N 130 
HIS CD2 NE2  sing Y N 131 
HIS CD2 HD2  sing N N 132 
HIS CE1 NE2  sing Y N 133 
HIS CE1 HE1  sing N N 134 
HIS NE2 HE2  sing N N 135 
HIS OXT HXT  sing N N 136 
HOH O   H1   sing N N 137 
HOH O   H2   sing N N 138 
ILE N   CA   sing N N 139 
ILE N   H    sing N N 140 
ILE N   H2   sing N N 141 
ILE CA  C    sing N N 142 
ILE CA  CB   sing N N 143 
ILE CA  HA   sing N N 144 
ILE C   O    doub N N 145 
ILE C   OXT  sing N N 146 
ILE CB  CG1  sing N N 147 
ILE CB  CG2  sing N N 148 
ILE CB  HB   sing N N 149 
ILE CG1 CD1  sing N N 150 
ILE CG1 HG12 sing N N 151 
ILE CG1 HG13 sing N N 152 
ILE CG2 HG21 sing N N 153 
ILE CG2 HG22 sing N N 154 
ILE CG2 HG23 sing N N 155 
ILE CD1 HD11 sing N N 156 
ILE CD1 HD12 sing N N 157 
ILE CD1 HD13 sing N N 158 
ILE OXT HXT  sing N N 159 
LEU N   CA   sing N N 160 
LEU N   H    sing N N 161 
LEU N   H2   sing N N 162 
LEU CA  C    sing N N 163 
LEU CA  CB   sing N N 164 
LEU CA  HA   sing N N 165 
LEU C   O    doub N N 166 
LEU C   OXT  sing N N 167 
LEU CB  CG   sing N N 168 
LEU CB  HB2  sing N N 169 
LEU CB  HB3  sing N N 170 
LEU CG  CD1  sing N N 171 
LEU CG  CD2  sing N N 172 
LEU CG  HG   sing N N 173 
LEU CD1 HD11 sing N N 174 
LEU CD1 HD12 sing N N 175 
LEU CD1 HD13 sing N N 176 
LEU CD2 HD21 sing N N 177 
LEU CD2 HD22 sing N N 178 
LEU CD2 HD23 sing N N 179 
LEU OXT HXT  sing N N 180 
LYS N   CA   sing N N 181 
LYS N   H    sing N N 182 
LYS N   H2   sing N N 183 
LYS CA  C    sing N N 184 
LYS CA  CB   sing N N 185 
LYS CA  HA   sing N N 186 
LYS C   O    doub N N 187 
LYS C   OXT  sing N N 188 
LYS CB  CG   sing N N 189 
LYS CB  HB2  sing N N 190 
LYS CB  HB3  sing N N 191 
LYS CG  CD   sing N N 192 
LYS CG  HG2  sing N N 193 
LYS CG  HG3  sing N N 194 
LYS CD  CE   sing N N 195 
LYS CD  HD2  sing N N 196 
LYS CD  HD3  sing N N 197 
LYS CE  NZ   sing N N 198 
LYS CE  HE2  sing N N 199 
LYS CE  HE3  sing N N 200 
LYS NZ  HZ1  sing N N 201 
LYS NZ  HZ2  sing N N 202 
LYS NZ  HZ3  sing N N 203 
LYS OXT HXT  sing N N 204 
MET N   CA   sing N N 205 
MET N   H    sing N N 206 
MET N   H2   sing N N 207 
MET CA  C    sing N N 208 
MET CA  CB   sing N N 209 
MET CA  HA   sing N N 210 
MET C   O    doub N N 211 
MET C   OXT  sing N N 212 
MET CB  CG   sing N N 213 
MET CB  HB2  sing N N 214 
MET CB  HB3  sing N N 215 
MET CG  SD   sing N N 216 
MET CG  HG2  sing N N 217 
MET CG  HG3  sing N N 218 
MET SD  CE   sing N N 219 
MET CE  HE1  sing N N 220 
MET CE  HE2  sing N N 221 
MET CE  HE3  sing N N 222 
MET OXT HXT  sing N N 223 
PHE N   CA   sing N N 224 
PHE N   H    sing N N 225 
PHE N   H2   sing N N 226 
PHE CA  C    sing N N 227 
PHE CA  CB   sing N N 228 
PHE CA  HA   sing N N 229 
PHE C   O    doub N N 230 
PHE C   OXT  sing N N 231 
PHE CB  CG   sing N N 232 
PHE CB  HB2  sing N N 233 
PHE CB  HB3  sing N N 234 
PHE CG  CD1  doub Y N 235 
PHE CG  CD2  sing Y N 236 
PHE CD1 CE1  sing Y N 237 
PHE CD1 HD1  sing N N 238 
PHE CD2 CE2  doub Y N 239 
PHE CD2 HD2  sing N N 240 
PHE CE1 CZ   doub Y N 241 
PHE CE1 HE1  sing N N 242 
PHE CE2 CZ   sing Y N 243 
PHE CE2 HE2  sing N N 244 
PHE CZ  HZ   sing N N 245 
PHE OXT HXT  sing N N 246 
SER N   CA   sing N N 247 
SER N   H    sing N N 248 
SER N   H2   sing N N 249 
SER CA  C    sing N N 250 
SER CA  CB   sing N N 251 
SER CA  HA   sing N N 252 
SER C   O    doub N N 253 
SER C   OXT  sing N N 254 
SER CB  OG   sing N N 255 
SER CB  HB2  sing N N 256 
SER CB  HB3  sing N N 257 
SER OG  HG   sing N N 258 
SER OXT HXT  sing N N 259 
TYR N   CA   sing N N 260 
TYR N   H    sing N N 261 
TYR N   H2   sing N N 262 
TYR CA  C    sing N N 263 
TYR CA  CB   sing N N 264 
TYR CA  HA   sing N N 265 
TYR C   O    doub N N 266 
TYR C   OXT  sing N N 267 
TYR CB  CG   sing N N 268 
TYR CB  HB2  sing N N 269 
TYR CB  HB3  sing N N 270 
TYR CG  CD1  doub Y N 271 
TYR CG  CD2  sing Y N 272 
TYR CD1 CE1  sing Y N 273 
TYR CD1 HD1  sing N N 274 
TYR CD2 CE2  doub Y N 275 
TYR CD2 HD2  sing N N 276 
TYR CE1 CZ   doub Y N 277 
TYR CE1 HE1  sing N N 278 
TYR CE2 CZ   sing Y N 279 
TYR CE2 HE2  sing N N 280 
TYR CZ  OH   sing N N 281 
TYR OH  HH   sing N N 282 
TYR OXT HXT  sing N N 283 
VAL N   CA   sing N N 284 
VAL N   H    sing N N 285 
VAL N   H2   sing N N 286 
VAL CA  C    sing N N 287 
VAL CA  CB   sing N N 288 
VAL CA  HA   sing N N 289 
VAL C   O    doub N N 290 
VAL C   OXT  sing N N 291 
VAL CB  CG1  sing N N 292 
VAL CB  CG2  sing N N 293 
VAL CB  HB   sing N N 294 
VAL CG1 HG11 sing N N 295 
VAL CG1 HG12 sing N N 296 
VAL CG1 HG13 sing N N 297 
VAL CG2 HG21 sing N N 298 
VAL CG2 HG22 sing N N 299 
VAL CG2 HG23 sing N N 300 
VAL OXT HXT  sing N N 301 
# 
_em_admin.current_status     REL 
_em_admin.deposition_date    2022-10-27 
_em_admin.deposition_site    PDBE 
_em_admin.entry_id           8BG0 
_em_admin.last_update        2025-03-05 
_em_admin.map_release_date   2023-01-18 
_em_admin.title              
;Amyloid-beta tetrameric filaments with the Arctic mutation (E22G) from Alzheimer's disease brains | ABeta40
;
# 
_em_ctf_correction.details                  ? 
_em_ctf_correction.em_image_processing_id   1 
_em_ctf_correction.id                       1 
_em_ctf_correction.type                     'PHASE FLIPPING AND AMPLITUDE CORRECTION' 
# 
_em_entity_assembly_naturalsource.cell                 ? 
_em_entity_assembly_naturalsource.cellular_location    ? 
_em_entity_assembly_naturalsource.entity_assembly_id   1 
_em_entity_assembly_naturalsource.id                   2 
_em_entity_assembly_naturalsource.ncbi_tax_id          9606 
_em_entity_assembly_naturalsource.organism             'Homo sapiens' 
_em_entity_assembly_naturalsource.organelle            ? 
_em_entity_assembly_naturalsource.organ                ? 
_em_entity_assembly_naturalsource.strain               ? 
_em_entity_assembly_naturalsource.tissue               ? 
# 
_em_helical_entity.id                             1 
_em_helical_entity.image_processing_id            1 
_em_helical_entity.details                        ? 
_em_helical_entity.axial_symmetry                 C2 
_em_helical_entity.angular_rotation_per_subunit   -2.93 
_em_helical_entity.axial_rise_per_subunit         4.74 
# 
_em_image_processing.details              ? 
_em_image_processing.id                   1 
_em_image_processing.image_recording_id   1 
# 
_em_image_recording.average_exposure_time               ? 
_em_image_recording.avg_electron_dose_per_subtomogram   ? 
_em_image_recording.avg_electron_dose_per_image         40 
_em_image_recording.details                             ? 
_em_image_recording.detector_mode                       ? 
_em_image_recording.film_or_detector_model              'GATAN K3 (6k x 4k)' 
_em_image_recording.id                                  1 
_em_image_recording.imaging_id                          1 
_em_image_recording.num_diffraction_images              ? 
_em_image_recording.num_grids_imaged                    ? 
_em_image_recording.num_real_images                     ? 
# 
loop_
_em_software.category 
_em_software.details 
_em_software.id 
_em_software.image_processing_id 
_em_software.fitting_id 
_em_software.imaging_id 
_em_software.name 
_em_software.version 
'PARTICLE SELECTION'       ? 1  1 ? ? RELION ? 
'IMAGE ACQUISITION'        ? 2  ? ? 1 EPU    ? 
MASKING                    ? 3  ? ? ? ?      ? 
'CTF CORRECTION'           ? 4  1 ? ? RELION ? 
'LAYERLINE INDEXING'       ? 5  ? ? ? ?      ? 
'DIFFRACTION INDEXING'     ? 6  ? ? ? ?      ? 
'MODEL FITTING'            ? 7  ? 1 ? Coot   ? 
OTHER                      ? 8  ? ? ? ?      ? 
'MODEL REFINEMENT'         ? 9  ? 1 ? REFMAC ? 
'INITIAL EULER ASSIGNMENT' ? 10 1 ? ? RELION ? 
'FINAL EULER ASSIGNMENT'   ? 11 1 ? ? RELION ? 
CLASSIFICATION             ? 12 1 ? ? RELION ? 
RECONSTRUCTION             ? 13 1 ? ? RELION ? 
# 
_em_specimen.concentration           ? 
_em_specimen.details                 ? 
_em_specimen.embedding_applied       NO 
_em_specimen.experiment_id           1 
_em_specimen.id                      1 
_em_specimen.shadowing_applied       NO 
_em_specimen.staining_applied        NO 
_em_specimen.vitrification_applied   YES 
# 
loop_
_pdbx_audit_support.funding_organization 
_pdbx_audit_support.country 
_pdbx_audit_support.grant_number 
_pdbx_audit_support.ordinal 
'Medical Research Council (MRC, United Kingdom)' 'United Kingdom' MC_UP_A025-1013 1 
'Medical Research Council (MRC, United Kingdom)' 'United Kingdom' MC_U105184291   2 
# 
_atom_sites.entry_id                    8BG0 
_atom_sites.Cartn_transf_matrix[1][1]   ? 
_atom_sites.Cartn_transf_matrix[1][2]   ? 
_atom_sites.Cartn_transf_matrix[1][3]   ? 
_atom_sites.Cartn_transf_matrix[2][1]   ? 
_atom_sites.Cartn_transf_matrix[2][2]   ? 
_atom_sites.Cartn_transf_matrix[2][3]   ? 
_atom_sites.Cartn_transf_matrix[3][1]   ? 
_atom_sites.Cartn_transf_matrix[3][2]   ? 
_atom_sites.Cartn_transf_matrix[3][3]   ? 
_atom_sites.Cartn_transf_vector[1]      ? 
_atom_sites.Cartn_transf_vector[2]      ? 
_atom_sites.Cartn_transf_vector[3]      ? 
_atom_sites.fract_transf_matrix[1][1]   1.000000 
_atom_sites.fract_transf_matrix[1][2]   0.000000 
_atom_sites.fract_transf_matrix[1][3]   0.000000 
_atom_sites.fract_transf_matrix[2][1]   0.000000 
_atom_sites.fract_transf_matrix[2][2]   1.000000 
_atom_sites.fract_transf_matrix[2][3]   0.000000 
_atom_sites.fract_transf_matrix[3][1]   0.000000 
_atom_sites.fract_transf_matrix[3][2]   0.000000 
_atom_sites.fract_transf_matrix[3][3]   1.000000 
_atom_sites.fract_transf_vector[1]      0.00000 
_atom_sites.fract_transf_vector[2]      0.00000 
_atom_sites.fract_transf_vector[3]      0.00000 
_atom_sites.solution_primary            ? 
_atom_sites.solution_secondary          ? 
_atom_sites.solution_hydrogens          ? 
_atom_sites.special_details             ? 
# 
loop_
_atom_type.symbol 
C 
N 
O 
S 
# 
loop_
_atom_site.group_PDB 
_atom_site.id 
_atom_site.type_symbol 
_atom_site.label_atom_id 
_atom_site.label_alt_id 
_atom_site.label_comp_id 
_atom_site.label_asym_id 
_atom_site.label_entity_id 
_atom_site.label_seq_id 
_atom_site.pdbx_PDB_ins_code 
_atom_site.Cartn_x 
_atom_site.Cartn_y 
_atom_site.Cartn_z 
_atom_site.occupancy 
_atom_site.B_iso_or_equiv 
_atom_site.pdbx_formal_charge 
_atom_site.auth_seq_id 
_atom_site.auth_comp_id 
_atom_site.auth_asym_id 
_atom_site.auth_atom_id 
_atom_site.pdbx_PDB_model_num 
ATOM   1   N N   . GLU A 1 11 ? 22.512  -7.172  -27.719 1.00 66.53  ? 11  GLU D N   1 
ATOM   2   C CA  . GLU A 1 11 ? 23.042  -6.599  -26.452 1.00 66.83  ? 11  GLU D CA  1 
ATOM   3   C C   . GLU A 1 11 ? 21.917  -5.864  -25.715 1.00 54.95  ? 11  GLU D C   1 
ATOM   4   O O   . GLU A 1 11 ? 21.291  -4.981  -26.286 1.00 53.59  ? 11  GLU D O   1 
ATOM   5   C CB  . GLU A 1 11 ? 24.242  -5.698  -26.721 1.00 66.12  ? 11  GLU D CB  1 
ATOM   6   C CG  . GLU A 1 11 ? 25.124  -5.545  -25.492 1.00 86.60  ? 11  GLU D CG  1 
ATOM   7   C CD  . GLU A 1 11 ? 26.148  -4.413  -25.500 1.00 98.93  ? 11  GLU D CD  1 
ATOM   8   O OE1 . GLU A 1 11 ? 26.856  -4.257  -24.472 1.00 88.29  ? 11  GLU D OE1 1 
ATOM   9   O OE2 . GLU A 1 11 ? 26.241  -3.687  -26.523 1.00 98.81  ? 11  GLU D OE2 1 
ATOM   10  N N   . VAL A 1 12 ? 21.629  -6.297  -24.477 1.00 47.26  ? 12  VAL D N   1 
ATOM   11  C CA  . VAL A 1 12 ? 20.540  -5.772  -23.670 1.00 43.98  ? 12  VAL D CA  1 
ATOM   12  C C   . VAL A 1 12 ? 21.124  -5.379  -22.319 1.00 41.51  ? 12  VAL D C   1 
ATOM   13  O O   . VAL A 1 12 ? 21.624  -6.250  -21.616 1.00 49.25  ? 12  VAL D O   1 
ATOM   14  C CB  . VAL A 1 12 ? 19.395  -6.787  -23.548 1.00 45.14  ? 12  VAL D CB  1 
ATOM   15  C CG1 . VAL A 1 12 ? 18.221  -6.247  -22.744 1.00 44.11  ? 12  VAL D CG1 1 
ATOM   16  C CG2 . VAL A 1 12 ? 18.931  -7.238  -24.922 1.00 47.16  ? 12  VAL D CG2 1 
ATOM   17  N N   . HIS A 1 13 ? 21.086  -4.080  -21.964 1.00 39.79  ? 13  HIS D N   1 
ATOM   18  C CA  . HIS A 1 13 ? 21.745  -3.637  -20.741 1.00 38.89  ? 13  HIS D CA  1 
ATOM   19  C C   . HIS A 1 13 ? 21.101  -2.396  -20.130 1.00 34.72  ? 13  HIS D C   1 
ATOM   20  O O   . HIS A 1 13 ? 20.448  -1.644  -20.832 1.00 43.26  ? 13  HIS D O   1 
ATOM   21  C CB  . HIS A 1 13 ? 23.247  -3.492  -21.009 1.00 40.74  ? 13  HIS D CB  1 
ATOM   22  C CG  . HIS A 1 13 ? 23.607  -2.570  -22.100 1.00 44.48  ? 13  HIS D CG  1 
ATOM   23  N ND1 . HIS A 1 13 ? 24.007  -1.265  -21.861 1.00 44.33  ? 13  HIS D ND1 1 
ATOM   24  C CD2 . HIS A 1 13 ? 23.607  -2.741  -23.442 1.00 47.43  ? 13  HIS D CD2 1 
ATOM   25  C CE1 . HIS A 1 13 ? 24.263  -0.682  -23.034 1.00 47.56  ? 13  HIS D CE1 1 
ATOM   26  N NE2 . HIS A 1 13 ? 24.032  -1.563  -24.007 1.00 46.24  ? 13  HIS D NE2 1 
ATOM   27  N N   . HIS A 1 14 ? 21.339  -2.176  -18.827 1.00 37.59  ? 14  HIS D N   1 
ATOM   28  C CA  . HIS A 1 14 ? 20.884  -1.012  -18.061 1.00 38.76  ? 14  HIS D CA  1 
ATOM   29  C C   . HIS A 1 14 ? 19.366  -0.969  -18.026 1.00 35.30  ? 14  HIS D C   1 
ATOM   30  O O   . HIS A 1 14 ? 18.772  -0.157  -18.722 1.00 40.21  ? 14  HIS D O   1 
ATOM   31  C CB  . HIS A 1 14 ? 21.531  0.303   -18.535 1.00 39.91  ? 14  HIS D CB  1 
ATOM   32  C CG  . HIS A 1 14 ? 23.001  0.309   -18.267 1.00 40.99  ? 14  HIS D CG  1 
ATOM   33  N ND1 . HIS A 1 14 ? 23.920  -0.218  -19.151 1.00 44.54  ? 14  HIS D ND1 1 
ATOM   34  C CD2 . HIS A 1 14 ? 23.698  0.624   -17.161 1.00 43.74  ? 14  HIS D CD2 1 
ATOM   35  C CE1 . HIS A 1 14 ? 25.131  -0.183  -18.597 1.00 47.09  ? 14  HIS D CE1 1 
ATOM   36  N NE2 . HIS A 1 14 ? 25.027  0.332   -17.387 1.00 43.03  ? 14  HIS D NE2 1 
ATOM   37  N N   . GLN A 1 15 ? 18.752  -1.880  -17.262 1.00 35.82  ? 15  GLN D N   1 
ATOM   38  C CA  . GLN A 1 15 ? 17.312  -1.865  -17.037 1.00 36.21  ? 15  GLN D CA  1 
ATOM   39  C C   . GLN A 1 15 ? 17.055  -1.935  -15.539 1.00 34.20  ? 15  GLN D C   1 
ATOM   40  O O   . GLN A 1 15 ? 17.829  -2.578  -14.825 1.00 35.63  ? 15  GLN D O   1 
ATOM   41  C CB  . GLN A 1 15 ? 16.579  -3.002  -17.751 1.00 38.81  ? 15  GLN D CB  1 
ATOM   42  C CG  . GLN A 1 15 ? 16.422  -2.825  -19.263 1.00 41.40  ? 15  GLN D CG  1 
ATOM   43  C CD  . GLN A 1 15 ? 17.522  -3.400  -20.109 1.00 39.23  ? 15  GLN D CD  1 
ATOM   44  O OE1 . GLN A 1 15 ? 18.397  -4.117  -19.631 1.00 47.50  ? 15  GLN D OE1 1 
ATOM   45  N NE2 . GLN A 1 15 ? 17.427  -3.144  -21.403 1.00 42.61  ? 15  GLN D NE2 1 
ATOM   46  N N   . LYS A 1 16 ? 15.995  -1.269  -15.068 1.00 33.60  ? 16  LYS D N   1 
ATOM   47  C CA  . LYS A 1 16 ? 15.451  -1.477  -13.735 1.00 32.39  ? 16  LYS D CA  1 
ATOM   48  C C   . LYS A 1 16 ? 13.988  -1.927  -13.849 1.00 36.57  ? 16  LYS D C   1 
ATOM   49  O O   . LYS A 1 16 ? 13.208  -1.317  -14.593 1.00 38.19  ? 16  LYS D O   1 
ATOM   50  C CB  . LYS A 1 16 ? 15.594  -0.190  -12.923 1.00 40.33  ? 16  LYS D CB  1 
ATOM   51  C CG  . LYS A 1 16 ? 15.216  -0.340  -11.463 1.00 45.76  ? 16  LYS D CG  1 
ATOM   52  C CD  . LYS A 1 16 ? 15.182  0.950   -10.688 1.00 58.26  ? 16  LYS D CD  1 
ATOM   53  C CE  . LYS A 1 16 ? 14.896  0.738   -9.212  1.00 57.99  ? 16  LYS D CE  1 
ATOM   54  N NZ  . LYS A 1 16 ? 14.522  2.019   -8.551  1.00 68.57  ? 16  LYS D NZ  1 
ATOM   55  N N   . LEU A 1 17 ? 13.608  -3.015  -13.144 1.00 36.87  ? 17  LEU D N   1 
ATOM   56  C CA  . LEU A 1 17 ? 12.255  -3.562  -13.190 1.00 40.11  ? 17  LEU D CA  1 
ATOM   57  C C   . LEU A 1 17 ? 11.707  -3.682  -11.775 1.00 41.16  ? 17  LEU D C   1 
ATOM   58  O O   . LEU A 1 17 ? 12.349  -4.311  -10.939 1.00 45.72  ? 17  LEU D O   1 
ATOM   59  C CB  . LEU A 1 17 ? 12.240  -4.930  -13.869 1.00 42.80  ? 17  LEU D CB  1 
ATOM   60  C CG  . LEU A 1 17 ? 12.553  -4.946  -15.363 1.00 48.79  ? 17  LEU D CG  1 
ATOM   61  C CD1 . LEU A 1 17 ? 14.049  -5.060  -15.625 1.00 48.76  ? 17  LEU D CD1 1 
ATOM   62  C CD2 . LEU A 1 17 ? 11.847  -6.117  -16.022 1.00 54.93  ? 17  LEU D CD2 1 
ATOM   63  N N   . VAL A 1 18 ? 10.555  -3.058  -11.511 1.00 38.64  ? 18  VAL D N   1 
ATOM   64  C CA  . VAL A 1 18 ? 9.890   -3.135  -10.213 1.00 40.55  ? 18  VAL D CA  1 
ATOM   65  C C   . VAL A 1 18 ? 8.493   -3.717  -10.453 1.00 43.62  ? 18  VAL D C   1 
ATOM   66  O O   . VAL A 1 18 ? 7.634   -3.003  -10.984 1.00 48.34  ? 18  VAL D O   1 
ATOM   67  C CB  . VAL A 1 18 ? 9.839   -1.742  -9.540  1.00 44.46  ? 18  VAL D CB  1 
ATOM   68  C CG1 . VAL A 1 18 ? 9.275   -1.789  -8.128  1.00 43.13  ? 18  VAL D CG1 1 
ATOM   69  C CG2 . VAL A 1 18 ? 11.202  -1.084  -9.498  1.00 47.47  ? 18  VAL D CG2 1 
ATOM   70  N N   . PHE A 1 19 ? 8.289   -5.018  -10.138 1.00 45.23  ? 19  PHE D N   1 
ATOM   71  C CA  . PHE A 1 19 ? 7.051   -5.761  -10.447 1.00 40.55  ? 19  PHE D CA  1 
ATOM   72  C C   . PHE A 1 19 ? 6.372   -6.171  -9.142  1.00 36.65  ? 19  PHE D C   1 
ATOM   73  O O   . PHE A 1 19 ? 7.066   -6.591  -8.230  1.00 38.07  ? 19  PHE D O   1 
ATOM   74  C CB  . PHE A 1 19 ? 7.321   -6.995  -11.313 1.00 43.08  ? 19  PHE D CB  1 
ATOM   75  C CG  . PHE A 1 19 ? 7.407   -6.732  -12.791 1.00 44.78  ? 19  PHE D CG  1 
ATOM   76  C CD1 . PHE A 1 19 ? 8.272   -5.746  -13.262 1.00 48.84  ? 19  PHE D CD1 1 
ATOM   77  C CD2 . PHE A 1 19 ? 6.638   -7.452  -13.717 1.00 44.82  ? 19  PHE D CD2 1 
ATOM   78  C CE1 . PHE A 1 19 ? 8.377   -5.478  -14.615 1.00 47.01  ? 19  PHE D CE1 1 
ATOM   79  C CE2 . PHE A 1 19 ? 6.746   -7.177  -15.082 1.00 44.92  ? 19  PHE D CE2 1 
ATOM   80  C CZ  . PHE A 1 19 ? 7.594   -6.167  -15.521 1.00 46.29  ? 19  PHE D CZ  1 
ATOM   81  N N   . PHE A 1 20 ? 5.050   -5.933  -9.028  1.00 40.95  ? 20  PHE D N   1 
ATOM   82  C CA  . PHE A 1 20 ? 4.194   -6.447  -7.950  1.00 45.78  ? 20  PHE D CA  1 
ATOM   83  C C   . PHE A 1 20 ? 4.468   -5.710  -6.646  1.00 48.22  ? 20  PHE D C   1 
ATOM   84  O O   . PHE A 1 20 ? 5.163   -6.224  -5.764  1.00 52.81  ? 20  PHE D O   1 
ATOM   85  C CB  . PHE A 1 20 ? 4.319   -7.966  -7.732  1.00 40.14  ? 20  PHE D CB  1 
ATOM   86  C CG  . PHE A 1 20 ? 4.161   -8.830  -8.955  1.00 40.83  ? 20  PHE D CG  1 
ATOM   87  C CD1 . PHE A 1 20 ? 2.924   -9.006  -9.569  1.00 37.82  ? 20  PHE D CD1 1 
ATOM   88  C CD2 . PHE A 1 20 ? 5.274   -9.470  -9.483  1.00 38.17  ? 20  PHE D CD2 1 
ATOM   89  C CE1 . PHE A 1 20 ? 2.805   -9.827  -10.679 1.00 41.07  ? 20  PHE D CE1 1 
ATOM   90  C CE2 . PHE A 1 20 ? 5.154   -10.287 -10.595 1.00 42.42  ? 20  PHE D CE2 1 
ATOM   91  C CZ  . PHE A 1 20 ? 3.927   -10.464 -11.195 1.00 41.76  ? 20  PHE D CZ  1 
ATOM   92  N N   . ALA A 1 21 ? 3.916   -4.495  -6.527  1.00 53.88  ? 21  ALA D N   1 
ATOM   93  C CA  . ALA A 1 21 ? 4.082   -3.694  -5.317  1.00 57.27  ? 21  ALA D CA  1 
ATOM   94  C C   . ALA A 1 21 ? 3.066   -4.098  -4.244  1.00 57.50  ? 21  ALA D C   1 
ATOM   95  O O   . ALA A 1 21 ? 3.353   -3.954  -3.062  1.00 62.34  ? 21  ALA D O   1 
ATOM   96  C CB  . ALA A 1 21 ? 3.965   -2.224  -5.638  1.00 59.77  ? 21  ALA D CB  1 
ATOM   97  N N   . GLY A 1 22 ? 1.881   -4.587  -4.649  1.00 59.76  ? 22  GLY D N   1 
ATOM   98  C CA  . GLY A 1 22 ? 0.877   -5.088  -3.713  1.00 61.43  ? 22  GLY D CA  1 
ATOM   99  C C   . GLY A 1 22 ? 0.970   -6.601  -3.504  1.00 60.35  ? 22  GLY D C   1 
ATOM   100 O O   . GLY A 1 22 ? 2.059   -7.170  -3.597  1.00 65.96  ? 22  GLY D O   1 
ATOM   101 N N   . ASP A 1 23 ? -0.181  -7.242  -3.251  1.00 60.87  ? 23  ASP D N   1 
ATOM   102 C CA  . ASP A 1 23 ? -0.255  -8.680  -3.017  1.00 58.62  ? 23  ASP D CA  1 
ATOM   103 C C   . ASP A 1 23 ? -0.553  -9.429  -4.315  1.00 59.06  ? 23  ASP D C   1 
ATOM   104 O O   . ASP A 1 23 ? -1.140  -8.874  -5.240  1.00 58.42  ? 23  ASP D O   1 
ATOM   105 C CB  . ASP A 1 23 ? -1.319  -8.999  -1.968  1.00 68.11  ? 23  ASP D CB  1 
ATOM   106 C CG  . ASP A 1 23 ? -0.985  -8.533  -0.550  1.00 81.68  ? 23  ASP D CG  1 
ATOM   107 O OD1 . ASP A 1 23 ? -1.738  -8.912  0.375   1.00 83.97  ? 23  ASP D OD1 1 
ATOM   108 O OD2 . ASP A 1 23 ? 0.019   -7.791  -0.368  1.00 81.95  ? 23  ASP D OD2 1 
ATOM   109 N N   . VAL A 1 24 ? -0.118  -10.690 -4.367  1.00 49.10  ? 24  VAL D N   1 
ATOM   110 C CA  . VAL A 1 24 ? -0.488  -11.632 -5.405  1.00 55.19  ? 24  VAL D CA  1 
ATOM   111 C C   . VAL A 1 24 ? -1.216  -12.780 -4.700  1.00 55.28  ? 24  VAL D C   1 
ATOM   112 O O   . VAL A 1 24 ? -0.642  -13.420 -3.821  1.00 59.23  ? 24  VAL D O   1 
ATOM   113 C CB  . VAL A 1 24 ? 0.753   -12.128 -6.189  1.00 53.46  ? 24  VAL D CB  1 
ATOM   114 C CG1 . VAL A 1 24 ? 0.406   -13.201 -7.210  1.00 50.75  ? 24  VAL D CG1 1 
ATOM   115 C CG2 . VAL A 1 24 ? 1.517   -10.994 -6.871  1.00 58.81  ? 24  VAL D CG2 1 
ATOM   116 N N   . GLY A 1 25 ? -2.476  -13.027 -5.073  1.00 49.71  ? 25  GLY D N   1 
ATOM   117 C CA  . GLY A 1 25 ? -3.276  -14.091 -4.476  1.00 45.12  ? 25  GLY D CA  1 
ATOM   118 C C   . GLY A 1 25 ? -2.720  -15.477 -4.770  1.00 43.80  ? 25  GLY D C   1 
ATOM   119 O O   . GLY A 1 25 ? -2.192  -16.149 -3.884  1.00 47.18  ? 25  GLY D O   1 
ATOM   120 N N   . SER A 1 26 ? -2.798  -15.872 -6.037  1.00 46.22  ? 26  SER D N   1 
ATOM   121 C CA  . SER A 1 26 ? -2.474  -17.226 -6.457  1.00 49.43  ? 26  SER D CA  1 
ATOM   122 C C   . SER A 1 26 ? -1.644  -17.203 -7.743  1.00 50.90  ? 26  SER D C   1 
ATOM   123 O O   . SER A 1 26 ? -2.050  -16.568 -8.714  1.00 54.05  ? 26  SER D O   1 
ATOM   124 C CB  . SER A 1 26 ? -3.768  -17.988 -6.655  1.00 53.11  ? 26  SER D CB  1 
ATOM   125 O OG  . SER A 1 26 ? -3.550  -19.344 -7.040  1.00 59.64  ? 26  SER D OG  1 
ATOM   126 N N   . ASN A 1 27 ? -0.517  -17.924 -7.765  1.00 47.92  ? 27  ASN D N   1 
ATOM   127 C CA  . ASN A 1 27 ? 0.190   -18.216 -9.006  1.00 47.00  ? 27  ASN D CA  1 
ATOM   128 C C   . ASN A 1 27 ? 0.036   -19.707 -9.317  1.00 42.96  ? 27  ASN D C   1 
ATOM   129 O O   . ASN A 1 27 ? 0.546   -20.527 -8.566  1.00 49.51  ? 27  ASN D O   1 
ATOM   130 C CB  . ASN A 1 27 ? 1.671   -17.799 -8.924  1.00 40.95  ? 27  ASN D CB  1 
ATOM   131 C CG  . ASN A 1 27 ? 2.447   -18.111 -10.187 1.00 44.09  ? 27  ASN D CG  1 
ATOM   132 O OD1 . ASN A 1 27 ? 2.031   -17.740 -11.280 1.00 44.29  ? 27  ASN D OD1 1 
ATOM   133 N ND2 . ASN A 1 27 ? 3.554   -18.824 -10.070 1.00 40.14  ? 27  ASN D ND2 1 
ATOM   134 N N   . LYS A 1 28 ? -0.624  -20.034 -10.432 1.00 46.93  ? 28  LYS D N   1 
ATOM   135 C CA  . LYS A 1 28 ? -0.637  -21.382 -10.981 1.00 47.09  ? 28  LYS D CA  1 
ATOM   136 C C   . LYS A 1 28 ? 0.091   -21.450 -12.326 1.00 52.47  ? 28  LYS D C   1 
ATOM   137 O O   . LYS A 1 28 ? 0.114   -22.516 -12.936 1.00 45.32  ? 28  LYS D O   1 
ATOM   138 C CB  . LYS A 1 28 ? -2.079  -21.853 -11.193 1.00 51.25  ? 28  LYS D CB  1 
ATOM   139 C CG  . LYS A 1 28 ? -2.941  -21.865 -9.936  1.00 59.20  ? 28  LYS D CG  1 
ATOM   140 C CD  . LYS A 1 28 ? -4.241  -22.626 -10.086 1.00 62.82  ? 28  LYS D CD  1 
ATOM   141 C CE  . LYS A 1 28 ? -4.951  -22.825 -8.764  1.00 66.67  ? 28  LYS D CE  1 
ATOM   142 N NZ  . LYS A 1 28 ? -6.210  -23.581 -8.941  1.00 72.91  ? 28  LYS D NZ  1 
ATOM   143 N N   . GLY A 1 29 ? 0.643   -20.325 -12.819 1.00 48.96  ? 29  GLY D N   1 
ATOM   144 C CA  . GLY A 1 29 ? 1.411   -20.334 -14.056 1.00 47.28  ? 29  GLY D CA  1 
ATOM   145 C C   . GLY A 1 29 ? 2.886   -20.029 -13.789 1.00 49.41  ? 29  GLY D C   1 
ATOM   146 O O   . GLY A 1 29 ? 3.446   -20.479 -12.785 1.00 42.60  ? 29  GLY D O   1 
ATOM   147 N N   . ALA A 1 30 ? 3.478   -19.191 -14.655 1.00 43.36  ? 30  ALA D N   1 
ATOM   148 C CA  . ALA A 1 30 ? 4.889   -18.855 -14.577 1.00 44.94  ? 30  ALA D CA  1 
ATOM   149 C C   . ALA A 1 30 ? 5.058   -17.361 -14.334 1.00 42.84  ? 30  ALA D C   1 
ATOM   150 O O   . ALA A 1 30 ? 4.353   -16.544 -14.930 1.00 45.67  ? 30  ALA D O   1 
ATOM   151 C CB  . ALA A 1 30 ? 5.580   -19.300 -15.843 1.00 44.27  ? 30  ALA D CB  1 
ATOM   152 N N   . ILE A 1 31 ? 5.997   -17.014 -13.455 1.00 42.17  ? 31  ILE D N   1 
ATOM   153 C CA  . ILE A 1 31 ? 6.442   -15.646 -13.274 1.00 43.28  ? 31  ILE D CA  1 
ATOM   154 C C   . ILE A 1 31 ? 7.970   -15.651 -13.297 1.00 43.14  ? 31  ILE D C   1 
ATOM   155 O O   . ILE A 1 31 ? 8.576   -16.280 -12.441 1.00 44.41  ? 31  ILE D O   1 
ATOM   156 C CB  . ILE A 1 31 ? 5.899   -15.042 -11.966 1.00 42.69  ? 31  ILE D CB  1 
ATOM   157 C CG1 . ILE A 1 31 ? 4.371   -15.060 -11.906 1.00 43.64  ? 31  ILE D CG1 1 
ATOM   158 C CG2 . ILE A 1 31 ? 6.474   -13.640 -11.765 1.00 41.44  ? 31  ILE D CG2 1 
ATOM   159 C CD1 . ILE A 1 31 ? 3.780   -14.543 -10.584 1.00 40.21  ? 31  ILE D CD1 1 
ATOM   160 N N   . ILE A 1 32 ? 8.565   -14.970 -14.286 1.00 44.62  ? 32  ILE D N   1 
ATOM   161 C CA  . ILE A 1 32 ? 9.995   -15.018 -14.562 1.00 45.61  ? 32  ILE D CA  1 
ATOM   162 C C   . ILE A 1 32 ? 10.533  -13.589 -14.622 1.00 38.72  ? 32  ILE D C   1 
ATOM   163 O O   . ILE A 1 32 ? 9.959   -12.759 -15.313 1.00 43.47  ? 32  ILE D O   1 
ATOM   164 C CB  . ILE A 1 32 ? 10.267  -15.785 -15.876 1.00 42.87  ? 32  ILE D CB  1 
ATOM   165 C CG1 . ILE A 1 32 ? 9.646   -17.182 -15.834 1.00 48.64  ? 32  ILE D CG1 1 
ATOM   166 C CG2 . ILE A 1 32 ? 11.765  -15.827 -16.154 1.00 45.42  ? 32  ILE D CG2 1 
ATOM   167 C CD1 . ILE A 1 32 ? 9.816   -17.974 -17.093 1.00 48.72  ? 32  ILE D CD1 1 
ATOM   168 N N   . GLY A 1 33 ? 11.581  -13.278 -13.846 1.00 41.84  ? 33  GLY D N   1 
ATOM   169 C CA  . GLY A 1 33 ? 12.182  -11.949 -13.862 1.00 40.24  ? 33  GLY D CA  1 
ATOM   170 C C   . GLY A 1 33 ? 12.864  -11.653 -15.201 1.00 43.79  ? 33  GLY D C   1 
ATOM   171 O O   . GLY A 1 33 ? 12.411  -10.803 -15.973 1.00 45.79  ? 33  GLY D O   1 
ATOM   172 N N   . LEU A 1 34 ? 13.895  -12.432 -15.495 1.00 43.34  ? 34  LEU D N   1 
ATOM   173 C CA  . LEU A 1 34 ? 14.706  -12.288 -16.689 1.00 44.81  ? 34  LEU D CA  1 
ATOM   174 C C   . LEU A 1 34 ? 14.919  -13.675 -17.311 1.00 46.42  ? 34  LEU D C   1 
ATOM   175 O O   . LEU A 1 34 ? 15.396  -14.584 -16.646 1.00 49.78  ? 34  LEU D O   1 
ATOM   176 C CB  . LEU A 1 34 ? 15.986  -11.591 -16.209 1.00 50.71  ? 34  LEU D CB  1 
ATOM   177 C CG  . LEU A 1 34 ? 17.096  -11.319 -17.224 1.00 58.53  ? 34  LEU D CG  1 
ATOM   178 C CD1 . LEU A 1 34 ? 16.579  -10.585 -18.445 1.00 63.07  ? 34  LEU D CD1 1 
ATOM   179 C CD2 . LEU A 1 34 ? 18.209  -10.503 -16.567 1.00 57.06  ? 34  LEU D CD2 1 
ATOM   180 N N   . MET A 1 35 ? 14.514  -13.842 -18.573 1.00 48.18  ? 35  MET D N   1 
ATOM   181 C CA  . MET A 1 35 ? 14.665  -15.069 -19.342 1.00 46.56  ? 35  MET D CA  1 
ATOM   182 C C   . MET A 1 35 ? 15.575  -14.833 -20.556 1.00 51.43  ? 35  MET D C   1 
ATOM   183 O O   . MET A 1 35 ? 15.215  -14.074 -21.451 1.00 54.46  ? 35  MET D O   1 
ATOM   184 C CB  . MET A 1 35 ? 13.279  -15.473 -19.825 1.00 55.91  ? 35  MET D CB  1 
ATOM   185 C CG  . MET A 1 35 ? 13.229  -16.774 -20.591 1.00 67.44  ? 35  MET D CG  1 
ATOM   186 S SD  . MET A 1 35 ? 11.535  -17.055 -21.145 1.00 74.78  ? 35  MET D SD  1 
ATOM   187 C CE  . MET A 1 35 ? 11.419  -18.822 -20.862 1.00 94.99  ? 35  MET D CE  1 
ATOM   188 N N   . VAL A 1 36 ? 16.753  -15.470 -20.585 1.00 48.63  ? 36  VAL D N   1 
ATOM   189 C CA  . VAL A 1 36 ? 17.719  -15.343 -21.675 1.00 51.37  ? 36  VAL D CA  1 
ATOM   190 C C   . VAL A 1 36 ? 17.796  -16.647 -22.465 1.00 53.43  ? 36  VAL D C   1 
ATOM   191 O O   . VAL A 1 36 ? 18.304  -17.640 -21.954 1.00 55.69  ? 36  VAL D O   1 
ATOM   192 C CB  . VAL A 1 36 ? 19.123  -14.990 -21.153 1.00 50.72  ? 36  VAL D CB  1 
ATOM   193 C CG1 . VAL A 1 36 ? 20.084  -14.730 -22.301 1.00 54.08  ? 36  VAL D CG1 1 
ATOM   194 C CG2 . VAL A 1 36 ? 19.102  -13.810 -20.199 1.00 48.61  ? 36  VAL D CG2 1 
ATOM   195 N N   . GLY A 1 37 ? 17.324  -16.632 -23.717 1.00 61.49  ? 37  GLY D N   1 
ATOM   196 C CA  . GLY A 1 37 ? 17.518  -17.743 -24.646 1.00 61.41  ? 37  GLY D CA  1 
ATOM   197 C C   . GLY A 1 37 ? 16.548  -18.882 -24.385 1.00 79.09  ? 37  GLY D C   1 
ATOM   198 O O   . GLY A 1 37 ? 15.333  -18.585 -24.256 1.00 87.27  ? 37  GLY D O   1 
ATOM   199 N N   . VAL B 1 12 ? -35.386 -26.260 10.569  1.00 119.97 ? 12  VAL A N   1 
ATOM   200 C CA  . VAL B 1 12 ? -34.494 -25.175 10.054  1.00 114.95 ? 12  VAL A CA  1 
ATOM   201 C C   . VAL B 1 12 ? -33.110 -25.777 9.821   1.00 102.01 ? 12  VAL A C   1 
ATOM   202 O O   . VAL B 1 12 ? -32.472 -26.246 10.761  1.00 89.80  ? 12  VAL A O   1 
ATOM   203 C CB  . VAL B 1 12 ? -34.437 -23.980 11.028  1.00 125.30 ? 12  VAL A CB  1 
ATOM   204 C CG1 . VAL B 1 12 ? -33.593 -22.838 10.478  1.00 128.47 ? 12  VAL A CG1 1 
ATOM   205 C CG2 . VAL B 1 12 ? -35.831 -23.491 11.397  1.00 134.34 ? 12  VAL A CG2 1 
ATOM   206 N N   . HIS B 1 13 ? -32.662 -25.777 8.559   1.00 96.08  ? 13  HIS A N   1 
ATOM   207 C CA  . HIS B 1 13 ? -31.411 -26.414 8.178   1.00 95.06  ? 13  HIS A CA  1 
ATOM   208 C C   . HIS B 1 13 ? -30.608 -25.450 7.301   1.00 83.58  ? 13  HIS A C   1 
ATOM   209 O O   . HIS B 1 13 ? -31.034 -25.136 6.188   1.00 75.17  ? 13  HIS A O   1 
ATOM   210 C CB  . HIS B 1 13 ? -31.702 -27.755 7.495   1.00 106.63 ? 13  HIS A CB  1 
ATOM   211 C CG  . HIS B 1 13 ? -30.504 -28.622 7.324   1.00 120.51 ? 13  HIS A CG  1 
ATOM   212 N ND1 . HIS B 1 13 ? -29.826 -28.720 6.128   1.00 133.05 ? 13  HIS A ND1 1 
ATOM   213 C CD2 . HIS B 1 13 ? -29.847 -29.407 8.193   1.00 130.95 ? 13  HIS A CD2 1 
ATOM   214 C CE1 . HIS B 1 13 ? -28.803 -29.551 6.276   1.00 134.87 ? 13  HIS A CE1 1 
ATOM   215 N NE2 . HIS B 1 13 ? -28.797 -29.980 7.522   1.00 135.07 ? 13  HIS A NE2 1 
ATOM   216 N N   . HIS B 1 14 ? -29.468 -24.983 7.835   1.00 67.62  ? 14  HIS A N   1 
ATOM   217 C CA  . HIS B 1 14 ? -28.522 -24.155 7.107   1.00 61.41  ? 14  HIS A CA  1 
ATOM   218 C C   . HIS B 1 14 ? -27.252 -24.967 6.881   1.00 59.39  ? 14  HIS A C   1 
ATOM   219 O O   . HIS B 1 14 ? -26.625 -25.381 7.857   1.00 60.02  ? 14  HIS A O   1 
ATOM   220 C CB  . HIS B 1 14 ? -28.213 -22.893 7.912   1.00 61.08  ? 14  HIS A CB  1 
ATOM   221 C CG  . HIS B 1 14 ? -29.333 -21.922 8.037   1.00 65.83  ? 14  HIS A CG  1 
ATOM   222 N ND1 . HIS B 1 14 ? -29.861 -21.593 9.264   1.00 72.26  ? 14  HIS A ND1 1 
ATOM   223 C CD2 . HIS B 1 14 ? -30.002 -21.177 7.142   1.00 71.96  ? 14  HIS A CD2 1 
ATOM   224 C CE1 . HIS B 1 14 ? -30.826 -20.696 9.100   1.00 73.62  ? 14  HIS A CE1 1 
ATOM   225 N NE2 . HIS B 1 14 ? -30.929 -20.429 7.820   1.00 70.13  ? 14  HIS A NE2 1 
ATOM   226 N N   . GLN B 1 15 ? -26.877 -25.180 5.610   1.00 61.75  ? 15  GLN A N   1 
ATOM   227 C CA  . GLN B 1 15 ? -25.668 -25.917 5.272   1.00 63.94  ? 15  GLN A CA  1 
ATOM   228 C C   . GLN B 1 15 ? -24.948 -25.223 4.117   1.00 58.54  ? 15  GLN A C   1 
ATOM   229 O O   . GLN B 1 15 ? -25.592 -24.665 3.236   1.00 53.34  ? 15  GLN A O   1 
ATOM   230 C CB  . GLN B 1 15 ? -26.031 -27.356 4.903   1.00 71.80  ? 15  GLN A CB  1 
ATOM   231 C CG  . GLN B 1 15 ? -24.853 -28.309 4.993   1.00 84.48  ? 15  GLN A CG  1 
ATOM   232 C CD  . GLN B 1 15 ? -25.131 -29.682 4.425   1.00 101.32 ? 15  GLN A CD  1 
ATOM   233 O OE1 . GLN B 1 15 ? -26.202 -29.958 3.884   1.00 108.80 ? 15  GLN A OE1 1 
ATOM   234 N NE2 . GLN B 1 15 ? -24.143 -30.558 4.529   1.00 112.92 ? 15  GLN A NE2 1 
ATOM   235 N N   . LYS B 1 16 ? -23.608 -25.248 4.147   1.00 56.89  ? 16  LYS A N   1 
ATOM   236 C CA  . LYS B 1 16 ? -22.754 -24.786 3.058   1.00 54.78  ? 16  LYS A CA  1 
ATOM   237 C C   . LYS B 1 16 ? -23.312 -23.532 2.384   1.00 56.06  ? 16  LYS A C   1 
ATOM   238 O O   . LYS B 1 16 ? -23.497 -23.522 1.175   1.00 60.55  ? 16  LYS A O   1 
ATOM   239 C CB  . LYS B 1 16 ? -22.555 -25.929 2.053   1.00 66.56  ? 16  LYS A CB  1 
ATOM   240 C CG  . LYS B 1 16 ? -21.785 -27.133 2.583   1.00 65.10  ? 16  LYS A CG  1 
ATOM   241 C CD  . LYS B 1 16 ? -21.754 -28.291 1.628   1.00 73.08  ? 16  LYS A CD  1 
ATOM   242 C CE  . LYS B 1 16 ? -21.011 -29.490 2.180   1.00 81.44  ? 16  LYS A CE  1 
ATOM   243 N NZ  . LYS B 1 16 ? -21.364 -30.732 1.453   1.00 84.81  ? 16  LYS A NZ  1 
ATOM   244 N N   . LEU B 1 17 ? -23.550 -22.467 3.153   1.00 50.67  ? 17  LEU A N   1 
ATOM   245 C CA  . LEU B 1 17 ? -24.153 -21.249 2.624   1.00 49.87  ? 17  LEU A CA  1 
ATOM   246 C C   . LEU B 1 17 ? -23.193 -20.487 1.695   1.00 47.78  ? 17  LEU A C   1 
ATOM   247 O O   . LEU B 1 17 ? -23.664 -19.840 0.766   1.00 51.17  ? 17  LEU A O   1 
ATOM   248 C CB  . LEU B 1 17 ? -24.591 -20.348 3.785   1.00 52.34  ? 17  LEU A CB  1 
ATOM   249 C CG  . LEU B 1 17 ? -25.659 -20.893 4.740   1.00 54.44  ? 17  LEU A CG  1 
ATOM   250 C CD1 . LEU B 1 17 ? -25.989 -19.849 5.796   1.00 51.97  ? 17  LEU A CD1 1 
ATOM   251 C CD2 . LEU B 1 17 ? -26.930 -21.285 4.017   1.00 60.12  ? 17  LEU A CD2 1 
ATOM   252 N N   . VAL B 1 18 ? -21.886 -20.502 1.978   1.00 39.69  ? 18  VAL A N   1 
ATOM   253 C CA  . VAL B 1 18 ? -20.851 -20.040 1.064   1.00 44.20  ? 18  VAL A CA  1 
ATOM   254 C C   . VAL B 1 18 ? -19.911 -21.218 0.816   1.00 43.58  ? 18  VAL A C   1 
ATOM   255 O O   . VAL B 1 18 ? -19.246 -21.680 1.749   1.00 41.55  ? 18  VAL A O   1 
ATOM   256 C CB  . VAL B 1 18 ? -20.060 -18.828 1.615   1.00 43.53  ? 18  VAL A CB  1 
ATOM   257 C CG1 . VAL B 1 18 ? -19.016 -18.335 0.623   1.00 47.01  ? 18  VAL A CG1 1 
ATOM   258 C CG2 . VAL B 1 18 ? -20.974 -17.667 1.997   1.00 46.25  ? 18  VAL A CG2 1 
ATOM   259 N N   . PHE B 1 19 ? -19.785 -21.622 -0.458  1.00 47.60  ? 19  PHE A N   1 
ATOM   260 C CA  . PHE B 1 19 ? -19.025 -22.810 -0.850  1.00 47.70  ? 19  PHE A CA  1 
ATOM   261 C C   . PHE B 1 19 ? -17.980 -22.397 -1.899  1.00 48.93  ? 19  PHE A C   1 
ATOM   262 O O   . PHE B 1 19 ? -18.338 -21.803 -2.914  1.00 40.35  ? 19  PHE A O   1 
ATOM   263 C CB  . PHE B 1 19 ? -20.011 -23.892 -1.307  1.00 49.65  ? 19  PHE A CB  1 
ATOM   264 C CG  . PHE B 1 19 ? -19.384 -25.221 -1.641  1.00 57.69  ? 19  PHE A CG  1 
ATOM   265 C CD1 . PHE B 1 19 ? -18.651 -25.383 -2.802  1.00 61.63  ? 19  PHE A CD1 1 
ATOM   266 C CD2 . PHE B 1 19 ? -19.504 -26.308 -0.789  1.00 66.70  ? 19  PHE A CD2 1 
ATOM   267 C CE1 . PHE B 1 19 ? -18.069 -26.606 -3.115  1.00 66.31  ? 19  PHE A CE1 1 
ATOM   268 C CE2 . PHE B 1 19 ? -18.915 -27.527 -1.098  1.00 68.54  ? 19  PHE A CE2 1 
ATOM   269 C CZ  . PHE B 1 19 ? -18.193 -27.669 -2.258  1.00 63.32  ? 19  PHE A CZ  1 
ATOM   270 N N   . PHE B 1 20 ? -16.700 -22.691 -1.617  1.00 49.83  ? 20  PHE A N   1 
ATOM   271 C CA  . PHE B 1 20 ? -15.575 -22.445 -2.508  1.00 48.74  ? 20  PHE A CA  1 
ATOM   272 C C   . PHE B 1 20 ? -15.010 -23.787 -2.954  1.00 50.18  ? 20  PHE A C   1 
ATOM   273 O O   . PHE B 1 20 ? -14.329 -24.429 -2.163  1.00 50.66  ? 20  PHE A O   1 
ATOM   274 C CB  . PHE B 1 20 ? -14.460 -21.662 -1.809  1.00 48.57  ? 20  PHE A CB  1 
ATOM   275 C CG  . PHE B 1 20 ? -14.805 -20.262 -1.372  1.00 51.95  ? 20  PHE A CG  1 
ATOM   276 C CD1 . PHE B 1 20 ? -14.764 -19.209 -2.279  1.00 48.89  ? 20  PHE A CD1 1 
ATOM   277 C CD2 . PHE B 1 20 ? -15.157 -19.992 -0.048  1.00 50.75  ? 20  PHE A CD2 1 
ATOM   278 C CE1 . PHE B 1 20 ? -15.059 -17.909 -1.875  1.00 50.01  ? 20  PHE A CE1 1 
ATOM   279 C CE2 . PHE B 1 20 ? -15.461 -18.697 0.350   1.00 51.78  ? 20  PHE A CE2 1 
ATOM   280 C CZ  . PHE B 1 20 ? -15.414 -17.659 -0.563  1.00 50.93  ? 20  PHE A CZ  1 
ATOM   281 N N   . ALA B 1 21 ? -15.268 -24.177 -4.218  1.00 51.33  ? 21  ALA A N   1 
ATOM   282 C CA  . ALA B 1 21 ? -14.807 -25.453 -4.762  1.00 55.84  ? 21  ALA A CA  1 
ATOM   283 C C   . ALA B 1 21 ? -13.344 -25.383 -5.197  1.00 55.35  ? 21  ALA A C   1 
ATOM   284 O O   . ALA B 1 21 ? -12.644 -26.386 -5.119  1.00 61.03  ? 21  ALA A O   1 
ATOM   285 C CB  . ALA B 1 21 ? -15.682 -25.884 -5.922  1.00 51.88  ? 21  ALA A CB  1 
ATOM   286 N N   . GLY B 1 22 ? -12.891 -24.213 -5.673  1.00 55.13  ? 22  GLY A N   1 
ATOM   287 C CA  . GLY B 1 22 ? -11.495 -23.990 -6.016  1.00 54.75  ? 22  GLY A CA  1 
ATOM   288 C C   . GLY B 1 22 ? -10.688 -23.336 -4.889  1.00 57.16  ? 22  GLY A C   1 
ATOM   289 O O   . GLY B 1 22 ? -11.031 -23.482 -3.726  1.00 61.72  ? 22  GLY A O   1 
ATOM   290 N N   . ASP B 1 23 ? -9.607  -22.628 -5.260  1.00 49.80  ? 23  ASP A N   1 
ATOM   291 C CA  . ASP B 1 23 ? -8.701  -21.977 -4.326  1.00 54.18  ? 23  ASP A CA  1 
ATOM   292 C C   . ASP B 1 23 ? -9.133  -20.537 -4.080  1.00 52.97  ? 23  ASP A C   1 
ATOM   293 O O   . ASP B 1 23 ? -9.797  -19.932 -4.929  1.00 53.54  ? 23  ASP A O   1 
ATOM   294 C CB  . ASP B 1 23 ? -7.266  -21.989 -4.855  1.00 64.36  ? 23  ASP A CB  1 
ATOM   295 C CG  . ASP B 1 23 ? -6.629  -23.366 -4.916  1.00 70.35  ? 23  ASP A CG  1 
ATOM   296 O OD1 . ASP B 1 23 ? -7.326  -24.366 -4.593  1.00 77.45  ? 23  ASP A OD1 1 
ATOM   297 O OD2 . ASP B 1 23 ? -5.441  -23.428 -5.293  1.00 77.13  ? 23  ASP A OD2 1 
ATOM   298 N N   . VAL B 1 24 ? -8.738  -19.992 -2.923  1.00 48.23  ? 24  VAL A N   1 
ATOM   299 C CA  . VAL B 1 24 ? -8.932  -18.578 -2.632  1.00 51.98  ? 24  VAL A CA  1 
ATOM   300 C C   . VAL B 1 24 ? -7.557  -17.951 -2.412  1.00 50.48  ? 24  VAL A C   1 
ATOM   301 O O   . VAL B 1 24 ? -6.866  -18.319 -1.467  1.00 62.13  ? 24  VAL A O   1 
ATOM   302 C CB  . VAL B 1 24 ? -9.861  -18.358 -1.423  1.00 50.51  ? 24  VAL A CB  1 
ATOM   303 C CG1 . VAL B 1 24 ? -9.972  -16.882 -1.039  1.00 48.24  ? 24  VAL A CG1 1 
ATOM   304 C CG2 . VAL B 1 24 ? -11.240 -18.952 -1.672  1.00 53.28  ? 24  VAL A CG2 1 
ATOM   305 N N   . GLY B 1 25 ? -7.188  -16.996 -3.264  1.00 46.90  ? 25  GLY A N   1 
ATOM   306 C CA  . GLY B 1 25 ? -5.846  -16.430 -3.234  1.00 49.23  ? 25  GLY A CA  1 
ATOM   307 C C   . GLY B 1 25 ? -5.608  -15.551 -2.010  1.00 50.23  ? 25  GLY A C   1 
ATOM   308 O O   . GLY B 1 25 ? -4.787  -15.894 -1.163  1.00 51.83  ? 25  GLY A O   1 
ATOM   309 N N   . SER B 1 26 ? -6.345  -14.443 -1.923  1.00 48.37  ? 26  SER A N   1 
ATOM   310 C CA  . SER B 1 26 ? -6.201  -13.482 -0.836  1.00 54.47  ? 26  SER A CA  1 
ATOM   311 C C   . SER B 1 26 ? -7.563  -12.914 -0.440  1.00 52.70  ? 26  SER A C   1 
ATOM   312 O O   . SER B 1 26 ? -8.316  -12.449 -1.304  1.00 50.86  ? 26  SER A O   1 
ATOM   313 C CB  . SER B 1 26 ? -5.257  -12.357 -1.255  1.00 58.43  ? 26  SER A CB  1 
ATOM   314 O OG  . SER B 1 26 ? -5.270  -11.252 -0.351  1.00 66.22  ? 26  SER A OG  1 
ATOM   315 N N   . ASN B 1 27 ? -7.833  -12.867 0.878   1.00 47.77  ? 27  ASN A N   1 
ATOM   316 C CA  . ASN B 1 27 ? -9.000  -12.173 1.414   1.00 48.28  ? 27  ASN A CA  1 
ATOM   317 C C   . ASN B 1 27 ? -8.517  -10.989 2.249   1.00 44.61  ? 27  ASN A C   1 
ATOM   318 O O   . ASN B 1 27 ? -7.791  -11.192 3.208   1.00 50.31  ? 27  ASN A O   1 
ATOM   319 C CB  . ASN B 1 27 ? -9.893  -13.141 2.202   1.00 43.35  ? 27  ASN A CB  1 
ATOM   320 C CG  . ASN B 1 27 ? -11.059 -12.443 2.864   1.00 42.89  ? 27  ASN A CG  1 
ATOM   321 O OD1 . ASN B 1 27 ? -11.855 -11.789 2.184   1.00 42.01  ? 27  ASN A OD1 1 
ATOM   322 N ND2 . ASN B 1 27 ? -11.194 -12.618 4.179   1.00 40.59  ? 27  ASN A ND2 1 
ATOM   323 N N   . LYS B 1 28 ? -8.874  -9.769  1.841   1.00 45.11  ? 28  LYS A N   1 
ATOM   324 C CA  . LYS B 1 28 ? -8.720  -8.566  2.650   1.00 50.69  ? 28  LYS A CA  1 
ATOM   325 C C   . LYS B 1 28 ? -10.072 -7.999  3.085   1.00 47.27  ? 28  LYS A C   1 
ATOM   326 O O   . LYS B 1 28 ? -10.097 -6.959  3.735   1.00 55.14  ? 28  LYS A O   1 
ATOM   327 C CB  . LYS B 1 28 ? -7.989  -7.460  1.870   1.00 49.45  ? 28  LYS A CB  1 
ATOM   328 C CG  . LYS B 1 28 ? -6.575  -7.809  1.445   1.00 56.19  ? 28  LYS A CG  1 
ATOM   329 C CD  . LYS B 1 28 ? -5.885  -6.661  0.736   1.00 65.43  ? 28  LYS A CD  1 
ATOM   330 C CE  . LYS B 1 28 ? -4.436  -6.957  0.397   1.00 68.24  ? 28  LYS A CE  1 
ATOM   331 N NZ  . LYS B 1 28 ? -3.832  -5.843  -0.368  1.00 80.36  ? 28  LYS A NZ  1 
ATOM   332 N N   . GLY B 1 29 ? -11.188 -8.640  2.730   1.00 46.37  ? 29  GLY A N   1 
ATOM   333 C CA  . GLY B 1 29 ? -12.526 -8.163  3.086   1.00 45.64  ? 29  GLY A CA  1 
ATOM   334 C C   . GLY B 1 29 ? -13.180 -9.138  4.051   1.00 40.56  ? 29  GLY A C   1 
ATOM   335 O O   . GLY B 1 29 ? -12.476 -9.766  4.836   1.00 46.46  ? 29  GLY A O   1 
ATOM   336 N N   . ALA B 1 30 ? -14.494 -9.318  3.932   1.00 37.58  ? 30  ALA A N   1 
ATOM   337 C CA  . ALA B 1 30 ? -15.241 -10.204 4.817   1.00 41.41  ? 30  ALA A CA  1 
ATOM   338 C C   . ALA B 1 30 ? -15.812 -11.408 4.047   1.00 38.93  ? 30  ALA A C   1 
ATOM   339 O O   . ALA B 1 30 ? -16.378 -11.250 2.973   1.00 46.60  ? 30  ALA A O   1 
ATOM   340 C CB  . ALA B 1 30 ? -16.358 -9.400  5.453   1.00 39.17  ? 30  ALA A CB  1 
ATOM   341 N N   . ILE B 1 31 ? -15.710 -12.604 4.624   1.00 40.02  ? 31  ILE A N   1 
ATOM   342 C CA  . ILE B 1 31 ? -16.457 -13.757 4.138   1.00 39.06  ? 31  ILE A CA  1 
ATOM   343 C C   . ILE B 1 31 ? -17.275 -14.300 5.304   1.00 39.41  ? 31  ILE A C   1 
ATOM   344 O O   . ILE B 1 31 ? -16.691 -14.782 6.272   1.00 44.36  ? 31  ILE A O   1 
ATOM   345 C CB  . ILE B 1 31 ? -15.480 -14.811 3.582   1.00 38.85  ? 31  ILE A CB  1 
ATOM   346 C CG1 . ILE B 1 31 ? -14.619 -14.269 2.427   1.00 38.10  ? 31  ILE A CG1 1 
ATOM   347 C CG2 . ILE B 1 31 ? -16.186 -16.110 3.193   1.00 37.77  ? 31  ILE A CG2 1 
ATOM   348 C CD1 . ILE B 1 31 ? -13.467 -15.211 2.051   1.00 41.03  ? 31  ILE A CD1 1 
ATOM   349 N N   . ILE B 1 32 ? -18.608 -14.161 5.235   1.00 40.95  ? 32  ILE A N   1 
ATOM   350 C CA  . ILE B 1 32 ? -19.488 -14.524 6.347   1.00 41.72  ? 32  ILE A CA  1 
ATOM   351 C C   . ILE B 1 32 ? -20.522 -15.533 5.852   1.00 39.17  ? 32  ILE A C   1 
ATOM   352 O O   . ILE B 1 32 ? -21.170 -15.293 4.846   1.00 38.20  ? 32  ILE A O   1 
ATOM   353 C CB  . ILE B 1 32 ? -20.131 -13.258 6.945   1.00 43.19  ? 32  ILE A CB  1 
ATOM   354 C CG1 . ILE B 1 32 ? -19.066 -12.230 7.366   1.00 47.46  ? 32  ILE A CG1 1 
ATOM   355 C CG2 . ILE B 1 32 ? -21.043 -13.586 8.112   1.00 41.22  ? 32  ILE A CG2 1 
ATOM   356 C CD1 . ILE B 1 32 ? -19.622 -10.896 7.692   1.00 54.27  ? 32  ILE A CD1 1 
ATOM   357 N N   . GLY B 1 33 ? -20.702 -16.642 6.570   1.00 40.52  ? 33  GLY A N   1 
ATOM   358 C CA  . GLY B 1 33 ? -21.792 -17.568 6.291   1.00 45.44  ? 33  GLY A CA  1 
ATOM   359 C C   . GLY B 1 33 ? -23.170 -16.936 6.461   1.00 43.30  ? 33  GLY A C   1 
ATOM   360 O O   . GLY B 1 33 ? -23.905 -16.747 5.487   1.00 43.74  ? 33  GLY A O   1 
ATOM   361 N N   . LEU B 1 34 ? -23.463 -16.540 7.697   1.00 44.55  ? 34  LEU A N   1 
ATOM   362 C CA  . LEU B 1 34 ? -24.770 -16.046 8.106   1.00 43.96  ? 34  LEU A CA  1 
ATOM   363 C C   . LEU B 1 34 ? -24.553 -14.804 8.971   1.00 43.54  ? 34  LEU A C   1 
ATOM   364 O O   . LEU B 1 34 ? -23.772 -14.846 9.926   1.00 42.61  ? 34  LEU A O   1 
ATOM   365 C CB  . LEU B 1 34 ? -25.432 -17.192 8.881   1.00 45.86  ? 34  LEU A CB  1 
ATOM   366 C CG  . LEU B 1 34 ? -26.953 -17.181 9.001   1.00 56.68  ? 34  LEU A CG  1 
ATOM   367 C CD1 . LEU B 1 34 ? -27.390 -17.982 10.217  1.00 57.01  ? 34  LEU A CD1 1 
ATOM   368 C CD2 . LEU B 1 34 ? -27.569 -15.798 9.020   1.00 57.16  ? 34  LEU A CD2 1 
ATOM   369 N N   . MET B 1 35 ? -25.184 -13.674 8.592   1.00 42.67  ? 35  MET A N   1 
ATOM   370 C CA  . MET B 1 35 ? -24.941 -12.382 9.212   1.00 45.89  ? 35  MET A CA  1 
ATOM   371 C C   . MET B 1 35 ? -26.248 -11.842 9.795   1.00 44.67  ? 35  MET A C   1 
ATOM   372 O O   . MET B 1 35 ? -27.129 -11.421 9.046   1.00 41.24  ? 35  MET A O   1 
ATOM   373 C CB  . MET B 1 35 ? -24.370 -11.417 8.167   1.00 53.58  ? 35  MET A CB  1 
ATOM   374 C CG  . MET B 1 35 ? -24.127 -9.997  8.629   1.00 56.68  ? 35  MET A CG  1 
ATOM   375 S SD  . MET B 1 35 ? -22.805 -9.813  9.823   1.00 61.91  ? 35  MET A SD  1 
ATOM   376 C CE  . MET B 1 35 ? -22.814 -8.036  10.048  1.00 62.21  ? 35  MET A CE  1 
ATOM   377 N N   . VAL B 1 36 ? -26.347 -11.857 11.140  1.00 47.42  ? 36  VAL A N   1 
ATOM   378 C CA  . VAL B 1 36 ? -27.574 -11.539 11.861  1.00 50.35  ? 36  VAL A CA  1 
ATOM   379 C C   . VAL B 1 36 ? -27.471 -10.210 12.609  1.00 46.29  ? 36  VAL A C   1 
ATOM   380 O O   . VAL B 1 36 ? -28.473 -9.513  12.693  1.00 56.16  ? 36  VAL A O   1 
ATOM   381 C CB  . VAL B 1 36 ? -27.947 -12.663 12.840  1.00 55.04  ? 36  VAL A CB  1 
ATOM   382 C CG1 . VAL B 1 36 ? -29.190 -12.300 13.626  1.00 61.73  ? 36  VAL A CG1 1 
ATOM   383 C CG2 . VAL B 1 36 ? -28.128 -13.982 12.117  1.00 59.88  ? 36  VAL A CG2 1 
ATOM   384 N N   . GLY B 1 37 ? -26.315 -9.904  13.217  1.00 42.72  ? 37  GLY A N   1 
ATOM   385 C CA  . GLY B 1 37 ? -26.084 -8.596  13.819  1.00 45.30  ? 37  GLY A CA  1 
ATOM   386 C C   . GLY B 1 37 ? -24.612 -8.226  13.938  1.00 43.26  ? 37  GLY A C   1 
ATOM   387 O O   . GLY B 1 37 ? -23.744 -9.011  13.596  1.00 48.18  ? 37  GLY A O   1 
ATOM   388 N N   . GLY B 1 38 ? -24.344 -7.015  14.451  1.00 45.31  ? 38  GLY A N   1 
ATOM   389 C CA  . GLY B 1 38 ? -22.984 -6.537  14.671  1.00 39.32  ? 38  GLY A CA  1 
ATOM   390 C C   . GLY B 1 38 ? -22.469 -5.710  13.504  1.00 41.30  ? 38  GLY A C   1 
ATOM   391 O O   . GLY B 1 38 ? -23.247 -5.335  12.622  1.00 45.53  ? 38  GLY A O   1 
ATOM   392 N N   . VAL B 1 39 ? -21.191 -5.330  13.569  1.00 39.61  ? 39  VAL A N   1 
ATOM   393 C CA  . VAL B 1 39 ? -20.565 -4.483  12.563  1.00 40.10  ? 39  VAL A CA  1 
ATOM   394 C C   . VAL B 1 39 ? -19.325 -5.219  12.071  1.00 44.19  ? 39  VAL A C   1 
ATOM   395 O O   . VAL B 1 39 ? -18.509 -5.619  12.905  1.00 43.89  ? 39  VAL A O   1 
ATOM   396 C CB  . VAL B 1 39 ? -20.184 -3.090  13.114  1.00 45.21  ? 39  VAL A CB  1 
ATOM   397 C CG1 . VAL B 1 39 ? -19.520 -2.225  12.035  1.00 42.07  ? 39  VAL A CG1 1 
ATOM   398 C CG2 . VAL B 1 39 ? -21.357 -2.348  13.742  1.00 43.04  ? 39  VAL A CG2 1 
ATOM   399 N N   . VAL B 1 40 ? -19.197 -5.420  10.748  1.00 47.72  ? 40  VAL A N   1 
ATOM   400 C CA  . VAL B 1 40 ? -18.001 -6.028  10.165  1.00 60.73  ? 40  VAL A CA  1 
ATOM   401 C C   . VAL B 1 40 ? -17.351 -5.045  9.176   1.00 74.61  ? 40  VAL A C   1 
ATOM   402 O O   . VAL B 1 40 ? -18.015 -4.713  8.174   1.00 77.26  ? 40  VAL A O   1 
ATOM   403 C CB  . VAL B 1 40 ? -18.273 -7.372  9.461   1.00 64.58  ? 40  VAL A CB  1 
ATOM   404 C CG1 . VAL B 1 40 ? -16.995 -7.929  8.850   1.00 58.79  ? 40  VAL A CG1 1 
ATOM   405 C CG2 . VAL B 1 40 ? -18.897 -8.403  10.385  1.00 63.02  ? 40  VAL A CG2 1 
ATOM   406 O OXT . VAL B 1 40 ? -16.184 -4.668  9.428   1.00 81.87  ? 40  VAL A OXT 1 
ATOM   407 N N   . GLU C 1 11 ? -21.618 6.585   28.562  1.00 68.46  ? 11  GLU B N   1 
ATOM   408 C CA  . GLU C 1 11 ? -21.015 5.236   28.369  1.00 67.45  ? 11  GLU B CA  1 
ATOM   409 C C   . GLU C 1 11 ? -20.673 5.034   26.888  1.00 54.47  ? 11  GLU B C   1 
ATOM   410 O O   . GLU C 1 11 ? -21.546 5.162   26.038  1.00 54.52  ? 11  GLU B O   1 
ATOM   411 C CB  . GLU C 1 11 ? -21.937 4.146   28.904  1.00 66.48  ? 11  GLU B CB  1 
ATOM   412 C CG  . GLU C 1 11 ? -21.176 2.870   29.233  1.00 86.93  ? 11  GLU B CG  1 
ATOM   413 C CD  . GLU C 1 11 ? -21.995 1.600   29.444  1.00 98.98  ? 11  GLU B CD  1 
ATOM   414 O OE1 . GLU C 1 11 ? -23.251 1.664   29.356  1.00 97.79  ? 11  GLU B OE1 1 
ATOM   415 O OE2 . GLU C 1 11 ? -21.371 0.535   29.689  1.00 89.39  ? 11  GLU B OE2 1 
ATOM   416 N N   . VAL C 1 12 ? -19.383 4.786   26.602  1.00 47.77  ? 12  VAL B N   1 
ATOM   417 C CA  . VAL C 1 12 ? -18.869 4.640   25.249  1.00 44.56  ? 12  VAL B CA  1 
ATOM   418 C C   . VAL C 1 12 ? -18.109 3.321   25.186  1.00 41.71  ? 12  VAL B C   1 
ATOM   419 O O   . VAL C 1 12 ? -17.118 3.172   25.895  1.00 49.70  ? 12  VAL B O   1 
ATOM   420 C CB  . VAL C 1 12 ? -18.002 5.842   24.848  1.00 45.75  ? 12  VAL B CB  1 
ATOM   421 C CG1 . VAL C 1 12 ? -17.484 5.743   23.419  1.00 44.76  ? 12  VAL B CG1 1 
ATOM   422 C CG2 . VAL C 1 12 ? -18.763 7.141   25.040  1.00 47.69  ? 12  VAL B CG2 1 
ATOM   423 N N   . HIS C 1 13 ? -18.569 2.365   24.357  1.00 39.85  ? 13  HIS B N   1 
ATOM   424 C CA  . HIS C 1 13 ? -17.959 1.041   24.352  1.00 39.11  ? 13  HIS B CA  1 
ATOM   425 C C   . HIS C 1 13 ? -18.089 0.331   23.010  1.00 34.86  ? 13  HIS B C   1 
ATOM   426 O O   . HIS C 1 13 ? -18.978 0.637   22.237  1.00 42.81  ? 13  HIS B O   1 
ATOM   427 C CB  . HIS C 1 13 ? -18.495 0.235   25.539  1.00 40.83  ? 13  HIS B CB  1 
ATOM   428 C CG  . HIS C 1 13 ? -19.960 0.084   25.584  1.00 44.70  ? 13  HIS B CG  1 
ATOM   429 N ND1 . HIS C 1 13 ? -20.607 -1.055  25.133  1.00 44.43  ? 13  HIS B ND1 1 
ATOM   430 C CD2 . HIS C 1 13 ? -20.921 0.941   25.999  1.00 48.20  ? 13  HIS B CD2 1 
ATOM   431 C CE1 . HIS C 1 13 ? -21.922 -0.885  25.300  1.00 47.64  ? 13  HIS B CE1 1 
ATOM   432 N NE2 . HIS C 1 13 ? -22.133 0.319   25.829  1.00 46.69  ? 13  HIS B NE2 1 
ATOM   433 N N   . HIS C 1 14 ? -17.217 -0.661  22.772  1.00 37.49  ? 14  HIS B N   1 
ATOM   434 C CA  . HIS C 1 14 ? -17.210 -1.525  21.588  1.00 38.69  ? 14  HIS B CA  1 
ATOM   435 C C   . HIS C 1 14 ? -16.965 -0.692  20.338  1.00 35.51  ? 14  HIS B C   1 
ATOM   436 O O   . HIS C 1 14 ? -17.893 -0.452  19.580  1.00 40.50  ? 14  HIS B O   1 
ATOM   437 C CB  . HIS C 1 14 ? -18.447 -2.440  21.510  1.00 39.58  ? 14  HIS B CB  1 
ATOM   438 C CG  . HIS C 1 14 ? -18.473 -3.426  22.632  1.00 40.91  ? 14  HIS B CG  1 
ATOM   439 N ND1 . HIS C 1 14 ? -19.033 -3.139  23.858  1.00 44.55  ? 14  HIS B ND1 1 
ATOM   440 C CD2 . HIS C 1 14 ? -17.877 -4.617  22.776  1.00 43.14  ? 14  HIS B CD2 1 
ATOM   441 C CE1 . HIS C 1 14 ? -18.806 -4.150  24.695  1.00 48.09  ? 14  HIS B CE1 1 
ATOM   442 N NE2 . HIS C 1 14 ? -18.109 -5.073  24.060  1.00 42.93  ? 14  HIS B NE2 1 
ATOM   443 N N   . GLN C 1 15 ? -15.727 -0.214  20.161  1.00 35.81  ? 15  GLN B N   1 
ATOM   444 C CA  . GLN C 1 15 ? -15.321 0.484   18.947  1.00 36.31  ? 15  GLN B CA  1 
ATOM   445 C C   . GLN C 1 15 ? -14.034 -0.138  18.419  1.00 34.17  ? 15  GLN B C   1 
ATOM   446 O O   . GLN C 1 15 ? -13.206 -0.585  19.220  1.00 35.56  ? 15  GLN B O   1 
ATOM   447 C CB  . GLN C 1 15 ? -15.124 1.985   19.161  1.00 38.94  ? 15  GLN B CB  1 
ATOM   448 C CG  . GLN C 1 15 ? -16.408 2.806   19.286  1.00 41.52  ? 15  GLN B CG  1 
ATOM   449 C CD  . GLN C 1 15 ? -16.928 2.991   20.681  1.00 39.19  ? 15  GLN B CD  1 
ATOM   450 O OE1 . GLN C 1 15 ? -16.269 2.654   21.662  1.00 47.18  ? 15  GLN B OE1 1 
ATOM   451 N NE2 . GLN C 1 15 ? -18.098 3.601   20.774  1.00 42.90  ? 15  GLN B NE2 1 
ATOM   452 N N   . LYS C 1 16 ? -13.879 -0.186  17.092  1.00 33.39  ? 16  LYS B N   1 
ATOM   453 C CA  . LYS C 1 16 ? -12.605 -0.482  16.453  1.00 32.22  ? 16  LYS B CA  1 
ATOM   454 C C   . LYS C 1 16 ? -12.201 0.697   15.557  1.00 36.61  ? 16  LYS B C   1 
ATOM   455 O O   . LYS C 1 16 ? -13.025 1.192   14.779  1.00 38.42  ? 16  LYS B O   1 
ATOM   456 C CB  . LYS C 1 16 ? -12.725 -1.784  15.664  1.00 40.14  ? 16  LYS B CB  1 
ATOM   457 C CG  . LYS C 1 16 ? -11.406 -2.278  15.100  1.00 45.35  ? 16  LYS B CG  1 
ATOM   458 C CD  . LYS C 1 16 ? -11.514 -3.471  14.189  1.00 57.92  ? 16  LYS B CD  1 
ATOM   459 C CE  . LYS C 1 16 ? -10.155 -3.972  13.734  1.00 57.32  ? 16  LYS B CE  1 
ATOM   460 N NZ  . LYS C 1 16 ? -10.290 -4.923  12.598  1.00 67.83  ? 16  LYS B NZ  1 
ATOM   461 N N   . LEU C 1 17 ? -10.952 1.190   15.694  1.00 37.08  ? 17  LEU B N   1 
ATOM   462 C CA  . LEU C 1 17 ? -10.456 2.322   14.920  1.00 40.21  ? 17  LEU B CA  1 
ATOM   463 C C   . LEU C 1 17 ? -9.166  1.933   14.212  1.00 41.34  ? 17  LEU B C   1 
ATOM   464 O O   . LEU C 1 17 ? -8.242  1.457   14.867  1.00 45.83  ? 17  LEU B O   1 
ATOM   465 C CB  . LEU C 1 17 ? -10.213 3.538   15.815  1.00 43.02  ? 17  LEU B CB  1 
ATOM   466 C CG  . LEU C 1 17 ? -11.450 4.178   16.441  1.00 48.98  ? 17  LEU B CG  1 
ATOM   467 C CD1 . LEU C 1 17 ? -11.816 3.516   17.763  1.00 48.79  ? 17  LEU B CD1 1 
ATOM   468 C CD2 . LEU C 1 17 ? -11.197 5.657   16.683  1.00 55.00  ? 17  LEU B CD2 1 
ATOM   469 N N   . VAL C 1 18 ? -9.131  2.085   12.882  1.00 38.66  ? 18  VAL B N   1 
ATOM   470 C CA  . VAL C 1 18 ? -7.942  1.801   12.080  1.00 40.65  ? 18  VAL B CA  1 
ATOM   471 C C   . VAL C 1 18 ? -7.575  3.089   11.338  1.00 43.59  ? 18  VAL B C   1 
ATOM   472 O O   . VAL C 1 18 ? -8.284  3.460   10.397  1.00 48.30  ? 18  VAL B O   1 
ATOM   473 C CB  . VAL C 1 18 ? -8.196  0.621   11.110  1.00 44.69  ? 18  VAL B CB  1 
ATOM   474 C CG1 . VAL C 1 18 ? -6.948  0.209   10.345  1.00 43.34  ? 18  VAL B CG1 1 
ATOM   475 C CG2 . VAL C 1 18 ? -8.748  -0.596  11.820  1.00 47.59  ? 18  VAL B CG2 1 
ATOM   476 N N   . PHE C 1 19 ? -6.529  3.812   11.804  1.00 45.33  ? 19  PHE B N   1 
ATOM   477 C CA  . PHE C 1 19 ? -6.154  5.145   11.302  1.00 40.92  ? 19  PHE B CA  1 
ATOM   478 C C   . PHE C 1 19 ? -4.763  5.074   10.678  1.00 36.70  ? 19  PHE B C   1 
ATOM   479 O O   . PHE C 1 19 ? -3.896  4.424   11.241  1.00 38.16  ? 19  PHE B O   1 
ATOM   480 C CB  . PHE C 1 19 ? -6.182  6.200   12.411  1.00 43.31  ? 19  PHE B CB  1 
ATOM   481 C CG  . PHE C 1 19 ? -7.528  6.812   12.688  1.00 45.48  ? 19  PHE B CG  1 
ATOM   482 C CD1 . PHE C 1 19 ? -8.615  5.982   12.957  1.00 49.51  ? 19  PHE B CD1 1 
ATOM   483 C CD2 . PHE C 1 19 ? -7.729  8.199   12.677  1.00 45.94  ? 19  PHE B CD2 1 
ATOM   484 C CE1 . PHE C 1 19 ? -9.870  6.509   13.210  1.00 47.84  ? 19  PHE B CE1 1 
ATOM   485 C CE2 . PHE C 1 19 ? -8.996  8.729   12.935  1.00 46.08  ? 19  PHE B CE2 1 
ATOM   486 C CZ  . PHE C 1 19 ? -10.070 7.875   13.168  1.00 46.92  ? 19  PHE B CZ  1 
ATOM   487 N N   . PHE C 1 20 ? -4.601  5.634   9.463   1.00 40.98  ? 20  PHE B N   1 
ATOM   488 C CA  . PHE C 1 20 ? -3.305  5.852   8.806   1.00 46.02  ? 20  PHE B CA  1 
ATOM   489 C C   . PHE C 1 20 ? -2.726  4.535   8.306   1.00 48.15  ? 20  PHE B C   1 
ATOM   490 O O   . PHE C 1 20 ? -1.830  3.956   8.928   1.00 53.39  ? 20  PHE B O   1 
ATOM   491 C CB  . PHE C 1 20 ? -2.273  6.578   9.686   1.00 40.04  ? 20  PHE B CB  1 
ATOM   492 C CG  . PHE C 1 20 ? -2.727  7.861   10.331  1.00 40.95  ? 20  PHE B CG  1 
ATOM   493 C CD1 . PHE C 1 20 ? -2.917  9.028   9.594   1.00 37.93  ? 20  PHE B CD1 1 
ATOM   494 C CD2 . PHE C 1 20 ? -2.962  7.879   11.699  1.00 38.27  ? 20  PHE B CD2 1 
ATOM   495 C CE1 . PHE C 1 20 ? -3.315  10.196  10.227  1.00 41.61  ? 20  PHE B CE1 1 
ATOM   496 C CE2 . PHE C 1 20 ? -3.363  9.046   12.329  1.00 42.72  ? 20  PHE B CE2 1 
ATOM   497 C CZ  . PHE C 1 20 ? -3.541  10.202  11.597  1.00 41.96  ? 20  PHE B CZ  1 
ATOM   498 N N   . ALA C 1 21 ? -3.252  4.055   7.169   1.00 54.05  ? 21  ALA B N   1 
ATOM   499 C CA  . ALA C 1 21 ? -2.788  2.806   6.567   1.00 57.23  ? 21  ALA B CA  1 
ATOM   500 C C   . ALA C 1 21 ? -1.530  3.035   5.725   1.00 57.67  ? 21  ALA B C   1 
ATOM   501 O O   . ALA C 1 21 ? -0.717  2.127   5.600   1.00 62.12  ? 21  ALA B O   1 
ATOM   502 C CB  . ALA C 1 21 ? -3.881  2.182   5.736   1.00 60.00  ? 21  ALA B CB  1 
ATOM   503 N N   . GLY C 1 22 ? -1.374  4.235   5.141   1.00 59.74  ? 22  GLY B N   1 
ATOM   504 C CA  . GLY C 1 22 ? -0.171  4.599   4.396   1.00 61.53  ? 22  GLY B CA  1 
ATOM   505 C C   . GLY C 1 22 ? 0.847   5.354   5.252   1.00 60.37  ? 22  GLY B C   1 
ATOM   506 O O   . GLY C 1 22 ? 0.920   5.131   6.462   1.00 66.05  ? 22  GLY B O   1 
ATOM   507 N N   . ASP C 1 23 ? 1.612   6.256   4.616   1.00 60.66  ? 23  ASP B N   1 
ATOM   508 C CA  . ASP C 1 23 ? 2.642   7.038   5.289   1.00 58.54  ? 23  ASP B CA  1 
ATOM   509 C C   . ASP C 1 23 ? 2.083   8.376   5.775   1.00 59.01  ? 23  ASP B C   1 
ATOM   510 O O   . ASP C 1 23 ? 1.117   8.892   5.224   1.00 58.22  ? 23  ASP B O   1 
ATOM   511 C CB  . ASP C 1 23 ? 3.831   7.279   4.363   1.00 67.53  ? 23  ASP B CB  1 
ATOM   512 C CG  . ASP C 1 23 ? 4.646   6.029   4.032   1.00 81.33  ? 23  ASP B CG  1 
ATOM   513 O OD1 . ASP C 1 23 ? 4.223   4.906   4.415   1.00 81.00  ? 23  ASP B OD1 1 
ATOM   514 O OD2 . ASP C 1 23 ? 5.713   6.185   3.399   1.00 84.46  ? 23  ASP B OD2 1 
ATOM   515 N N   . VAL C 1 24 ? 2.702   8.908   6.828   1.00 49.24  ? 24  VAL B N   1 
ATOM   516 C CA  . VAL C 1 24 ? 2.475   10.260  7.298   1.00 55.22  ? 24  VAL B CA  1 
ATOM   517 C C   . VAL C 1 24 ? 3.818   10.985  7.187   1.00 55.34  ? 24  VAL B C   1 
ATOM   518 O O   . VAL C 1 24 ? 4.797   10.563  7.801   1.00 59.25  ? 24  VAL B O   1 
ATOM   519 C CB  . VAL C 1 24 ? 1.932   10.271  8.747   1.00 53.61  ? 24  VAL B CB  1 
ATOM   520 C CG1 . VAL C 1 24 ? 1.800   11.679  9.309   1.00 50.82  ? 24  VAL B CG1 1 
ATOM   521 C CG2 . VAL C 1 24 ? 0.602   9.527   8.882   1.00 58.85  ? 24  VAL B CG2 1 
ATOM   522 N N   . GLY C 1 25 ? 3.864   12.067  6.406   1.00 49.49  ? 25  GLY B N   1 
ATOM   523 C CA  . GLY C 1 25 ? 5.086   12.839  6.204   1.00 45.18  ? 25  GLY B CA  1 
ATOM   524 C C   . GLY C 1 25 ? 5.568   13.522  7.475   1.00 43.98  ? 25  GLY B C   1 
ATOM   525 O O   . GLY C 1 25 ? 6.591   13.146  8.047   1.00 47.54  ? 25  GLY B O   1 
ATOM   526 N N   . SER C 1 26 ? 4.791   14.500  7.935   1.00 46.20  ? 26  SER B N   1 
ATOM   527 C CA  . SER C 1 26 ? 5.184   15.360  9.042   1.00 49.38  ? 26  SER B CA  1 
ATOM   528 C C   . SER C 1 26 ? 4.008   15.581  9.997   1.00 50.83  ? 26  SER B C   1 
ATOM   529 O O   . SER C 1 26 ? 2.929   15.967  9.552   1.00 54.14  ? 26  SER B O   1 
ATOM   530 C CB  . SER C 1 26 ? 5.683   16.672  8.477   1.00 53.07  ? 26  SER B CB  1 
ATOM   531 O OG  . SER C 1 26 ? 6.080   17.588  9.495   1.00 59.89  ? 26  SER B OG  1 
ATOM   532 N N   . ASN C 1 27 ? 4.230   15.385  11.302  1.00 47.91  ? 27  ASN B N   1 
ATOM   533 C CA  . ASN C 1 27 ? 3.292   15.833  12.324  1.00 47.02  ? 27  ASN B CA  1 
ATOM   534 C C   . ASN C 1 27 ? 3.930   16.987  13.100  1.00 42.95  ? 27  ASN B C   1 
ATOM   535 O O   . ASN C 1 27 ? 4.934   16.772  13.767  1.00 49.69  ? 27  ASN B O   1 
ATOM   536 C CB  . ASN C 1 27 ? 2.871   14.678  13.251  1.00 40.96  ? 27  ASN B CB  1 
ATOM   537 C CG  . ASN C 1 27 ? 1.922   15.115  14.347  1.00 44.12  ? 27  ASN B CG  1 
ATOM   538 O OD1 . ASN C 1 27 ? 0.901   15.740  14.075  1.00 44.35  ? 27  ASN B OD1 1 
ATOM   539 N ND2 . ASN C 1 27 ? 2.254   14.832  15.595  1.00 40.07  ? 27  ASN B ND2 1 
ATOM   540 N N   . LYS C 1 28 ? 3.335   18.181  13.019  1.00 46.96  ? 28  LYS B N   1 
ATOM   541 C CA  . LYS C 1 28 ? 3.675   19.303  13.881  1.00 47.11  ? 28  LYS B CA  1 
ATOM   542 C C   . LYS C 1 28 ? 2.520   19.657  14.821  1.00 52.47  ? 28  LYS B C   1 
ATOM   543 O O   . LYS C 1 28 ? 2.644   20.620  15.575  1.00 45.38  ? 28  LYS B O   1 
ATOM   544 C CB  . LYS C 1 28 ? 4.000   20.543  13.040  1.00 51.28  ? 28  LYS B CB  1 
ATOM   545 C CG  . LYS C 1 28 ? 5.155   20.368  12.062  1.00 59.21  ? 28  LYS B CG  1 
ATOM   546 C CD  . LYS C 1 28 ? 5.675   21.655  11.467  1.00 63.05  ? 28  LYS B CD  1 
ATOM   547 C CE  . LYS C 1 28 ? 6.958   21.450  10.690  1.00 66.71  ? 28  LYS B CE  1 
ATOM   548 N NZ  . LYS C 1 28 ? 7.465   22.727  10.139  1.00 73.01  ? 28  LYS B NZ  1 
ATOM   549 N N   . GLY C 1 29 ? 1.390   18.928  14.760  1.00 48.93  ? 29  GLY B N   1 
ATOM   550 C CA  . GLY C 1 29 ? 0.270   19.176  15.660  1.00 47.33  ? 29  GLY B CA  1 
ATOM   551 C C   . GLY C 1 29 ? 0.075   18.001  16.618  1.00 49.50  ? 29  GLY B C   1 
ATOM   552 O O   . GLY C 1 29 ? 1.051   17.392  17.062  1.00 42.61  ? 29  GLY B O   1 
ATOM   553 N N   . ALA C 1 30 ? -1.195  17.634  16.849  1.00 43.46  ? 30  ALA B N   1 
ATOM   554 C CA  . ALA C 1 30 ? -1.546  16.566  17.769  1.00 44.98  ? 30  ALA B CA  1 
ATOM   555 C C   . ALA C 1 30 ? -2.242  15.432  17.026  1.00 42.92  ? 30  ALA B C   1 
ATOM   556 O O   . ALA C 1 30 ? -3.094  15.673  16.170  1.00 45.73  ? 30  ALA B O   1 
ATOM   557 C CB  . ALA C 1 30 ? -2.417  17.127  18.868  1.00 44.23  ? 30  ALA B CB  1 
ATOM   558 N N   . ILE C 1 31 ? -1.885  14.193  17.367  1.00 42.23  ? 31  ILE B N   1 
ATOM   559 C CA  . ILE C 1 31 ? -2.605  13.013  16.927  1.00 43.35  ? 31  ILE B CA  1 
ATOM   560 C C   . ILE C 1 31 ? -2.874  12.153  18.162  1.00 43.27  ? 31  ILE B C   1 
ATOM   561 O O   . ILE C 1 31 ? -1.929  11.699  18.789  1.00 44.34  ? 31  ILE B O   1 
ATOM   562 C CB  . ILE C 1 31 ? -1.816  12.237  15.855  1.00 42.84  ? 31  ILE B CB  1 
ATOM   563 C CG1 . ILE C 1 31 ? -1.522  13.095  14.623  1.00 43.70  ? 31  ILE B CG1 1 
ATOM   564 C CG2 . ILE C 1 31 ? -2.550  10.945  15.500  1.00 41.54  ? 31  ILE B CG2 1 
ATOM   565 C CD1 . ILE C 1 31 ? -0.660  12.402  13.555  1.00 40.36  ? 31  ILE B CD1 1 
ATOM   566 N N   . ILE C 1 32 ? -4.155  11.952  18.500  1.00 44.81  ? 32  ILE B N   1 
ATOM   567 C CA  . ILE C 1 32 ? -4.570  11.296  19.735  1.00 45.67  ? 32  ILE B CA  1 
ATOM   568 C C   . ILE C 1 32 ? -5.525  10.152  19.392  1.00 38.82  ? 32  ILE B C   1 
ATOM   569 O O   . ILE C 1 32 ? -6.472  10.361  18.647  1.00 43.42  ? 32  ILE B O   1 
ATOM   570 C CB  . ILE C 1 32 ? -5.219  12.317  20.696  1.00 42.90  ? 32  ILE B CB  1 
ATOM   571 C CG1 . ILE C 1 32 ? -4.280  13.495  20.959  1.00 48.63  ? 32  ILE B CG1 1 
ATOM   572 C CG2 . ILE C 1 32 ? -5.653  11.625  21.984  1.00 45.53  ? 32  ILE B CG2 1 
ATOM   573 C CD1 . ILE C 1 32 ? -4.860  14.569  21.823  1.00 48.84  ? 32  ILE B CD1 1 
ATOM   574 N N   . GLY C 1 33 ? -5.247  8.934   19.875  1.00 41.86  ? 33  GLY B N   1 
ATOM   575 C CA  . GLY C 1 33 ? -6.125  7.796   19.631  1.00 40.27  ? 33  GLY B CA  1 
ATOM   576 C C   . GLY C 1 33 ? -7.479  7.965   20.329  1.00 43.89  ? 33  GLY B C   1 
ATOM   577 O O   . GLY C 1 33 ? -8.514  8.135   19.678  1.00 45.87  ? 33  GLY B O   1 
ATOM   578 N N   . LEU C 1 34 ? -7.431  8.002   21.654  1.00 43.42  ? 34  LEU B N   1 
ATOM   579 C CA  . LEU C 1 34 ? -8.599  8.098   22.509  1.00 44.93  ? 34  LEU B CA  1 
ATOM   580 C C   . LEU C 1 34 ? -8.331  9.157   23.587  1.00 46.41  ? 34  LEU B C   1 
ATOM   581 O O   . LEU C 1 34 ? -7.350  9.062   24.307  1.00 49.64  ? 34  LEU B O   1 
ATOM   582 C CB  . LEU C 1 34 ? -8.816  6.676   23.043  1.00 50.95  ? 34  LEU B CB  1 
ATOM   583 C CG  . LEU C 1 34 ? -9.969  6.420   24.014  1.00 58.71  ? 34  LEU B CG  1 
ATOM   584 C CD1 . LEU C 1 34 ? -11.286 6.951   23.486  1.00 63.09  ? 34  LEU B CD1 1 
ATOM   585 C CD2 . LEU C 1 34 ? -10.092 4.922   24.291  1.00 57.10  ? 34  LEU B CD2 1 
ATOM   586 N N   . MET C 1 35 ? -9.182  10.181  23.659  1.00 48.29  ? 35  MET B N   1 
ATOM   587 C CA  . MET C 1 35 ? -9.108  11.259  24.636  1.00 46.55  ? 35  MET B CA  1 
ATOM   588 C C   . MET C 1 35 ? -10.361 11.258  25.522  1.00 51.47  ? 35  MET B C   1 
ATOM   589 O O   . MET C 1 35 ? -11.456 11.520  25.028  1.00 54.62  ? 35  MET B O   1 
ATOM   590 C CB  . MET C 1 35 ? -9.032  12.569  23.861  1.00 56.00  ? 35  MET B CB  1 
ATOM   591 C CG  . MET C 1 35 ? -8.904  13.810  24.717  1.00 67.48  ? 35  MET B CG  1 
ATOM   592 S SD  . MET C 1 35 ? -8.890  15.259  23.647  1.00 74.95  ? 35  MET B SD  1 
ATOM   593 C CE  . MET C 1 35 ? -7.687  16.263  24.518  1.00 95.57  ? 35  MET B CE  1 
ATOM   594 N N   . VAL C 1 36 ? -10.203 10.964  26.819  1.00 48.67  ? 36  VAL B N   1 
ATOM   595 C CA  . VAL C 1 36 ? -11.299 10.928  27.787  1.00 51.55  ? 36  VAL B CA  1 
ATOM   596 C C   . VAL C 1 36 ? -11.194 12.099  28.759  1.00 53.32  ? 36  VAL B C   1 
ATOM   597 O O   . VAL C 1 36 ? -10.288 12.127  29.587  1.00 55.72  ? 36  VAL B O   1 
ATOM   598 C CB  . VAL C 1 36 ? -11.307 9.612   28.585  1.00 50.94  ? 36  VAL B CB  1 
ATOM   599 C CG1 . VAL C 1 36 ? -12.522 9.537   29.491  1.00 54.34  ? 36  VAL B CG1 1 
ATOM   600 C CG2 . VAL C 1 36 ? -11.237 8.394   27.683  1.00 49.15  ? 36  VAL B CG2 1 
ATOM   601 N N   . GLY C 1 37 ? -12.129 13.053  28.673  1.00 61.23  ? 37  GLY B N   1 
ATOM   602 C CA  . GLY C 1 37 ? -12.262 14.120  29.662  1.00 61.36  ? 37  GLY B CA  1 
ATOM   603 C C   . GLY C 1 37 ? -11.245 15.226  29.452  1.00 79.07  ? 37  GLY B C   1 
ATOM   604 O O   . GLY C 1 37 ? -11.121 15.680  28.287  1.00 87.51  ? 37  GLY B O   1 
ATOM   605 N N   . VAL D 1 12 ? 26.933  29.372  -16.745 1.00 119.95 ? 12  VAL C N   1 
ATOM   606 C CA  . VAL D 1 12 ? 28.258  29.110  -16.098 1.00 119.15 ? 12  VAL C CA  1 
ATOM   607 C C   . VAL D 1 12 ? 28.139  29.057  -14.572 1.00 103.95 ? 12  VAL C C   1 
ATOM   608 O O   . VAL D 1 12 ? 29.049  28.529  -13.935 1.00 92.90  ? 12  VAL C O   1 
ATOM   609 C CB  . VAL D 1 12 ? 29.344  30.123  -16.532 1.00 135.34 ? 12  VAL C CB  1 
ATOM   610 C CG1 . VAL D 1 12 ? 29.490  30.194  -18.046 1.00 146.12 ? 12  VAL C CG1 1 
ATOM   611 C CG2 . VAL D 1 12 ? 29.122  31.517  -15.953 1.00 138.62 ? 12  VAL C CG2 1 
ATOM   612 N N   . HIS D 1 13 ? 27.059  29.609  -13.988 1.00 96.03  ? 13  HIS C N   1 
ATOM   613 C CA  . HIS D 1 13 ? 26.847  29.544  -12.550 1.00 95.88  ? 13  HIS C CA  1 
ATOM   614 C C   . HIS D 1 13 ? 25.451  28.992  -12.256 1.00 83.73  ? 13  HIS C C   1 
ATOM   615 O O   . HIS D 1 13 ? 24.450  29.650  -12.543 1.00 75.22  ? 13  HIS C O   1 
ATOM   616 C CB  . HIS D 1 13 ? 27.111  30.912  -11.914 1.00 107.39 ? 13  HIS C CB  1 
ATOM   617 C CG  . HIS D 1 13 ? 27.242  30.860  -10.428 1.00 122.30 ? 13  HIS C CG  1 
ATOM   618 N ND1 . HIS D 1 13 ? 28.466  30.917  -9.799  1.00 136.08 ? 13  HIS C ND1 1 
ATOM   619 C CD2 . HIS D 1 13 ? 26.327  30.728  -9.453  1.00 134.17 ? 13  HIS C CD2 1 
ATOM   620 C CE1 . HIS D 1 13 ? 28.287  30.837  -8.487  1.00 141.21 ? 13  HIS C CE1 1 
ATOM   621 N NE2 . HIS D 1 13 ? 26.995  30.724  -8.253  1.00 136.47 ? 13  HIS C NE2 1 
ATOM   622 N N   . HIS D 1 14 ? 25.416  27.765  -11.716 1.00 67.82  ? 14  HIS C N   1 
ATOM   623 C CA  . HIS D 1 14 ? 24.198  27.124  -11.251 1.00 61.52  ? 14  HIS C CA  1 
ATOM   624 C C   . HIS D 1 14 ? 24.279  27.010  -9.733  1.00 59.64  ? 14  HIS C C   1 
ATOM   625 O O   . HIS D 1 14 ? 25.214  26.383  -9.222  1.00 60.44  ? 14  HIS C O   1 
ATOM   626 C CB  . HIS D 1 14 ? 24.071  25.735  -11.881 1.00 60.71  ? 14  HIS C CB  1 
ATOM   627 C CG  . HIS D 1 14 ? 23.777  25.724  -13.336 1.00 66.24  ? 14  HIS C CG  1 
ATOM   628 N ND1 . HIS D 1 14 ? 24.644  25.152  -14.238 1.00 72.36  ? 14  HIS C ND1 1 
ATOM   629 C CD2 . HIS D 1 14 ? 22.738  26.168  -14.057 1.00 72.57  ? 14  HIS C CD2 1 
ATOM   630 C CE1 . HIS D 1 14 ? 24.136  25.262  -15.459 1.00 73.98  ? 14  HIS C CE1 1 
ATOM   631 N NE2 . HIS D 1 14 ? 22.980  25.876  -15.373 1.00 71.11  ? 14  HIS C NE2 1 
ATOM   632 N N   . GLN D 1 15 ? 23.300  27.591  -9.023  1.00 61.63  ? 15  GLN C N   1 
ATOM   633 C CA  . GLN D 1 15 ? 23.269  27.546  -7.567  1.00 64.76  ? 15  GLN C CA  1 
ATOM   634 C C   . GLN D 1 15 ? 21.831  27.360  -7.082  1.00 58.71  ? 15  GLN C C   1 
ATOM   635 O O   . GLN D 1 15 ? 20.904  27.891  -7.687  1.00 52.38  ? 15  GLN C O   1 
ATOM   636 C CB  . GLN D 1 15 ? 23.881  28.828  -6.996  1.00 71.95  ? 15  GLN C CB  1 
ATOM   637 C CG  . GLN D 1 15 ? 24.309  28.695  -5.545  1.00 84.03  ? 15  GLN C CG  1 
ATOM   638 C CD  . GLN D 1 15 ? 24.736  30.003  -4.922  1.00 101.16 ? 15  GLN C CD  1 
ATOM   639 O OE1 . GLN D 1 15 ? 24.760  31.052  -5.567  1.00 110.32 ? 15  GLN C OE1 1 
ATOM   640 N NE2 . GLN D 1 15 ? 25.075  29.949  -3.642  1.00 112.66 ? 15  GLN C NE2 1 
ATOM   641 N N   . LYS D 1 16 ? 21.661  26.589  -5.998  1.00 57.60  ? 16  LYS C N   1 
ATOM   642 C CA  . LYS D 1 16 ? 20.388  26.417  -5.306  1.00 55.41  ? 16  LYS C CA  1 
ATOM   643 C C   . LYS D 1 16 ? 19.214  26.354  -6.282  1.00 56.73  ? 16  LYS C C   1 
ATOM   644 O O   . LYS D 1 16 ? 18.270  27.120  -6.150  1.00 61.10  ? 16  LYS C O   1 
ATOM   645 C CB  . LYS D 1 16 ? 20.214  27.549  -4.282  1.00 67.01  ? 16  LYS C CB  1 
ATOM   646 C CG  . LYS D 1 16 ? 21.218  27.541  -3.135  1.00 65.27  ? 16  LYS C CG  1 
ATOM   647 C CD  . LYS D 1 16 ? 21.114  28.736  -2.234  1.00 73.25  ? 16  LYS C CD  1 
ATOM   648 C CE  . LYS D 1 16 ? 22.140  28.721  -1.120  1.00 81.49  ? 16  LYS C CE  1 
ATOM   649 N NZ  . LYS D 1 16 ? 22.329  30.069  -0.535  1.00 84.76  ? 16  LYS C NZ  1 
ATOM   650 N N   . LEU D 1 17 ? 19.259  25.427  -7.242  1.00 50.53  ? 17  LEU C N   1 
ATOM   651 C CA  . LEU D 1 17 ? 18.233  25.308  -8.267  1.00 49.80  ? 17  LEU C CA  1 
ATOM   652 C C   . LEU D 1 17 ? 16.892  24.825  -7.686  1.00 47.70  ? 17  LEU C C   1 
ATOM   653 O O   . LEU D 1 17 ? 15.852  25.209  -8.206  1.00 50.96  ? 17  LEU C O   1 
ATOM   654 C CB  . LEU D 1 17 ? 18.733  24.335  -9.343  1.00 52.35  ? 17  LEU C CB  1 
ATOM   655 C CG  . LEU D 1 17 ? 19.622  24.904  -10.455 1.00 54.74  ? 17  LEU C CG  1 
ATOM   656 C CD1 . LEU D 1 17 ? 20.687  25.808  -9.918  1.00 61.83  ? 17  LEU C CD1 1 
ATOM   657 C CD2 . LEU D 1 17 ? 20.268  23.780  -11.254 1.00 51.03  ? 17  LEU C CD2 1 
ATOM   658 N N   . VAL D 1 18 ? 16.922  23.922  -6.698  1.00 39.58  ? 18  VAL C N   1 
ATOM   659 C CA  . VAL D 1 18 ? 15.758  23.548  -5.906  1.00 44.20  ? 18  VAL C CA  1 
ATOM   660 C C   . VAL D 1 18 ? 16.092  23.849  -4.447  1.00 43.44  ? 18  VAL C C   1 
ATOM   661 O O   . VAL D 1 18 ? 17.013  23.244  -3.890  1.00 41.58  ? 18  VAL C O   1 
ATOM   662 C CB  . VAL D 1 18 ? 15.365  22.060  -6.070  1.00 43.51  ? 18  VAL C CB  1 
ATOM   663 C CG1 . VAL D 1 18 ? 14.123  21.713  -5.262  1.00 47.01  ? 18  VAL C CG1 1 
ATOM   664 C CG2 . VAL D 1 18 ? 15.136  21.674  -7.529  1.00 46.29  ? 18  VAL C CG2 1 
ATOM   665 N N   . PHE D 1 19 ? 15.274  24.705  -3.814  1.00 47.53  ? 19  PHE C N   1 
ATOM   666 C CA  . PHE D 1 19 ? 15.532  25.206  -2.466  1.00 47.76  ? 19  PHE C CA  1 
ATOM   667 C C   . PHE D 1 19 ? 14.287  24.939  -1.603  1.00 48.69  ? 19  PHE C C   1 
ATOM   668 O O   . PHE D 1 19 ? 13.185  25.351  -1.966  1.00 40.30  ? 19  PHE C O   1 
ATOM   669 C CB  . PHE D 1 19 ? 15.954  26.677  -2.560  1.00 49.63  ? 19  PHE C CB  1 
ATOM   670 C CG  . PHE D 1 19 ? 16.352  27.304  -1.246  1.00 57.76  ? 19  PHE C CG  1 
ATOM   671 C CD1 . PHE D 1 19 ? 15.402  27.625  -0.293  1.00 61.85  ? 19  PHE C CD1 1 
ATOM   672 C CD2 . PHE D 1 19 ? 17.682  27.547  -0.946  1.00 66.81  ? 19  PHE C CD2 1 
ATOM   673 C CE1 . PHE D 1 19 ? 15.769  28.196  0.921   1.00 66.42  ? 19  PHE C CE1 1 
ATOM   674 C CE2 . PHE D 1 19 ? 18.047  28.114  0.267   1.00 68.71  ? 19  PHE C CE2 1 
ATOM   675 C CZ  . PHE D 1 19 ? 17.090  28.429  1.200   1.00 63.45  ? 19  PHE C CZ  1 
ATOM   676 N N   . PHE D 1 20 ? 14.482  24.215  -0.486  1.00 49.75  ? 20  PHE C N   1 
ATOM   677 C CA  . PHE D 1 20 ? 13.448  23.913  0.492   1.00 48.65  ? 20  PHE C CA  1 
ATOM   678 C C   . PHE D 1 20 ? 13.780  24.638  1.789   1.00 50.22  ? 20  PHE C C   1 
ATOM   679 O O   . PHE D 1 20 ? 14.672  24.193  2.501   1.00 50.83  ? 20  PHE C O   1 
ATOM   680 C CB  . PHE D 1 20 ? 13.363  22.413  0.791   1.00 48.48  ? 20  PHE C CB  1 
ATOM   681 C CG  . PHE D 1 20 ? 12.965  21.525  -0.360  1.00 51.91  ? 20  PHE C CG  1 
ATOM   682 C CD1 . PHE D 1 20 ? 11.627  21.356  -0.698  1.00 48.80  ? 20  PHE C CD1 1 
ATOM   683 C CD2 . PHE D 1 20 ? 13.931  20.846  -1.105  1.00 50.80  ? 20  PHE C CD2 1 
ATOM   684 C CE1 . PHE D 1 20 ? 11.253  20.523  -1.749  1.00 50.00  ? 20  PHE C CE1 1 
ATOM   685 C CE2 . PHE D 1 20 ? 13.557  20.020  -2.156  1.00 51.74  ? 20  PHE C CE2 1 
ATOM   686 C CZ  . PHE D 1 20 ? 12.222  19.858  -2.476  1.00 50.94  ? 20  PHE C CZ  1 
ATOM   687 N N   . ALA D 1 21 ? 13.037  25.721  2.095   1.00 51.40  ? 21  ALA C N   1 
ATOM   688 C CA  . ALA D 1 21 ? 13.264  26.532  3.293   1.00 55.86  ? 21  ALA C CA  1 
ATOM   689 C C   . ALA D 1 21 ? 12.650  25.885  4.533   1.00 55.29  ? 21  ALA C C   1 
ATOM   690 O O   . ALA D 1 21 ? 13.187  26.042  5.623   1.00 61.15  ? 21  ALA C O   1 
ATOM   691 C CB  . ALA D 1 21 ? 12.716  27.931  3.101   1.00 51.83  ? 21  ALA C CB  1 
ATOM   692 N N   . GLY D 1 22 ? 11.520  25.180  4.369   1.00 55.04  ? 22  GLY C N   1 
ATOM   693 C CA  . GLY D 1 22 ? 10.899  24.423  5.445   1.00 54.70  ? 22  GLY C CA  1 
ATOM   694 C C   . GLY D 1 22 ? 11.284  22.939  5.450   1.00 57.21  ? 22  GLY C C   1 
ATOM   695 O O   . GLY D 1 22 ? 12.351  22.582  4.969   1.00 61.82  ? 22  GLY C O   1 
ATOM   696 N N   . ASP D 1 23 ? 10.407  22.094  6.020   1.00 49.78  ? 23  ASP C N   1 
ATOM   697 C CA  . ASP D 1 23 ? 10.630  20.664  6.166   1.00 54.20  ? 23  ASP C CA  1 
ATOM   698 C C   . ASP D 1 23 ? 10.065  19.912  4.968   1.00 53.02  ? 23  ASP C C   1 
ATOM   699 O O   . ASP D 1 23 ? 9.148   20.397  4.303   1.00 53.56  ? 23  ASP C O   1 
ATOM   700 C CB  . ASP D 1 23 ? 9.980   20.131  7.442   1.00 64.34  ? 23  ASP C CB  1 
ATOM   701 C CG  . ASP D 1 23 ? 10.627  20.624  8.724   1.00 70.24  ? 23  ASP C CG  1 
ATOM   702 O OD1 . ASP D 1 23 ? 11.579  21.445  8.638   1.00 77.40  ? 23  ASP C OD1 1 
ATOM   703 O OD2 . ASP D 1 23 ? 10.171  20.183  9.798   1.00 76.98  ? 23  ASP C OD2 1 
ATOM   704 N N   . VAL D 1 24 ? 10.613  18.719  4.712   1.00 48.19  ? 24  VAL C N   1 
ATOM   705 C CA  . VAL D 1 24 ? 10.059  17.823  3.708   1.00 51.93  ? 24  VAL C CA  1 
ATOM   706 C C   . VAL D 1 24 ? 9.656   16.527  4.403   1.00 50.54  ? 24  VAL C C   1 
ATOM   707 O O   . VAL D 1 24 ? 10.516  15.819  4.918   1.00 62.02  ? 24  VAL C O   1 
ATOM   708 C CB  . VAL D 1 24 ? 11.048  17.564  2.558   1.00 50.50  ? 24  VAL C CB  1 
ATOM   709 C CG1 . VAL D 1 24 ? 10.524  16.522  1.567   1.00 48.31  ? 24  VAL C CG1 1 
ATOM   710 C CG2 . VAL D 1 24 ? 11.406  18.859  1.845   1.00 53.37  ? 24  VAL C CG2 1 
ATOM   711 N N   . GLY D 1 25 ? 8.363   16.206  4.373   1.00 46.98  ? 25  GLY C N   1 
ATOM   712 C CA  . GLY D 1 25 ? 7.842   15.086  5.142   1.00 49.16  ? 25  GLY C CA  1 
ATOM   713 C C   . GLY D 1 25 ? 8.274   13.735  4.581   1.00 50.17  ? 25  GLY C C   1 
ATOM   714 O O   . GLY D 1 25 ? 9.007   13.007  5.253   1.00 51.61  ? 25  GLY C O   1 
ATOM   715 N N   . SER D 1 26 ? 7.822   13.419  3.363   1.00 48.37  ? 26  SER C N   1 
ATOM   716 C CA  . SER D 1 26 ? 8.229   12.194  2.687   1.00 55.34  ? 26  SER C CA  1 
ATOM   717 C C   . SER D 1 26 ? 8.361   12.404  1.180   1.00 53.02  ? 26  SER C C   1 
ATOM   718 O O   . SER D 1 26 ? 7.464   12.974  0.551   1.00 49.60  ? 26  SER C O   1 
ATOM   719 C CB  . SER D 1 26 ? 7.279   11.036  2.968   1.00 60.42  ? 26  SER C CB  1 
ATOM   720 O OG  . SER D 1 26 ? 6.152   11.034  2.106   1.00 69.01  ? 26  SER C OG  1 
ATOM   721 N N   . ASN D 1 27 ? 9.412   11.801  0.601   1.00 47.52  ? 27  ASN C N   1 
ATOM   722 C CA  . ASN D 1 27 ? 9.603   11.761  -0.843  1.00 47.98  ? 27  ASN C CA  1 
ATOM   723 C C   . ASN D 1 27 ? 9.519   10.307  -1.303  1.00 44.21  ? 27  ASN C C   1 
ATOM   724 O O   . ASN D 1 27 ? 10.278  9.482   -0.823  1.00 50.12  ? 27  ASN C O   1 
ATOM   725 C CB  . ASN D 1 27 ? 10.926  12.443  -1.217  1.00 43.11  ? 27  ASN C CB  1 
ATOM   726 C CG  . ASN D 1 27 ? 11.237  12.324  -2.691  1.00 42.76  ? 27  ASN C CG  1 
ATOM   727 O OD1 . ASN D 1 27 ? 10.440  12.761  -3.526  1.00 41.99  ? 27  ASN C OD1 1 
ATOM   728 N ND2 . ASN D 1 27 ? 12.416  11.789  -3.007  1.00 40.51  ? 27  ASN C ND2 1 
ATOM   729 N N   . LYS D 1 28 ? 8.543   10.000  -2.160  1.00 44.94  ? 28  LYS C N   1 
ATOM   730 C CA  . LYS D 1 28 ? 8.467   8.743   -2.895  1.00 50.70  ? 28  LYS C CA  1 
ATOM   731 C C   . LYS D 1 28 ? 8.706   8.949   -4.391  1.00 47.22  ? 28  LYS C C   1 
ATOM   732 O O   . LYS D 1 28 ? 8.633   7.982   -5.139  1.00 55.06  ? 28  LYS C O   1 
ATOM   733 C CB  . LYS D 1 28 ? 7.083   8.086   -2.740  1.00 49.55  ? 28  LYS C CB  1 
ATOM   734 C CG  . LYS D 1 28 ? 6.726   7.688   -1.321  1.00 55.72  ? 28  LYS C CG  1 
ATOM   735 C CD  . LYS D 1 28 ? 5.371   7.022   -1.223  1.00 65.52  ? 28  LYS C CD  1 
ATOM   736 C CE  . LYS D 1 28 ? 5.054   6.533   0.178   1.00 68.01  ? 28  LYS C CE  1 
ATOM   737 N NZ  . LYS D 1 28 ? 3.700   5.939   0.242   1.00 80.60  ? 28  LYS C NZ  1 
ATOM   738 N N   . GLY D 1 29 ? 8.969   10.178  -4.844  1.00 46.25  ? 29  GLY C N   1 
ATOM   739 C CA  . GLY D 1 29 ? 9.175   10.475  -6.262  1.00 45.61  ? 29  GLY C CA  1 
ATOM   740 C C   . GLY D 1 29 ? 10.615  10.903  -6.487  1.00 40.59  ? 29  GLY C C   1 
ATOM   741 O O   . GLY D 1 29 ? 11.489  10.450  -5.757  1.00 46.13  ? 29  GLY C O   1 
ATOM   742 N N   . ALA D 1 30 ? 10.838  11.830  -7.419  1.00 37.59  ? 30  ALA C N   1 
ATOM   743 C CA  . ALA D 1 30 ? 12.178  12.310  -7.731  1.00 41.09  ? 30  ALA C CA  1 
ATOM   744 C C   . ALA D 1 30 ? 12.350  13.790  -7.341  1.00 38.74  ? 30  ALA C C   1 
ATOM   745 O O   . ALA D 1 30 ? 11.500  14.617  -7.641  1.00 46.25  ? 30  ALA C O   1 
ATOM   746 C CB  . ALA D 1 30 ? 12.399  12.125  -9.221  1.00 38.79  ? 30  ALA C CB  1 
ATOM   747 N N   . ILE D 1 31 ? 13.483  14.140  -6.733  1.00 39.80  ? 31  ILE C N   1 
ATOM   748 C CA  . ILE D 1 31 ? 13.881  15.534  -6.589  1.00 38.97  ? 31  ILE C CA  1 
ATOM   749 C C   . ILE D 1 31 ? 15.251  15.688  -7.245  1.00 39.83  ? 31  ILE C C   1 
ATOM   750 O O   . ILE D 1 31 ? 16.214  15.120  -6.741  1.00 44.33  ? 31  ILE C O   1 
ATOM   751 C CB  . ILE D 1 31 ? 13.905  15.907  -5.092  1.00 38.94  ? 31  ILE C CB  1 
ATOM   752 C CG1 . ILE D 1 31 ? 12.532  15.727  -4.422  1.00 38.23  ? 31  ILE C CG1 1 
ATOM   753 C CG2 . ILE D 1 31 ? 14.461  17.310  -4.846  1.00 37.83  ? 31  ILE C CG2 1 
ATOM   754 C CD1 . ILE D 1 31 ? 12.588  15.829  -2.894  1.00 41.15  ? 31  ILE C CD1 1 
ATOM   755 N N   . ILE D 1 32 ? 15.328  16.410  -8.372  1.00 41.99  ? 32  ILE C N   1 
ATOM   756 C CA  . ILE D 1 32 ? 16.574  16.526  -9.132  1.00 42.41  ? 32  ILE C CA  1 
ATOM   757 C C   . ILE D 1 32 ? 16.940  18.008  -9.257  1.00 39.10  ? 32  ILE C C   1 
ATOM   758 O O   . ILE D 1 32 ? 16.105  18.803  -9.666  1.00 37.62  ? 32  ILE C O   1 
ATOM   759 C CB  . ILE D 1 32 ? 16.427  15.892  -10.527 1.00 44.63  ? 32  ILE C CB  1 
ATOM   760 C CG1 . ILE D 1 32 ? 15.702  14.533  -10.559 1.00 50.42  ? 32  ILE C CG1 1 
ATOM   761 C CG2 . ILE D 1 32 ? 17.757  15.873  -11.268 1.00 41.92  ? 32  ILE C CG2 1 
ATOM   762 C CD1 . ILE D 1 32 ? 16.490  13.370  -10.081 1.00 54.55  ? 32  ILE C CD1 1 
ATOM   763 N N   . GLY D 1 33 ? 18.185  18.380  -8.965  1.00 40.56  ? 33  GLY C N   1 
ATOM   764 C CA  . GLY D 1 33 ? 18.665  19.723  -9.267  1.00 45.55  ? 33  GLY C CA  1 
ATOM   765 C C   . GLY D 1 33 ? 18.638  20.049  -10.759 1.00 43.64  ? 33  GLY C C   1 
ATOM   766 O O   . GLY D 1 33 ? 17.852  20.890  -11.217 1.00 43.23  ? 33  GLY C O   1 
ATOM   767 N N   . LEU D 1 34 ? 19.451  19.310  -11.509 1.00 44.32  ? 34  LEU C N   1 
ATOM   768 C CA  . LEU D 1 34 ? 19.695  19.545  -12.925 1.00 43.66  ? 34  LEU C CA  1 
ATOM   769 C C   . LEU D 1 34 ? 19.656  18.191  -13.636 1.00 43.67  ? 34  LEU C C   1 
ATOM   770 O O   . LEU D 1 34 ? 20.331  17.255  -13.213 1.00 43.27  ? 34  LEU C O   1 
ATOM   771 C CB  . LEU D 1 34 ? 21.055  20.251  -13.020 1.00 45.01  ? 34  LEU C CB  1 
ATOM   772 C CG  . LEU D 1 34 ? 21.666  20.385  -14.409 1.00 53.72  ? 34  LEU C CG  1 
ATOM   773 C CD1 . LEU D 1 34 ? 20.676  20.972  -15.402 1.00 56.35  ? 34  LEU C CD1 1 
ATOM   774 C CD2 . LEU D 1 34 ? 22.929  21.233  -14.342 1.00 56.01  ? 34  LEU C CD2 1 
ATOM   775 N N   . MET D 1 35 ? 18.796  18.070  -14.665 1.00 42.73  ? 35  MET C N   1 
ATOM   776 C CA  . MET D 1 35 ? 18.511  16.807  -15.323 1.00 45.60  ? 35  MET C CA  1 
ATOM   777 C C   . MET D 1 35 ? 18.867  16.921  -16.805 1.00 44.11  ? 35  MET C C   1 
ATOM   778 O O   . MET D 1 35 ? 18.155  17.581  -17.565 1.00 40.70  ? 35  MET C O   1 
ATOM   779 C CB  . MET D 1 35 ? 17.028  16.471  -15.130 1.00 53.59  ? 35  MET C CB  1 
ATOM   780 C CG  . MET D 1 35 ? 16.521  15.230  -15.841 1.00 56.48  ? 35  MET C CG  1 
ATOM   781 S SD  . MET D 1 35 ? 17.168  13.691  -15.186 1.00 60.94  ? 35  MET C SD  1 
ATOM   782 C CE  . MET D 1 35 ? 16.315  12.496  -16.212 1.00 62.26  ? 35  MET C CE  1 
ATOM   783 N N   . VAL D 1 36 ? 19.970  16.253  -17.197 1.00 47.14  ? 36  VAL C N   1 
ATOM   784 C CA  . VAL D 1 36 ? 20.561  16.373  -18.526 1.00 50.36  ? 36  VAL C CA  1 
ATOM   785 C C   . VAL D 1 36 ? 20.378  15.103  -19.358 1.00 46.17  ? 36  VAL C C   1 
ATOM   786 O O   . VAL D 1 36 ? 20.200  15.216  -20.562 1.00 55.67  ? 36  VAL C O   1 
ATOM   787 C CB  . VAL D 1 36 ? 22.052  16.728  -18.435 1.00 55.12  ? 36  VAL C CB  1 
ATOM   788 C CG1 . VAL D 1 36 ? 22.671  16.783  -19.814 1.00 61.80  ? 36  VAL C CG1 1 
ATOM   789 C CG2 . VAL D 1 36 ? 22.262  18.034  -17.697 1.00 60.45  ? 36  VAL C CG2 1 
ATOM   790 N N   . GLY D 1 37 ? 20.495  13.914  -18.748 1.00 42.63  ? 37  GLY C N   1 
ATOM   791 C CA  . GLY D 1 37 ? 20.182  12.663  -19.432 1.00 45.49  ? 37  GLY C CA  1 
ATOM   792 C C   . GLY D 1 37 ? 19.830  11.522  -18.488 1.00 43.43  ? 37  GLY C C   1 
ATOM   793 O O   . GLY D 1 37 ? 19.872  11.682  -17.279 1.00 47.79  ? 37  GLY C O   1 
ATOM   794 N N   . GLY D 1 38 ? 19.499  10.354  -19.062 1.00 45.55  ? 38  GLY C N   1 
ATOM   795 C CA  . GLY D 1 38 ? 19.186  9.160   -18.287 1.00 39.62  ? 38  GLY C CA  1 
ATOM   796 C C   . GLY D 1 38 ? 17.692  9.004   -18.047 1.00 41.34  ? 38  GLY C C   1 
ATOM   797 O O   . GLY D 1 38 ? 16.891  9.711   -18.662 1.00 45.87  ? 38  GLY C O   1 
ATOM   798 N N   . VAL D 1 39 ? 17.323  7.997   -17.251 1.00 39.71  ? 39  VAL C N   1 
ATOM   799 C CA  . VAL D 1 39 ? 15.928  7.680   -16.976 1.00 40.06  ? 39  VAL C CA  1 
ATOM   800 C C   . VAL D 1 39 ? 15.763  7.672   -15.462 1.00 44.17  ? 39  VAL C C   1 
ATOM   801 O O   . VAL D 1 39 ? 16.533  6.982   -14.790 1.00 43.80  ? 39  VAL C O   1 
ATOM   802 C CB  . VAL D 1 39 ? 15.502  6.318   -17.572 1.00 45.28  ? 39  VAL C CB  1 
ATOM   803 C CG1 . VAL D 1 39 ? 14.032  6.007   -17.261 1.00 42.17  ? 39  VAL C CG1 1 
ATOM   804 C CG2 . VAL D 1 39 ? 15.761  6.206   -19.068 1.00 43.03  ? 39  VAL C CG2 1 
ATOM   805 N N   . VAL D 1 40 ? 14.801  8.446   -14.932 1.00 47.58  ? 40  VAL C N   1 
ATOM   806 C CA  . VAL D 1 40 ? 14.499  8.446   -13.503 1.00 60.79  ? 40  VAL C CA  1 
ATOM   807 C C   . VAL D 1 40 ? 13.037  8.023   -13.284 1.00 74.40  ? 40  VAL C C   1 
ATOM   808 O O   . VAL D 1 40 ? 12.837  6.976   -12.625 1.00 81.42  ? 40  VAL C O   1 
ATOM   809 C CB  . VAL D 1 40 ? 14.761  9.803   -12.817 1.00 64.00  ? 40  VAL C CB  1 
ATOM   810 C CG1 . VAL D 1 40 ? 14.388  9.747   -11.342 1.00 58.63  ? 40  VAL C CG1 1 
ATOM   811 C CG2 . VAL D 1 40 ? 16.202  10.268  -12.963 1.00 62.31  ? 40  VAL C CG2 1 
ATOM   812 O OXT . VAL D 1 40 ? 12.146  8.759   -13.754 1.00 77.44  ? 40  VAL C OXT 1 
HETATM 813 O O   . HOH E 2 .  ? 5.477   -2.160  -9.013  1.00 42.41  ? 101 HOH D O   1 
HETATM 814 O O   . HOH E 2 .  ? 0.841   -6.851  -6.658  1.00 44.31  ? 102 HOH D O   1 
HETATM 815 O O   . HOH E 2 .  ? 1.478   -21.576 -18.358 1.00 66.08  ? 103 HOH D O   1 
HETATM 816 O O   . HOH E 2 .  ? 3.662   -20.787 -19.346 1.00 70.14  ? 104 HOH D O   1 
HETATM 817 O O   . HOH E 2 .  ? 30.666  -0.531  -15.417 1.00 86.29  ? 105 HOH D O   1 
HETATM 818 O O   . HOH E 2 .  ? 22.823  -13.631 -25.529 1.00 103.68 ? 106 HOH D O   1 
HETATM 819 O O   . HOH F 2 .  ? -17.022 -7.435  25.460  1.00 49.17  ? 101 HOH B O   1 
HETATM 820 O O   . HOH F 2 .  ? -6.835  3.100   7.716   1.00 42.51  ? 102 HOH B O   1 
HETATM 821 O O   . HOH F 2 .  ? -1.495  7.302   6.035   1.00 44.36  ? 103 HOH B O   1 
HETATM 822 O O   . HOH F 2 .  ? -2.459  22.259  17.434  1.00 66.05  ? 104 HOH B O   1 
HETATM 823 O O   . HOH F 2 .  ? -4.051  21.061  18.983  1.00 70.16  ? 105 HOH B O   1 
HETATM 824 O O   . HOH G 2 .  ? 19.029  10.755  -22.151 1.00 49.46  ? 101 HOH C O   1 
# 
